data_1AFP
#
_entry.id   1AFP
#
_cell.length_a   1.000
_cell.length_b   1.000
_cell.length_c   1.000
_cell.angle_alpha   90.00
_cell.angle_beta   90.00
_cell.angle_gamma   90.00
#
_symmetry.space_group_name_H-M   'P 1'
#
_entity_poly.entity_id   1
_entity_poly.type   'polypeptide(L)'
_entity_poly.pdbx_seq_one_letter_code
;ATYNGKCYKKDNICKYKAQSGKTAICKCYVKKCPRDGAKCEFDSYKGKCYC
;
_entity_poly.pdbx_strand_id   A
#
# COMPACT_ATOMS: atom_id res chain seq x y z
N ALA A 1 6.63 -12.41 -1.83
CA ALA A 1 7.38 -11.26 -2.31
C ALA A 1 6.65 -9.98 -1.91
N THR A 2 5.70 -10.12 -1.00
CA THR A 2 4.92 -8.99 -0.53
C THR A 2 5.83 -7.99 0.19
N TYR A 3 5.52 -6.72 0.00
CA TYR A 3 6.29 -5.65 0.62
C TYR A 3 5.62 -5.16 1.90
N ASN A 4 6.05 -3.99 2.34
CA ASN A 4 5.48 -3.40 3.55
C ASN A 4 5.69 -1.88 3.50
N GLY A 5 4.68 -1.16 3.96
CA GLY A 5 4.74 0.29 3.98
C GLY A 5 3.62 0.88 4.84
N LYS A 6 2.98 1.90 4.31
CA LYS A 6 1.88 2.56 5.02
C LYS A 6 0.85 3.05 4.00
N CYS A 7 -0.35 3.29 4.51
CA CYS A 7 -1.43 3.77 3.66
C CYS A 7 -2.14 4.90 4.39
N TYR A 8 -2.75 5.79 3.60
CA TYR A 8 -3.47 6.91 4.16
C TYR A 8 -4.96 6.83 3.86
N LYS A 9 -5.76 7.07 4.88
CA LYS A 9 -7.21 7.02 4.74
C LYS A 9 -7.68 8.26 4.00
N LYS A 10 -7.21 9.41 4.46
CA LYS A 10 -7.58 10.68 3.84
C LYS A 10 -7.28 10.62 2.34
N ASP A 11 -6.08 10.16 2.02
CA ASP A 11 -5.66 10.05 0.64
C ASP A 11 -6.04 8.68 0.10
N ASN A 12 -6.53 7.85 1.00
CA ASN A 12 -6.94 6.50 0.64
C ASN A 12 -5.95 5.94 -0.38
N ILE A 13 -4.70 5.82 0.05
CA ILE A 13 -3.65 5.30 -0.80
C ILE A 13 -2.69 4.46 0.03
N CYS A 14 -1.87 3.68 -0.66
CA CYS A 14 -0.90 2.82 0.00
C CYS A 14 0.48 3.16 -0.52
N LYS A 15 1.28 3.76 0.36
CA LYS A 15 2.64 4.14 -0.01
C LYS A 15 3.63 3.17 0.63
N TYR A 16 4.60 2.75 -0.19
CA TYR A 16 5.61 1.83 0.28
C TYR A 16 6.80 1.80 -0.67
N LYS A 17 7.95 1.37 -0.13
CA LYS A 17 9.16 1.31 -0.92
C LYS A 17 9.22 -0.04 -1.65
N ALA A 18 9.05 0.03 -2.96
CA ALA A 18 9.06 -1.17 -3.79
C ALA A 18 10.34 -1.95 -3.49
N GLN A 19 10.30 -3.23 -3.85
CA GLN A 19 11.45 -4.10 -3.64
C GLN A 19 12.69 -3.53 -4.33
N SER A 20 12.44 -2.66 -5.29
CA SER A 20 13.52 -2.05 -6.04
C SER A 20 13.31 -0.53 -6.11
N GLY A 21 12.41 -0.05 -5.26
CA GLY A 21 12.11 1.37 -5.21
C GLY A 21 11.33 1.81 -6.46
N LYS A 22 11.01 0.83 -7.30
CA LYS A 22 10.28 1.10 -8.52
C LYS A 22 8.86 1.54 -8.17
N THR A 23 8.10 0.60 -7.61
CA THR A 23 6.73 0.89 -7.23
C THR A 23 6.66 2.15 -6.37
N ALA A 24 5.47 2.41 -5.84
CA ALA A 24 5.26 3.59 -5.01
C ALA A 24 3.80 3.61 -4.54
N ILE A 25 3.33 4.81 -4.26
CA ILE A 25 1.96 4.99 -3.80
C ILE A 25 1.03 4.11 -4.64
N CYS A 26 0.04 3.55 -3.97
CA CYS A 26 -0.93 2.70 -4.65
C CYS A 26 -2.28 2.86 -3.94
N LYS A 27 -3.19 3.51 -4.65
CA LYS A 27 -4.52 3.74 -4.11
C LYS A 27 -4.93 2.55 -3.25
N CYS A 28 -5.59 2.85 -2.14
CA CYS A 28 -6.04 1.82 -1.23
C CYS A 28 -7.28 1.14 -1.83
N TYR A 29 -7.03 0.28 -2.80
CA TYR A 29 -8.11 -0.43 -3.47
C TYR A 29 -8.86 -1.33 -2.48
N VAL A 30 -10.12 -0.98 -2.26
CA VAL A 30 -10.96 -1.74 -1.34
C VAL A 30 -10.55 -1.43 0.10
N LYS A 31 -11.53 -1.45 0.98
CA LYS A 31 -11.29 -1.18 2.38
C LYS A 31 -10.27 -0.04 2.51
N LYS A 32 -10.74 1.17 2.24
CA LYS A 32 -9.89 2.34 2.31
C LYS A 32 -8.98 2.22 3.54
N CYS A 33 -7.90 2.99 3.51
CA CYS A 33 -6.95 2.98 4.61
C CYS A 33 -7.70 3.33 5.90
N PRO A 34 -7.26 2.68 7.00
CA PRO A 34 -7.88 2.92 8.30
C PRO A 34 -7.45 4.26 8.88
N ARG A 35 -6.15 4.54 8.79
CA ARG A 35 -5.60 5.78 9.29
C ARG A 35 -4.17 5.97 8.78
N ASP A 36 -3.88 7.20 8.39
CA ASP A 36 -2.55 7.52 7.89
C ASP A 36 -1.50 6.76 8.70
N GLY A 37 -0.58 6.12 7.97
CA GLY A 37 0.47 5.35 8.60
C GLY A 37 0.12 3.87 8.63
N ALA A 38 -1.17 3.59 8.50
CA ALA A 38 -1.65 2.23 8.51
C ALA A 38 -0.73 1.36 7.64
N LYS A 39 -0.11 0.39 8.29
CA LYS A 39 0.80 -0.51 7.60
C LYS A 39 0.02 -1.30 6.54
N CYS A 40 0.71 -1.60 5.45
CA CYS A 40 0.09 -2.35 4.36
C CYS A 40 1.20 -3.01 3.54
N GLU A 41 0.84 -4.11 2.90
CA GLU A 41 1.80 -4.85 2.10
C GLU A 41 1.36 -4.85 0.64
N PHE A 42 2.34 -4.93 -0.25
CA PHE A 42 2.07 -4.95 -1.68
C PHE A 42 2.28 -6.34 -2.26
N ASP A 43 1.17 -7.05 -2.44
CA ASP A 43 1.22 -8.40 -2.98
C ASP A 43 1.79 -8.34 -4.40
N SER A 44 2.87 -9.07 -4.60
CA SER A 44 3.52 -9.12 -5.91
C SER A 44 2.94 -10.27 -6.74
N TYR A 45 1.72 -10.65 -6.40
CA TYR A 45 1.04 -11.72 -7.10
C TYR A 45 -0.14 -11.19 -7.91
N LYS A 46 -0.65 -10.04 -7.49
CA LYS A 46 -1.77 -9.42 -8.17
C LYS A 46 -1.47 -7.94 -8.40
N GLY A 47 -1.08 -7.28 -7.33
CA GLY A 47 -0.75 -5.86 -7.40
C GLY A 47 -1.76 -5.02 -6.60
N LYS A 48 -2.36 -5.67 -5.62
CA LYS A 48 -3.34 -5.01 -4.77
C LYS A 48 -2.62 -4.06 -3.80
N CYS A 49 -3.21 -3.90 -2.63
CA CYS A 49 -2.64 -3.03 -1.62
C CYS A 49 -3.21 -3.43 -0.26
N TYR A 50 -2.78 -4.59 0.22
CA TYR A 50 -3.24 -5.10 1.49
C TYR A 50 -3.21 -4.01 2.56
N CYS A 51 -4.35 -3.37 2.75
CA CYS A 51 -4.46 -2.30 3.72
C CYS A 51 -5.71 -2.58 4.59
N ALA A 1 6.68 -12.21 -1.91
CA ALA A 1 7.40 -11.01 -2.28
C ALA A 1 6.61 -9.77 -1.86
N THR A 2 5.72 -9.99 -0.90
CA THR A 2 4.88 -8.91 -0.39
C THR A 2 5.74 -7.92 0.41
N TYR A 3 5.63 -6.66 0.03
CA TYR A 3 6.38 -5.61 0.71
C TYR A 3 5.63 -5.11 1.93
N ASN A 4 6.09 -3.97 2.45
CA ASN A 4 5.47 -3.38 3.62
C ASN A 4 5.73 -1.87 3.62
N GLY A 5 4.74 -1.13 4.10
CA GLY A 5 4.84 0.32 4.16
C GLY A 5 3.71 0.91 5.01
N LYS A 6 3.09 1.94 4.45
CA LYS A 6 2.00 2.61 5.14
C LYS A 6 0.95 3.05 4.11
N CYS A 7 -0.22 3.42 4.63
CA CYS A 7 -1.30 3.87 3.78
C CYS A 7 -2.03 5.01 4.49
N TYR A 8 -2.66 5.86 3.69
CA TYR A 8 -3.39 6.99 4.23
C TYR A 8 -4.88 6.86 3.95
N LYS A 9 -5.67 7.26 4.94
CA LYS A 9 -7.12 7.18 4.82
C LYS A 9 -7.63 8.40 4.03
N LYS A 10 -7.14 9.57 4.43
CA LYS A 10 -7.53 10.80 3.77
C LYS A 10 -7.28 10.67 2.27
N ASP A 11 -6.17 10.02 1.94
CA ASP A 11 -5.79 9.83 0.56
C ASP A 11 -6.15 8.41 0.13
N ASN A 12 -6.54 7.61 1.11
CA ASN A 12 -6.90 6.22 0.86
C ASN A 12 -5.96 5.64 -0.19
N ILE A 13 -4.67 5.66 0.14
CA ILE A 13 -3.65 5.14 -0.76
C ILE A 13 -2.65 4.31 0.04
N CYS A 14 -1.90 3.49 -0.67
CA CYS A 14 -0.90 2.64 -0.04
C CYS A 14 0.47 3.06 -0.54
N LYS A 15 1.26 3.63 0.36
CA LYS A 15 2.59 4.08 0.03
C LYS A 15 3.62 3.17 0.69
N TYR A 16 4.58 2.74 -0.11
CA TYR A 16 5.63 1.85 0.38
C TYR A 16 6.82 1.81 -0.59
N LYS A 17 7.96 1.44 -0.05
CA LYS A 17 9.17 1.35 -0.85
C LYS A 17 9.23 -0.02 -1.53
N ALA A 18 9.05 0.00 -2.84
CA ALA A 18 9.09 -1.24 -3.61
C ALA A 18 10.39 -1.99 -3.31
N GLN A 19 10.37 -3.27 -3.61
CA GLN A 19 11.54 -4.12 -3.38
C GLN A 19 12.73 -3.59 -4.18
N SER A 20 12.41 -2.78 -5.19
CA SER A 20 13.45 -2.20 -6.03
C SER A 20 13.23 -0.69 -6.16
N GLY A 21 12.33 -0.18 -5.35
CA GLY A 21 12.02 1.24 -5.37
C GLY A 21 11.17 1.60 -6.58
N LYS A 22 10.87 0.59 -7.38
CA LYS A 22 10.06 0.79 -8.57
C LYS A 22 8.66 1.24 -8.16
N THR A 23 7.94 0.32 -7.51
CA THR A 23 6.59 0.60 -7.07
C THR A 23 6.56 1.91 -6.26
N ALA A 24 5.39 2.19 -5.71
CA ALA A 24 5.22 3.40 -4.92
C ALA A 24 3.77 3.48 -4.42
N ILE A 25 3.31 4.70 -4.21
CA ILE A 25 1.95 4.91 -3.74
C ILE A 25 0.98 4.17 -4.64
N CYS A 26 0.05 3.46 -4.00
CA CYS A 26 -0.95 2.70 -4.73
C CYS A 26 -2.31 2.89 -4.05
N LYS A 27 -3.18 3.63 -4.72
CA LYS A 27 -4.50 3.90 -4.19
C LYS A 27 -5.02 2.65 -3.47
N CYS A 28 -5.94 2.88 -2.55
CA CYS A 28 -6.53 1.78 -1.80
C CYS A 28 -7.76 1.28 -2.55
N TYR A 29 -7.52 0.37 -3.47
CA TYR A 29 -8.60 -0.19 -4.26
C TYR A 29 -9.36 -1.27 -3.48
N VAL A 30 -8.99 -1.40 -2.21
CA VAL A 30 -9.62 -2.38 -1.35
C VAL A 30 -10.23 -1.67 -0.13
N LYS A 31 -10.07 -2.31 1.01
CA LYS A 31 -10.59 -1.75 2.26
C LYS A 31 -9.89 -0.42 2.55
N LYS A 32 -10.67 0.64 2.54
CA LYS A 32 -10.14 1.97 2.80
C LYS A 32 -9.11 1.89 3.92
N CYS A 33 -8.19 2.84 3.92
CA CYS A 33 -7.14 2.89 4.93
C CYS A 33 -7.80 3.27 6.26
N PRO A 34 -7.21 2.72 7.36
CA PRO A 34 -7.72 2.99 8.69
C PRO A 34 -7.33 4.40 9.16
N ARG A 35 -6.06 4.72 8.95
CA ARG A 35 -5.54 6.02 9.34
C ARG A 35 -4.11 6.19 8.84
N ASP A 36 -3.80 7.42 8.42
CA ASP A 36 -2.48 7.72 7.92
C ASP A 36 -1.43 6.95 8.73
N GLY A 37 -0.50 6.35 8.01
CA GLY A 37 0.55 5.57 8.65
C GLY A 37 0.20 4.09 8.68
N ALA A 38 -1.09 3.82 8.60
CA ALA A 38 -1.57 2.45 8.63
C ALA A 38 -0.66 1.58 7.74
N LYS A 39 -0.08 0.58 8.38
CA LYS A 39 0.82 -0.33 7.67
C LYS A 39 0.01 -1.13 6.64
N CYS A 40 0.67 -1.43 5.53
CA CYS A 40 0.04 -2.18 4.47
C CYS A 40 1.13 -2.97 3.72
N GLU A 41 0.69 -3.97 2.98
CA GLU A 41 1.60 -4.79 2.21
C GLU A 41 1.17 -4.83 0.74
N PHE A 42 2.17 -4.91 -0.12
CA PHE A 42 1.92 -4.96 -1.56
C PHE A 42 2.20 -6.36 -2.13
N ASP A 43 1.12 -7.05 -2.46
CA ASP A 43 1.23 -8.38 -3.01
C ASP A 43 1.75 -8.30 -4.45
N SER A 44 2.84 -9.02 -4.69
CA SER A 44 3.45 -9.03 -6.01
C SER A 44 2.87 -10.18 -6.84
N TYR A 45 1.63 -10.53 -6.52
CA TYR A 45 0.96 -11.62 -7.22
C TYR A 45 -0.21 -11.09 -8.05
N LYS A 46 -0.72 -9.95 -7.62
CA LYS A 46 -1.85 -9.34 -8.30
C LYS A 46 -1.50 -7.88 -8.64
N GLY A 47 -1.12 -7.14 -7.60
CA GLY A 47 -0.75 -5.75 -7.77
C GLY A 47 -1.74 -4.83 -7.03
N LYS A 48 -2.33 -5.39 -5.99
CA LYS A 48 -3.29 -4.64 -5.19
C LYS A 48 -2.57 -4.01 -4.00
N CYS A 49 -3.36 -3.55 -3.04
CA CYS A 49 -2.82 -2.93 -1.85
C CYS A 49 -3.64 -3.41 -0.64
N TYR A 50 -3.11 -4.43 0.02
CA TYR A 50 -3.78 -4.99 1.18
C TYR A 50 -3.59 -4.09 2.40
N CYS A 51 -4.39 -3.03 2.43
CA CYS A 51 -4.33 -2.08 3.54
C CYS A 51 -5.05 -2.69 4.74
N ALA A 1 6.25 -12.13 -2.57
CA ALA A 1 7.07 -10.94 -2.73
C ALA A 1 6.27 -9.72 -2.29
N THR A 2 5.60 -9.87 -1.16
CA THR A 2 4.78 -8.78 -0.61
C THR A 2 5.66 -7.79 0.15
N TYR A 3 5.38 -6.52 -0.05
CA TYR A 3 6.14 -5.46 0.61
C TYR A 3 5.39 -4.96 1.85
N ASN A 4 5.86 -3.83 2.36
CA ASN A 4 5.25 -3.23 3.54
C ASN A 4 5.53 -1.73 3.55
N GLY A 5 4.57 -0.99 4.07
CA GLY A 5 4.70 0.46 4.15
C GLY A 5 3.61 1.06 5.04
N LYS A 6 2.91 2.04 4.48
CA LYS A 6 1.85 2.71 5.21
C LYS A 6 0.78 3.20 4.23
N CYS A 7 -0.37 3.56 4.77
CA CYS A 7 -1.46 4.05 3.95
C CYS A 7 -2.16 5.18 4.71
N TYR A 8 -2.74 6.09 3.95
CA TYR A 8 -3.44 7.22 4.53
C TYR A 8 -4.93 7.16 4.23
N LYS A 9 -5.74 7.52 5.21
CA LYS A 9 -7.17 7.51 5.06
C LYS A 9 -7.57 8.43 3.90
N LYS A 10 -7.45 9.73 4.15
CA LYS A 10 -7.79 10.71 3.13
C LYS A 10 -7.33 10.21 1.76
N ASP A 11 -6.03 10.33 1.53
CA ASP A 11 -5.44 9.90 0.28
C ASP A 11 -5.86 8.45 0.00
N ASN A 12 -6.24 7.76 1.06
CA ASN A 12 -6.68 6.38 0.94
C ASN A 12 -5.79 5.66 -0.08
N ILE A 13 -4.49 5.70 0.19
CA ILE A 13 -3.53 5.06 -0.70
C ILE A 13 -2.58 4.19 0.14
N CYS A 14 -1.75 3.44 -0.58
CA CYS A 14 -0.80 2.56 0.08
C CYS A 14 0.61 2.96 -0.36
N LYS A 15 1.30 3.67 0.52
CA LYS A 15 2.65 4.12 0.22
C LYS A 15 3.65 3.14 0.83
N TYR A 16 4.58 2.72 0.00
CA TYR A 16 5.60 1.77 0.44
C TYR A 16 6.79 1.77 -0.53
N LYS A 17 7.90 1.22 -0.05
CA LYS A 17 9.11 1.14 -0.86
C LYS A 17 9.17 -0.24 -1.53
N ALA A 18 8.79 -0.24 -2.81
CA ALA A 18 8.81 -1.47 -3.58
C ALA A 18 10.13 -2.21 -3.34
N GLN A 19 10.17 -3.44 -3.82
CA GLN A 19 11.37 -4.26 -3.66
C GLN A 19 12.53 -3.67 -4.47
N SER A 20 12.17 -2.99 -5.53
CA SER A 20 13.17 -2.37 -6.40
C SER A 20 13.00 -0.85 -6.38
N GLY A 21 12.02 -0.40 -5.61
CA GLY A 21 11.75 1.03 -5.50
C GLY A 21 11.04 1.54 -6.74
N LYS A 22 10.73 0.62 -7.64
CA LYS A 22 10.04 0.97 -8.88
C LYS A 22 8.63 1.44 -8.57
N THR A 23 8.04 0.81 -7.56
CA THR A 23 6.70 1.16 -7.14
C THR A 23 6.72 2.37 -6.20
N ALA A 24 5.55 2.72 -5.71
CA ALA A 24 5.42 3.85 -4.81
C ALA A 24 3.96 4.32 -4.77
N ILE A 25 3.37 4.20 -3.59
CA ILE A 25 1.99 4.60 -3.41
C ILE A 25 1.09 3.76 -4.32
N CYS A 26 -0.08 3.41 -3.80
CA CYS A 26 -1.02 2.62 -4.56
C CYS A 26 -2.41 2.79 -3.93
N LYS A 27 -3.26 3.51 -4.64
CA LYS A 27 -4.61 3.76 -4.17
C LYS A 27 -5.14 2.51 -3.46
N CYS A 28 -5.83 2.74 -2.35
CA CYS A 28 -6.40 1.65 -1.58
C CYS A 28 -7.58 1.06 -2.36
N TYR A 29 -7.24 0.31 -3.39
CA TYR A 29 -8.28 -0.31 -4.23
C TYR A 29 -8.75 -1.62 -3.61
N VAL A 30 -8.23 -1.91 -2.43
CA VAL A 30 -8.59 -3.13 -1.73
C VAL A 30 -9.56 -2.80 -0.60
N LYS A 31 -9.06 -2.03 0.37
CA LYS A 31 -9.87 -1.64 1.51
C LYS A 31 -9.39 -0.28 2.02
N LYS A 32 -10.35 0.62 2.18
CA LYS A 32 -10.05 1.96 2.64
C LYS A 32 -8.98 1.87 3.75
N CYS A 33 -8.29 2.99 3.93
CA CYS A 33 -7.24 3.06 4.94
C CYS A 33 -7.89 3.37 6.28
N PRO A 34 -7.33 2.76 7.35
CA PRO A 34 -7.84 2.97 8.70
C PRO A 34 -7.44 4.34 9.23
N ARG A 35 -6.20 4.70 8.98
CA ARG A 35 -5.68 5.97 9.43
C ARG A 35 -4.23 6.15 8.97
N ASP A 36 -3.87 7.40 8.71
CA ASP A 36 -2.52 7.72 8.27
C ASP A 36 -1.51 6.89 9.07
N GLY A 37 -0.57 6.30 8.36
CA GLY A 37 0.45 5.48 8.99
C GLY A 37 0.10 4.00 8.89
N ALA A 38 -1.20 3.73 8.83
CA ALA A 38 -1.67 2.36 8.73
C ALA A 38 -0.75 1.57 7.82
N LYS A 39 -0.11 0.56 8.41
CA LYS A 39 0.80 -0.29 7.65
C LYS A 39 0.01 -1.12 6.64
N CYS A 40 0.65 -1.36 5.51
CA CYS A 40 0.01 -2.15 4.45
C CYS A 40 1.11 -2.83 3.63
N GLU A 41 0.70 -3.85 2.90
CA GLU A 41 1.64 -4.60 2.08
C GLU A 41 1.15 -4.65 0.63
N PHE A 42 2.12 -4.71 -0.29
CA PHE A 42 1.81 -4.75 -1.70
C PHE A 42 2.05 -6.14 -2.27
N ASP A 43 0.96 -6.85 -2.51
CA ASP A 43 1.05 -8.20 -3.06
C ASP A 43 1.57 -8.13 -4.50
N SER A 44 2.50 -9.01 -4.80
CA SER A 44 3.08 -9.07 -6.13
C SER A 44 2.36 -10.11 -6.99
N TYR A 45 1.63 -10.98 -6.30
CA TYR A 45 0.88 -12.03 -6.99
C TYR A 45 -0.27 -11.43 -7.80
N LYS A 46 -0.51 -10.15 -7.59
CA LYS A 46 -1.57 -9.46 -8.29
C LYS A 46 -1.18 -8.00 -8.50
N GLY A 47 -0.91 -7.32 -7.39
CA GLY A 47 -0.53 -5.92 -7.44
C GLY A 47 -1.56 -5.04 -6.73
N LYS A 48 -1.91 -5.46 -5.52
CA LYS A 48 -2.88 -4.72 -4.72
C LYS A 48 -2.21 -4.24 -3.44
N CYS A 49 -2.97 -3.47 -2.66
CA CYS A 49 -2.46 -2.94 -1.41
C CYS A 49 -3.42 -3.37 -0.29
N TYR A 50 -3.06 -4.47 0.36
CA TYR A 50 -3.87 -5.00 1.45
C TYR A 50 -3.87 -4.04 2.65
N CYS A 51 -4.50 -2.89 2.44
CA CYS A 51 -4.58 -1.88 3.48
C CYS A 51 -5.36 -2.48 4.66
N ALA A 1 6.97 -12.08 -2.41
CA ALA A 1 7.68 -10.86 -2.74
C ALA A 1 6.85 -9.65 -2.29
N THR A 2 6.13 -9.84 -1.20
CA THR A 2 5.30 -8.78 -0.65
C THR A 2 6.15 -7.77 0.12
N TYR A 3 5.78 -6.51 0.00
CA TYR A 3 6.49 -5.44 0.68
C TYR A 3 5.73 -4.96 1.90
N ASN A 4 6.20 -3.85 2.46
CA ASN A 4 5.56 -3.28 3.64
C ASN A 4 5.78 -1.76 3.64
N GLY A 5 4.79 -1.07 4.17
CA GLY A 5 4.85 0.38 4.23
C GLY A 5 3.71 0.94 5.09
N LYS A 6 3.09 2.00 4.58
CA LYS A 6 1.99 2.63 5.29
C LYS A 6 0.99 3.19 4.26
N CYS A 7 -0.24 3.36 4.71
CA CYS A 7 -1.29 3.88 3.86
C CYS A 7 -1.93 5.08 4.56
N TYR A 8 -2.59 5.91 3.76
CA TYR A 8 -3.24 7.09 4.29
C TYR A 8 -4.75 7.00 4.13
N LYS A 9 -5.46 7.64 5.05
CA LYS A 9 -6.91 7.64 5.02
C LYS A 9 -7.41 8.68 4.02
N LYS A 10 -7.07 9.93 4.29
CA LYS A 10 -7.47 11.03 3.43
C LYS A 10 -7.17 10.65 1.98
N ASP A 11 -5.90 10.34 1.73
CA ASP A 11 -5.47 9.97 0.39
C ASP A 11 -5.93 8.55 0.09
N ASN A 12 -6.36 7.86 1.14
CA ASN A 12 -6.83 6.49 1.01
C ASN A 12 -5.95 5.76 -0.01
N ILE A 13 -4.65 5.80 0.24
CA ILE A 13 -3.70 5.14 -0.64
C ILE A 13 -2.70 4.34 0.20
N CYS A 14 -1.81 3.65 -0.50
CA CYS A 14 -0.80 2.84 0.17
C CYS A 14 0.57 3.22 -0.39
N LYS A 15 1.43 3.72 0.50
CA LYS A 15 2.76 4.13 0.10
C LYS A 15 3.78 3.17 0.72
N TYR A 16 4.73 2.75 -0.10
CA TYR A 16 5.76 1.84 0.36
C TYR A 16 6.95 1.82 -0.62
N LYS A 17 8.09 1.43 -0.10
CA LYS A 17 9.30 1.37 -0.90
C LYS A 17 9.37 0.01 -1.60
N ALA A 18 9.13 0.05 -2.91
CA ALA A 18 9.16 -1.17 -3.71
C ALA A 18 10.45 -1.93 -3.42
N GLN A 19 10.44 -3.21 -3.75
CA GLN A 19 11.59 -4.06 -3.52
C GLN A 19 12.79 -3.54 -4.31
N SER A 20 12.50 -2.67 -5.27
CA SER A 20 13.54 -2.09 -6.10
C SER A 20 13.32 -0.58 -6.23
N GLY A 21 12.40 -0.07 -5.42
CA GLY A 21 12.09 1.35 -5.44
C GLY A 21 11.24 1.70 -6.66
N LYS A 22 10.95 0.69 -7.46
CA LYS A 22 10.16 0.89 -8.66
C LYS A 22 8.75 1.32 -8.27
N THR A 23 8.05 0.41 -7.60
CA THR A 23 6.68 0.68 -7.17
C THR A 23 6.62 2.00 -6.39
N ALA A 24 5.46 2.25 -5.82
CA ALA A 24 5.26 3.48 -5.05
C ALA A 24 3.83 3.50 -4.50
N ILE A 25 3.30 4.70 -4.38
CA ILE A 25 1.95 4.87 -3.88
C ILE A 25 0.99 4.00 -4.68
N CYS A 26 0.17 3.25 -3.96
CA CYS A 26 -0.79 2.37 -4.59
C CYS A 26 -2.16 2.61 -3.96
N LYS A 27 -2.98 3.38 -4.67
CA LYS A 27 -4.32 3.70 -4.20
C LYS A 27 -4.93 2.46 -3.56
N CYS A 28 -5.78 2.71 -2.58
CA CYS A 28 -6.45 1.62 -1.88
C CYS A 28 -7.37 0.91 -2.87
N TYR A 29 -8.41 0.29 -2.32
CA TYR A 29 -9.37 -0.43 -3.14
C TYR A 29 -10.48 -1.03 -2.29
N VAL A 30 -11.60 -0.31 -2.26
CA VAL A 30 -12.76 -0.75 -1.48
C VAL A 30 -12.45 -0.61 0.01
N LYS A 31 -11.57 -1.48 0.48
CA LYS A 31 -11.18 -1.46 1.89
C LYS A 31 -10.38 -0.19 2.17
N LYS A 32 -11.10 0.93 2.20
CA LYS A 32 -10.47 2.21 2.46
C LYS A 32 -9.44 2.05 3.58
N CYS A 33 -8.42 2.89 3.55
CA CYS A 33 -7.37 2.87 4.54
C CYS A 33 -7.99 3.19 5.91
N PRO A 34 -7.41 2.57 6.97
CA PRO A 34 -7.89 2.78 8.32
C PRO A 34 -7.47 4.15 8.84
N ARG A 35 -6.22 4.50 8.54
CA ARG A 35 -5.68 5.78 8.98
C ARG A 35 -4.20 5.86 8.63
N ASP A 36 -3.76 7.08 8.34
CA ASP A 36 -2.36 7.31 8.00
C ASP A 36 -1.47 6.47 8.91
N GLY A 37 -0.40 5.96 8.32
CA GLY A 37 0.54 5.14 9.06
C GLY A 37 0.16 3.66 8.98
N ALA A 38 -1.13 3.41 8.81
CA ALA A 38 -1.62 2.05 8.71
C ALA A 38 -0.67 1.23 7.85
N LYS A 39 -0.05 0.24 8.48
CA LYS A 39 0.88 -0.62 7.79
C LYS A 39 0.13 -1.44 6.74
N CYS A 40 0.81 -1.68 5.62
CA CYS A 40 0.23 -2.44 4.53
C CYS A 40 1.36 -3.07 3.72
N GLU A 41 1.00 -4.11 2.97
CA GLU A 41 1.98 -4.80 2.15
C GLU A 41 1.50 -4.87 0.70
N PHE A 42 2.46 -4.81 -0.21
CA PHE A 42 2.14 -4.87 -1.63
C PHE A 42 2.45 -6.25 -2.21
N ASP A 43 1.38 -6.96 -2.55
CA ASP A 43 1.52 -8.29 -3.11
C ASP A 43 1.99 -8.18 -4.57
N SER A 44 2.95 -9.02 -4.90
CA SER A 44 3.49 -9.04 -6.25
C SER A 44 2.77 -10.08 -7.10
N TYR A 45 2.10 -11.00 -6.43
CA TYR A 45 1.36 -12.04 -7.11
C TYR A 45 0.05 -11.51 -7.68
N LYS A 46 -0.26 -10.27 -7.32
CA LYS A 46 -1.47 -9.63 -7.78
C LYS A 46 -1.27 -8.11 -7.80
N GLY A 47 -1.04 -7.56 -6.63
CA GLY A 47 -0.82 -6.13 -6.50
C GLY A 47 -2.15 -5.40 -6.22
N LYS A 48 -2.69 -5.65 -5.04
CA LYS A 48 -3.94 -5.02 -4.65
C LYS A 48 -3.69 -4.13 -3.42
N CYS A 49 -2.42 -3.93 -3.12
CA CYS A 49 -2.04 -3.11 -1.98
C CYS A 49 -2.95 -3.47 -0.81
N TYR A 50 -2.63 -4.60 -0.18
CA TYR A 50 -3.41 -5.08 0.95
C TYR A 50 -3.40 -4.04 2.08
N CYS A 51 -4.35 -3.11 2.01
CA CYS A 51 -4.46 -2.08 3.01
C CYS A 51 -5.40 -2.58 4.13
N ALA A 1 6.97 -12.29 -1.43
CA ALA A 1 7.55 -11.17 -2.15
C ALA A 1 6.75 -9.90 -1.82
N THR A 2 5.83 -10.04 -0.90
CA THR A 2 4.98 -8.93 -0.49
C THR A 2 5.82 -7.87 0.25
N TYR A 3 5.54 -6.61 -0.06
CA TYR A 3 6.25 -5.52 0.56
C TYR A 3 5.52 -5.02 1.81
N ASN A 4 6.11 -4.02 2.44
CA ASN A 4 5.52 -3.45 3.65
C ASN A 4 5.70 -1.94 3.62
N GLY A 5 4.65 -1.23 4.01
CA GLY A 5 4.66 0.22 4.04
C GLY A 5 3.54 0.77 4.91
N LYS A 6 2.92 1.84 4.43
CA LYS A 6 1.84 2.47 5.16
C LYS A 6 0.84 3.07 4.16
N CYS A 7 -0.39 3.23 4.61
CA CYS A 7 -1.43 3.79 3.78
C CYS A 7 -2.08 4.96 4.52
N TYR A 8 -2.67 5.86 3.75
CA TYR A 8 -3.32 7.02 4.33
C TYR A 8 -4.84 6.88 4.27
N LYS A 9 -5.51 7.79 4.96
CA LYS A 9 -6.97 7.78 5.00
C LYS A 9 -7.51 8.70 3.89
N LYS A 10 -7.30 9.99 4.09
CA LYS A 10 -7.76 10.97 3.12
C LYS A 10 -7.46 10.47 1.71
N ASP A 11 -6.19 10.56 1.34
CA ASP A 11 -5.77 10.12 0.01
C ASP A 11 -6.10 8.63 -0.15
N ASN A 12 -6.35 7.99 0.98
CA ASN A 12 -6.68 6.57 0.97
C ASN A 12 -5.85 5.87 -0.09
N ILE A 13 -4.54 5.89 0.12
CA ILE A 13 -3.62 5.25 -0.81
C ILE A 13 -2.63 4.38 -0.03
N CYS A 14 -1.91 3.56 -0.77
CA CYS A 14 -0.93 2.67 -0.16
C CYS A 14 0.46 3.10 -0.63
N LYS A 15 1.23 3.65 0.32
CA LYS A 15 2.57 4.10 0.02
C LYS A 15 3.57 3.14 0.66
N TYR A 16 4.52 2.70 -0.16
CA TYR A 16 5.55 1.79 0.32
C TYR A 16 6.75 1.77 -0.62
N LYS A 17 7.89 1.35 -0.08
CA LYS A 17 9.11 1.29 -0.86
C LYS A 17 9.19 -0.06 -1.58
N ALA A 18 8.94 0.00 -2.88
CA ALA A 18 8.98 -1.22 -3.69
C ALA A 18 10.27 -1.99 -3.39
N GLN A 19 10.25 -3.26 -3.75
CA GLN A 19 11.41 -4.11 -3.53
C GLN A 19 12.63 -3.57 -4.26
N SER A 20 12.35 -2.84 -5.34
CA SER A 20 13.42 -2.24 -6.13
C SER A 20 13.25 -0.72 -6.19
N GLY A 21 12.32 -0.23 -5.38
CA GLY A 21 12.05 1.19 -5.33
C GLY A 21 11.27 1.64 -6.57
N LYS A 22 10.88 0.67 -7.37
CA LYS A 22 10.12 0.95 -8.59
C LYS A 22 8.71 1.41 -8.21
N THR A 23 7.97 0.49 -7.60
CA THR A 23 6.61 0.79 -7.19
C THR A 23 6.58 2.07 -6.35
N ALA A 24 5.41 2.34 -5.79
CA ALA A 24 5.22 3.53 -4.97
C ALA A 24 3.77 3.60 -4.49
N ILE A 25 3.32 4.82 -4.22
CA ILE A 25 1.97 5.03 -3.75
C ILE A 25 0.99 4.27 -4.66
N CYS A 26 0.00 3.67 -4.03
CA CYS A 26 -1.01 2.92 -4.77
C CYS A 26 -2.35 3.06 -4.05
N LYS A 27 -3.25 3.76 -4.71
CA LYS A 27 -4.57 3.99 -4.14
C LYS A 27 -5.02 2.74 -3.38
N CYS A 28 -5.91 2.95 -2.42
CA CYS A 28 -6.42 1.86 -1.61
C CYS A 28 -7.68 1.31 -2.29
N TYR A 29 -7.46 0.41 -3.24
CA TYR A 29 -8.57 -0.19 -3.96
C TYR A 29 -9.23 -1.30 -3.14
N VAL A 30 -8.76 -1.43 -1.90
CA VAL A 30 -9.30 -2.44 -1.01
C VAL A 30 -9.98 -1.75 0.17
N LYS A 31 -9.78 -2.33 1.35
CA LYS A 31 -10.38 -1.78 2.55
C LYS A 31 -9.74 -0.43 2.86
N LYS A 32 -10.58 0.60 2.86
CA LYS A 32 -10.11 1.95 3.13
C LYS A 32 -9.12 1.91 4.29
N CYS A 33 -8.23 2.90 4.30
CA CYS A 33 -7.23 3.00 5.35
C CYS A 33 -7.91 3.47 6.63
N PRO A 34 -7.48 2.86 7.77
CA PRO A 34 -8.03 3.22 9.07
C PRO A 34 -7.50 4.57 9.54
N ARG A 35 -6.29 4.88 9.11
CA ARG A 35 -5.66 6.13 9.49
C ARG A 35 -4.20 6.16 9.02
N ASP A 36 -3.79 7.33 8.55
CA ASP A 36 -2.43 7.49 8.07
C ASP A 36 -1.48 6.67 8.93
N GLY A 37 -0.54 6.01 8.26
CA GLY A 37 0.44 5.18 8.95
C GLY A 37 0.05 3.70 8.87
N ALA A 38 -1.25 3.47 8.76
CA ALA A 38 -1.75 2.11 8.67
C ALA A 38 -0.83 1.28 7.76
N LYS A 39 -0.24 0.25 8.35
CA LYS A 39 0.66 -0.62 7.61
C LYS A 39 -0.13 -1.33 6.50
N CYS A 40 0.58 -1.64 5.43
CA CYS A 40 -0.02 -2.32 4.29
C CYS A 40 1.07 -3.09 3.56
N GLU A 41 0.64 -4.16 2.89
CA GLU A 41 1.57 -5.00 2.15
C GLU A 41 1.15 -5.08 0.68
N PHE A 42 2.10 -4.83 -0.20
CA PHE A 42 1.85 -4.87 -1.63
C PHE A 42 2.17 -6.26 -2.19
N ASP A 43 1.11 -7.03 -2.42
CA ASP A 43 1.26 -8.36 -2.96
C ASP A 43 1.82 -8.27 -4.37
N SER A 44 2.88 -9.05 -4.61
CA SER A 44 3.52 -9.07 -5.91
C SER A 44 3.00 -10.24 -6.73
N TYR A 45 1.82 -10.72 -6.35
CA TYR A 45 1.19 -11.84 -7.05
C TYR A 45 0.05 -11.35 -7.94
N LYS A 46 -0.52 -10.22 -7.55
CA LYS A 46 -1.62 -9.65 -8.31
C LYS A 46 -1.29 -8.20 -8.66
N GLY A 47 -0.95 -7.43 -7.64
CA GLY A 47 -0.61 -6.04 -7.83
C GLY A 47 -1.62 -5.12 -7.13
N LYS A 48 -2.15 -5.62 -6.03
CA LYS A 48 -3.14 -4.87 -5.27
C LYS A 48 -2.48 -4.32 -4.00
N CYS A 49 -3.21 -3.45 -3.31
CA CYS A 49 -2.73 -2.86 -2.08
C CYS A 49 -3.61 -3.33 -0.92
N TYR A 50 -3.13 -4.37 -0.25
CA TYR A 50 -3.86 -4.92 0.88
C TYR A 50 -3.86 -3.96 2.07
N CYS A 51 -4.44 -2.79 1.85
CA CYS A 51 -4.52 -1.78 2.88
C CYS A 51 -4.94 -2.46 4.19
N ALA A 1 6.42 -12.41 -2.07
CA ALA A 1 7.26 -11.25 -2.38
C ALA A 1 6.52 -9.97 -1.99
N THR A 2 5.52 -10.15 -1.14
CA THR A 2 4.72 -9.01 -0.68
C THR A 2 5.60 -8.04 0.12
N TYR A 3 5.44 -6.77 -0.20
CA TYR A 3 6.20 -5.73 0.48
C TYR A 3 5.48 -5.24 1.73
N ASN A 4 5.92 -4.09 2.21
CA ASN A 4 5.32 -3.50 3.40
C ASN A 4 5.57 -1.98 3.39
N GLY A 5 4.62 -1.27 3.97
CA GLY A 5 4.72 0.18 4.03
C GLY A 5 3.60 0.78 4.90
N LYS A 6 2.96 1.80 4.36
CA LYS A 6 1.88 2.45 5.07
C LYS A 6 0.86 2.99 4.06
N CYS A 7 -0.34 3.25 4.56
CA CYS A 7 -1.41 3.77 3.70
C CYS A 7 -2.08 4.93 4.44
N TYR A 8 -2.74 5.77 3.67
CA TYR A 8 -3.44 6.92 4.23
C TYR A 8 -4.95 6.79 4.03
N LYS A 9 -5.67 7.68 4.71
CA LYS A 9 -7.13 7.68 4.62
C LYS A 9 -7.57 8.76 3.63
N LYS A 10 -7.15 9.98 3.91
CA LYS A 10 -7.50 11.11 3.06
C LYS A 10 -7.23 10.73 1.60
N ASP A 11 -5.99 10.35 1.34
CA ASP A 11 -5.58 9.97 -0.01
C ASP A 11 -6.02 8.53 -0.27
N ASN A 12 -6.35 7.84 0.80
CA ASN A 12 -6.78 6.45 0.71
C ASN A 12 -5.90 5.73 -0.32
N ILE A 13 -4.62 5.68 -0.03
CA ILE A 13 -3.66 5.03 -0.92
C ILE A 13 -2.71 4.16 -0.09
N CYS A 14 -1.79 3.51 -0.80
CA CYS A 14 -0.81 2.66 -0.15
C CYS A 14 0.58 3.08 -0.62
N LYS A 15 1.35 3.62 0.31
CA LYS A 15 2.70 4.06 -0.01
C LYS A 15 3.71 3.11 0.64
N TYR A 16 4.67 2.69 -0.15
CA TYR A 16 5.71 1.78 0.34
C TYR A 16 6.93 1.80 -0.57
N LYS A 17 8.06 1.38 -0.01
CA LYS A 17 9.30 1.34 -0.75
C LYS A 17 9.40 0.01 -1.50
N ALA A 18 9.19 0.08 -2.81
CA ALA A 18 9.27 -1.11 -3.64
C ALA A 18 10.54 -1.89 -3.31
N GLN A 19 10.52 -3.17 -3.66
CA GLN A 19 11.67 -4.02 -3.41
C GLN A 19 12.91 -3.48 -4.14
N SER A 20 12.66 -2.59 -5.08
CA SER A 20 13.74 -1.99 -5.85
C SER A 20 13.54 -0.48 -5.94
N GLY A 21 12.59 0.01 -5.16
CA GLY A 21 12.29 1.43 -5.15
C GLY A 21 11.50 1.85 -6.39
N LYS A 22 11.23 0.86 -7.24
CA LYS A 22 10.50 1.11 -8.46
C LYS A 22 9.06 1.53 -8.11
N THR A 23 8.34 0.60 -7.52
CA THR A 23 6.96 0.86 -7.13
C THR A 23 6.87 2.13 -6.30
N ALA A 24 5.68 2.38 -5.78
CA ALA A 24 5.45 3.56 -4.95
C ALA A 24 3.99 3.57 -4.48
N ILE A 25 3.49 4.78 -4.25
CA ILE A 25 2.13 4.95 -3.79
C ILE A 25 1.19 4.15 -4.70
N CYS A 26 0.19 3.54 -4.08
CA CYS A 26 -0.78 2.75 -4.83
C CYS A 26 -2.13 2.86 -4.11
N LYS A 27 -3.07 3.50 -4.79
CA LYS A 27 -4.40 3.67 -4.24
C LYS A 27 -4.78 2.42 -3.43
N CYS A 28 -5.62 2.65 -2.42
CA CYS A 28 -6.07 1.55 -1.58
C CYS A 28 -7.10 0.73 -2.36
N TYR A 29 -8.01 0.12 -1.62
CA TYR A 29 -9.05 -0.68 -2.22
C TYR A 29 -10.32 -0.66 -1.37
N VAL A 30 -11.04 -1.78 -1.40
CA VAL A 30 -12.27 -1.90 -0.65
C VAL A 30 -11.99 -1.63 0.84
N LYS A 31 -10.87 -2.19 1.30
CA LYS A 31 -10.47 -2.01 2.69
C LYS A 31 -9.71 -0.70 2.84
N LYS A 32 -10.46 0.40 2.73
CA LYS A 32 -9.88 1.72 2.85
C LYS A 32 -8.92 1.74 4.04
N CYS A 33 -8.12 2.80 4.09
CA CYS A 33 -7.15 2.95 5.17
C CYS A 33 -7.89 3.45 6.42
N PRO A 34 -7.49 2.88 7.58
CA PRO A 34 -8.10 3.26 8.85
C PRO A 34 -7.60 4.63 9.30
N ARG A 35 -6.32 4.88 9.04
CA ARG A 35 -5.71 6.14 9.41
C ARG A 35 -4.27 6.20 8.90
N ASP A 36 -3.89 7.39 8.46
CA ASP A 36 -2.55 7.61 7.94
C ASP A 36 -1.55 6.81 8.78
N GLY A 37 -0.63 6.14 8.10
CA GLY A 37 0.38 5.34 8.77
C GLY A 37 0.03 3.85 8.71
N ALA A 38 -1.27 3.58 8.64
CA ALA A 38 -1.74 2.21 8.59
C ALA A 38 -0.80 1.39 7.69
N LYS A 39 -0.21 0.36 8.30
CA LYS A 39 0.70 -0.50 7.58
C LYS A 39 -0.06 -1.28 6.50
N CYS A 40 0.64 -1.60 5.43
CA CYS A 40 0.04 -2.33 4.32
C CYS A 40 1.16 -3.04 3.56
N GLU A 41 0.75 -3.90 2.64
CA GLU A 41 1.69 -4.66 1.83
C GLU A 41 1.27 -4.64 0.37
N PHE A 42 2.26 -4.83 -0.49
CA PHE A 42 2.01 -4.84 -1.93
C PHE A 42 2.20 -6.24 -2.52
N ASP A 43 1.09 -6.94 -2.65
CA ASP A 43 1.12 -8.29 -3.20
C ASP A 43 1.73 -8.26 -4.60
N SER A 44 2.73 -9.10 -4.79
CA SER A 44 3.41 -9.18 -6.08
C SER A 44 2.78 -10.26 -6.94
N TYR A 45 1.68 -10.81 -6.43
CA TYR A 45 0.96 -11.85 -7.15
C TYR A 45 -0.05 -11.25 -8.12
N LYS A 46 -0.61 -10.12 -7.73
CA LYS A 46 -1.60 -9.44 -8.55
C LYS A 46 -1.16 -7.98 -8.75
N GLY A 47 -0.82 -7.35 -7.64
CA GLY A 47 -0.40 -5.96 -7.67
C GLY A 47 -1.38 -5.07 -6.91
N LYS A 48 -2.07 -5.68 -5.97
CA LYS A 48 -3.05 -4.95 -5.17
C LYS A 48 -2.31 -4.10 -4.12
N CYS A 49 -3.10 -3.53 -3.22
CA CYS A 49 -2.54 -2.70 -2.17
C CYS A 49 -3.32 -2.95 -0.88
N TYR A 50 -2.91 -3.99 -0.17
CA TYR A 50 -3.56 -4.35 1.07
C TYR A 50 -3.67 -3.14 2.01
N CYS A 51 -4.43 -3.34 3.08
CA CYS A 51 -4.63 -2.28 4.06
C CYS A 51 -5.01 -2.92 5.40
N ALA A 1 6.59 -11.97 -2.65
CA ALA A 1 7.42 -10.78 -2.63
C ALA A 1 6.59 -9.59 -2.13
N THR A 2 5.93 -9.81 -1.01
CA THR A 2 5.10 -8.77 -0.42
C THR A 2 5.97 -7.75 0.33
N TYR A 3 5.76 -6.48 0.00
CA TYR A 3 6.51 -5.41 0.64
C TYR A 3 5.80 -4.93 1.90
N ASN A 4 6.33 -3.85 2.46
CA ASN A 4 5.77 -3.28 3.67
C ASN A 4 5.92 -1.76 3.63
N GLY A 5 4.85 -1.08 4.04
CA GLY A 5 4.86 0.37 4.05
C GLY A 5 3.72 0.92 4.91
N LYS A 6 3.10 1.98 4.41
CA LYS A 6 1.98 2.59 5.13
C LYS A 6 0.95 3.09 4.12
N CYS A 7 -0.26 3.32 4.62
CA CYS A 7 -1.33 3.79 3.78
C CYS A 7 -2.00 4.99 4.47
N TYR A 8 -2.58 5.86 3.66
CA TYR A 8 -3.25 7.04 4.18
C TYR A 8 -4.75 6.96 3.95
N LYS A 9 -5.51 7.34 4.98
CA LYS A 9 -6.96 7.33 4.89
C LYS A 9 -7.43 8.54 4.10
N LYS A 10 -6.89 9.70 4.45
CA LYS A 10 -7.25 10.94 3.78
C LYS A 10 -7.05 10.77 2.27
N ASP A 11 -5.93 10.16 1.93
CA ASP A 11 -5.60 9.93 0.53
C ASP A 11 -6.04 8.52 0.13
N ASN A 12 -6.45 7.76 1.13
CA ASN A 12 -6.89 6.39 0.90
C ASN A 12 -6.00 5.74 -0.16
N ILE A 13 -4.71 5.69 0.15
CA ILE A 13 -3.76 5.10 -0.77
C ILE A 13 -2.81 4.17 0.01
N CYS A 14 -1.92 3.53 -0.73
CA CYS A 14 -0.96 2.63 -0.13
C CYS A 14 0.44 3.04 -0.57
N LYS A 15 1.18 3.61 0.37
CA LYS A 15 2.54 4.06 0.10
C LYS A 15 3.53 3.09 0.74
N TYR A 16 4.49 2.66 -0.07
CA TYR A 16 5.51 1.74 0.42
C TYR A 16 6.72 1.72 -0.52
N LYS A 17 7.83 1.26 0.02
CA LYS A 17 9.06 1.18 -0.76
C LYS A 17 9.10 -0.15 -1.52
N ALA A 18 8.97 -0.05 -2.83
CA ALA A 18 8.98 -1.23 -3.68
C ALA A 18 10.26 -2.02 -3.42
N GLN A 19 10.23 -3.28 -3.80
CA GLN A 19 11.38 -4.16 -3.62
C GLN A 19 12.60 -3.58 -4.33
N SER A 20 12.33 -2.76 -5.34
CA SER A 20 13.39 -2.15 -6.11
C SER A 20 13.20 -0.62 -6.14
N GLY A 21 12.30 -0.15 -5.29
CA GLY A 21 12.02 1.27 -5.21
C GLY A 21 11.22 1.73 -6.43
N LYS A 22 10.87 0.78 -7.28
CA LYS A 22 10.11 1.07 -8.47
C LYS A 22 8.70 1.52 -8.08
N THR A 23 7.95 0.58 -7.51
CA THR A 23 6.60 0.87 -7.08
C THR A 23 6.56 2.12 -6.21
N ALA A 24 5.39 2.39 -5.67
CA ALA A 24 5.20 3.56 -4.82
C ALA A 24 3.74 3.63 -4.37
N ILE A 25 3.32 4.85 -4.06
CA ILE A 25 1.94 5.06 -3.60
C ILE A 25 0.98 4.34 -4.56
N CYS A 26 0.02 3.66 -3.96
CA CYS A 26 -0.97 2.92 -4.74
C CYS A 26 -2.33 3.09 -4.06
N LYS A 27 -3.18 3.85 -4.71
CA LYS A 27 -4.52 4.10 -4.19
C LYS A 27 -5.03 2.82 -3.51
N CYS A 28 -5.84 3.03 -2.47
CA CYS A 28 -6.39 1.92 -1.73
C CYS A 28 -7.25 1.09 -2.69
N TYR A 29 -8.21 0.37 -2.11
CA TYR A 29 -9.09 -0.47 -2.91
C TYR A 29 -10.13 -1.16 -2.01
N VAL A 30 -11.33 -0.59 -2.02
CA VAL A 30 -12.41 -1.13 -1.21
C VAL A 30 -12.08 -0.96 0.27
N LYS A 31 -11.12 -1.74 0.73
CA LYS A 31 -10.70 -1.68 2.12
C LYS A 31 -9.96 -0.36 2.37
N LYS A 32 -10.72 0.72 2.32
CA LYS A 32 -10.15 2.04 2.54
C LYS A 32 -9.13 1.97 3.67
N CYS A 33 -8.17 2.89 3.64
CA CYS A 33 -7.14 2.94 4.66
C CYS A 33 -7.78 3.30 5.98
N PRO A 34 -7.24 2.70 7.08
CA PRO A 34 -7.75 2.94 8.41
C PRO A 34 -7.34 4.31 8.92
N ARG A 35 -6.05 4.61 8.71
CA ARG A 35 -5.51 5.90 9.14
C ARG A 35 -4.05 6.02 8.71
N ASP A 36 -3.68 7.23 8.33
CA ASP A 36 -2.32 7.50 7.89
C ASP A 36 -1.35 6.72 8.77
N GLY A 37 -0.36 6.12 8.11
CA GLY A 37 0.64 5.34 8.82
C GLY A 37 0.27 3.86 8.83
N ALA A 38 -1.02 3.60 8.67
CA ALA A 38 -1.51 2.23 8.66
C ALA A 38 -0.60 1.38 7.78
N LYS A 39 0.00 0.37 8.40
CA LYS A 39 0.89 -0.52 7.68
C LYS A 39 0.10 -1.26 6.60
N CYS A 40 0.78 -1.56 5.51
CA CYS A 40 0.17 -2.26 4.40
C CYS A 40 1.26 -3.00 3.62
N GLU A 41 0.88 -4.15 3.09
CA GLU A 41 1.82 -4.97 2.33
C GLU A 41 1.36 -5.07 0.88
N PHE A 42 2.28 -4.80 -0.03
CA PHE A 42 1.99 -4.87 -1.45
C PHE A 42 2.25 -6.27 -2.00
N ASP A 43 1.17 -6.99 -2.23
CA ASP A 43 1.26 -8.35 -2.75
C ASP A 43 1.73 -8.30 -4.21
N SER A 44 2.75 -9.09 -4.51
CA SER A 44 3.30 -9.14 -5.85
C SER A 44 2.67 -10.31 -6.62
N TYR A 45 1.84 -11.06 -5.92
CA TYR A 45 1.18 -12.20 -6.52
C TYR A 45 0.06 -11.76 -7.46
N LYS A 46 -0.26 -10.47 -7.38
CA LYS A 46 -1.30 -9.90 -8.22
C LYS A 46 -0.91 -8.48 -8.62
N GLY A 47 -0.67 -7.66 -7.62
CA GLY A 47 -0.28 -6.27 -7.86
C GLY A 47 -1.28 -5.31 -7.23
N LYS A 48 -1.79 -5.70 -6.07
CA LYS A 48 -2.77 -4.88 -5.37
C LYS A 48 -2.12 -4.33 -4.08
N CYS A 49 -2.91 -3.57 -3.35
CA CYS A 49 -2.44 -2.97 -2.11
C CYS A 49 -3.33 -3.48 -0.97
N TYR A 50 -2.87 -4.54 -0.33
CA TYR A 50 -3.60 -5.13 0.77
C TYR A 50 -3.65 -4.18 1.97
N CYS A 51 -4.47 -3.15 1.85
CA CYS A 51 -4.62 -2.17 2.91
C CYS A 51 -5.62 -2.71 3.93
N ALA A 1 6.09 -12.37 -1.92
CA ALA A 1 6.99 -11.28 -2.22
C ALA A 1 6.35 -9.97 -1.77
N THR A 2 5.26 -10.09 -1.03
CA THR A 2 4.55 -8.93 -0.53
C THR A 2 5.51 -8.00 0.20
N TYR A 3 5.29 -6.69 0.00
CA TYR A 3 6.13 -5.69 0.63
C TYR A 3 5.49 -5.18 1.92
N ASN A 4 6.02 -4.07 2.42
CA ASN A 4 5.52 -3.48 3.64
C ASN A 4 5.72 -1.96 3.59
N GLY A 5 4.69 -1.24 3.97
CA GLY A 5 4.74 0.21 3.97
C GLY A 5 3.61 0.81 4.82
N LYS A 6 3.03 1.89 4.31
CA LYS A 6 1.95 2.55 5.00
C LYS A 6 0.91 3.01 3.99
N CYS A 7 -0.27 3.35 4.50
CA CYS A 7 -1.35 3.81 3.65
C CYS A 7 -2.04 4.98 4.34
N TYR A 8 -2.70 5.81 3.54
CA TYR A 8 -3.40 6.97 4.06
C TYR A 8 -4.91 6.86 3.81
N LYS A 9 -5.66 7.22 4.83
CA LYS A 9 -7.12 7.16 4.74
C LYS A 9 -7.61 8.36 3.93
N LYS A 10 -7.13 9.54 4.31
CA LYS A 10 -7.51 10.76 3.63
C LYS A 10 -7.26 10.61 2.12
N ASP A 11 -6.10 10.06 1.80
CA ASP A 11 -5.74 9.86 0.42
C ASP A 11 -6.20 8.47 -0.03
N ASN A 12 -6.56 7.65 0.95
CA ASN A 12 -7.01 6.30 0.67
C ASN A 12 -6.06 5.64 -0.34
N ILE A 13 -4.79 5.66 -0.01
CA ILE A 13 -3.78 5.07 -0.87
C ILE A 13 -2.79 4.27 -0.02
N CYS A 14 -1.88 3.59 -0.70
CA CYS A 14 -0.88 2.79 -0.02
C CYS A 14 0.49 3.15 -0.59
N LYS A 15 1.37 3.58 0.31
CA LYS A 15 2.72 3.96 -0.09
C LYS A 15 3.72 3.01 0.55
N TYR A 16 4.71 2.61 -0.25
CA TYR A 16 5.73 1.70 0.22
C TYR A 16 6.98 1.77 -0.66
N LYS A 17 8.09 1.30 -0.10
CA LYS A 17 9.34 1.31 -0.83
C LYS A 17 9.47 0.00 -1.62
N ALA A 18 9.24 0.12 -2.92
CA ALA A 18 9.33 -1.04 -3.80
C ALA A 18 10.62 -1.80 -3.50
N GLN A 19 10.63 -3.07 -3.90
CA GLN A 19 11.79 -3.92 -3.69
C GLN A 19 13.03 -3.28 -4.29
N SER A 20 12.81 -2.47 -5.32
CA SER A 20 13.91 -1.79 -6.00
C SER A 20 13.66 -0.28 -6.00
N GLY A 21 12.75 0.13 -5.12
CA GLY A 21 12.42 1.55 -5.01
C GLY A 21 11.71 2.05 -6.28
N LYS A 22 11.40 1.10 -7.15
CA LYS A 22 10.72 1.42 -8.39
C LYS A 22 9.28 1.85 -8.10
N THR A 23 8.50 0.90 -7.61
CA THR A 23 7.12 1.16 -7.28
C THR A 23 7.01 2.38 -6.35
N ALA A 24 5.80 2.60 -5.86
CA ALA A 24 5.55 3.73 -4.97
C ALA A 24 4.09 3.72 -4.55
N ILE A 25 3.59 4.90 -4.21
CA ILE A 25 2.22 5.05 -3.78
C ILE A 25 1.29 4.36 -4.80
N CYS A 26 0.34 3.61 -4.28
CA CYS A 26 -0.60 2.90 -5.12
C CYS A 26 -1.98 2.97 -4.46
N LYS A 27 -2.87 3.72 -5.10
CA LYS A 27 -4.22 3.88 -4.59
C LYS A 27 -4.66 2.57 -3.91
N CYS A 28 -5.46 2.74 -2.88
CA CYS A 28 -5.97 1.59 -2.14
C CYS A 28 -7.18 1.02 -2.88
N TYR A 29 -7.89 0.14 -2.20
CA TYR A 29 -9.07 -0.49 -2.78
C TYR A 29 -10.21 -0.57 -1.76
N VAL A 30 -11.02 -1.61 -1.91
CA VAL A 30 -12.14 -1.81 -1.02
C VAL A 30 -11.65 -1.74 0.43
N LYS A 31 -10.39 -2.13 0.62
CA LYS A 31 -9.80 -2.11 1.94
C LYS A 31 -9.22 -0.73 2.22
N LYS A 32 -10.08 0.27 2.13
CA LYS A 32 -9.67 1.64 2.37
C LYS A 32 -8.69 1.67 3.54
N CYS A 33 -7.85 2.70 3.53
CA CYS A 33 -6.87 2.86 4.59
C CYS A 33 -7.59 3.23 5.88
N PRO A 34 -7.10 2.65 7.01
CA PRO A 34 -7.71 2.92 8.30
C PRO A 34 -7.31 4.30 8.82
N ARG A 35 -6.03 4.60 8.70
CA ARG A 35 -5.52 5.89 9.14
C ARG A 35 -4.07 6.07 8.68
N ASP A 36 -3.77 7.29 8.25
CA ASP A 36 -2.44 7.62 7.78
C ASP A 36 -1.41 6.84 8.60
N GLY A 37 -0.46 6.25 7.90
CA GLY A 37 0.59 5.48 8.54
C GLY A 37 0.22 4.00 8.61
N ALA A 38 -1.07 3.74 8.52
CA ALA A 38 -1.57 2.38 8.56
C ALA A 38 -0.68 1.48 7.69
N LYS A 39 -0.09 0.48 8.32
CA LYS A 39 0.78 -0.44 7.63
C LYS A 39 -0.03 -1.25 6.62
N CYS A 40 0.60 -1.58 5.51
CA CYS A 40 -0.06 -2.35 4.47
C CYS A 40 1.03 -3.07 3.66
N GLU A 41 0.61 -4.13 2.99
CA GLU A 41 1.52 -4.91 2.17
C GLU A 41 1.07 -4.91 0.71
N PHE A 42 2.04 -4.80 -0.18
CA PHE A 42 1.75 -4.77 -1.60
C PHE A 42 1.96 -6.15 -2.23
N ASP A 43 0.84 -6.82 -2.49
CA ASP A 43 0.89 -8.15 -3.08
C ASP A 43 1.48 -8.05 -4.48
N SER A 44 2.57 -8.79 -4.68
CA SER A 44 3.25 -8.80 -5.97
C SER A 44 2.67 -9.91 -6.84
N TYR A 45 1.48 -10.37 -6.48
CA TYR A 45 0.82 -11.42 -7.22
C TYR A 45 -0.41 -10.89 -7.96
N LYS A 46 -0.94 -9.80 -7.44
CA LYS A 46 -2.12 -9.18 -8.03
C LYS A 46 -1.88 -7.67 -8.18
N GLY A 47 -1.43 -7.07 -7.08
CA GLY A 47 -1.16 -5.65 -7.07
C GLY A 47 -2.07 -4.93 -6.08
N LYS A 48 -2.81 -5.73 -5.31
CA LYS A 48 -3.72 -5.18 -4.32
C LYS A 48 -2.93 -4.77 -3.08
N CYS A 49 -3.29 -3.61 -2.55
CA CYS A 49 -2.62 -3.10 -1.36
C CYS A 49 -3.38 -3.61 -0.13
N TYR A 50 -2.88 -4.70 0.41
CA TYR A 50 -3.49 -5.30 1.59
C TYR A 50 -3.48 -4.32 2.77
N CYS A 51 -4.63 -3.70 2.99
CA CYS A 51 -4.76 -2.74 4.08
C CYS A 51 -5.53 -3.41 5.21
N ALA A 1 6.24 -12.23 -2.20
CA ALA A 1 7.02 -11.02 -2.44
C ALA A 1 6.20 -9.79 -2.04
N THR A 2 5.49 -9.93 -0.93
CA THR A 2 4.66 -8.85 -0.43
C THR A 2 5.52 -7.82 0.32
N TYR A 3 5.26 -6.56 0.02
CA TYR A 3 6.00 -5.48 0.66
C TYR A 3 5.29 -5.01 1.93
N ASN A 4 5.83 -3.95 2.51
CA ASN A 4 5.26 -3.40 3.73
C ASN A 4 5.60 -1.90 3.81
N GLY A 5 4.64 -1.13 4.30
CA GLY A 5 4.84 0.30 4.44
C GLY A 5 3.69 0.92 5.25
N LYS A 6 3.11 1.97 4.68
CA LYS A 6 2.01 2.66 5.33
C LYS A 6 0.99 3.08 4.28
N CYS A 7 -0.18 3.47 4.77
CA CYS A 7 -1.27 3.90 3.89
C CYS A 7 -2.00 5.05 4.56
N TYR A 8 -2.58 5.90 3.73
CA TYR A 8 -3.32 7.05 4.22
C TYR A 8 -4.81 6.93 3.87
N LYS A 9 -5.64 7.25 4.86
CA LYS A 9 -7.08 7.19 4.67
C LYS A 9 -7.54 8.40 3.85
N LYS A 10 -7.07 9.58 4.27
CA LYS A 10 -7.43 10.80 3.58
C LYS A 10 -7.08 10.67 2.09
N ASP A 11 -5.89 10.15 1.84
CA ASP A 11 -5.42 9.97 0.47
C ASP A 11 -5.83 8.59 -0.02
N ASN A 12 -6.31 7.77 0.92
CA ASN A 12 -6.73 6.42 0.60
C ASN A 12 -5.75 5.81 -0.41
N ILE A 13 -4.51 5.66 0.02
CA ILE A 13 -3.48 5.10 -0.83
C ILE A 13 -2.59 4.17 0.00
N CYS A 14 -1.64 3.55 -0.69
CA CYS A 14 -0.72 2.64 -0.03
C CYS A 14 0.71 3.02 -0.45
N LYS A 15 1.44 3.55 0.51
CA LYS A 15 2.82 3.96 0.25
C LYS A 15 3.77 2.87 0.75
N TYR A 16 4.76 2.57 -0.08
CA TYR A 16 5.74 1.55 0.26
C TYR A 16 6.96 1.64 -0.65
N LYS A 17 8.07 1.12 -0.15
CA LYS A 17 9.30 1.13 -0.90
C LYS A 17 9.42 -0.16 -1.71
N ALA A 18 9.11 -0.05 -3.00
CA ALA A 18 9.18 -1.20 -3.90
C ALA A 18 10.48 -1.96 -3.65
N GLN A 19 10.55 -3.14 -4.23
CA GLN A 19 11.73 -3.97 -4.09
C GLN A 19 12.94 -3.31 -4.74
N SER A 20 12.66 -2.51 -5.76
CA SER A 20 13.71 -1.80 -6.48
C SER A 20 13.54 -0.29 -6.29
N GLY A 21 12.50 0.08 -5.55
CA GLY A 21 12.23 1.48 -5.30
C GLY A 21 11.57 2.14 -6.51
N LYS A 22 11.33 1.32 -7.53
CA LYS A 22 10.71 1.81 -8.74
C LYS A 22 9.28 2.27 -8.44
N THR A 23 8.60 1.48 -7.62
CA THR A 23 7.24 1.79 -7.25
C THR A 23 7.21 2.91 -6.19
N ALA A 24 6.02 3.20 -5.71
CA ALA A 24 5.84 4.25 -4.72
C ALA A 24 4.38 4.69 -4.70
N ILE A 25 3.74 4.47 -3.57
CA ILE A 25 2.34 4.85 -3.41
C ILE A 25 1.49 4.10 -4.44
N CYS A 26 0.37 3.59 -3.97
CA CYS A 26 -0.54 2.86 -4.83
C CYS A 26 -1.93 2.88 -4.22
N LYS A 27 -2.82 3.63 -4.86
CA LYS A 27 -4.19 3.75 -4.39
C LYS A 27 -4.65 2.41 -3.82
N CYS A 28 -5.39 2.49 -2.73
CA CYS A 28 -5.91 1.29 -2.08
C CYS A 28 -7.04 0.73 -2.94
N TYR A 29 -7.84 -0.13 -2.32
CA TYR A 29 -8.95 -0.74 -3.01
C TYR A 29 -9.74 -1.67 -2.08
N VAL A 30 -11.02 -1.37 -1.95
CA VAL A 30 -11.88 -2.16 -1.08
C VAL A 30 -11.49 -1.93 0.38
N LYS A 31 -10.33 -2.47 0.73
CA LYS A 31 -9.83 -2.32 2.09
C LYS A 31 -9.21 -0.94 2.26
N LYS A 32 -10.02 0.08 2.02
CA LYS A 32 -9.56 1.45 2.15
C LYS A 32 -8.64 1.56 3.36
N CYS A 33 -7.79 2.58 3.32
CA CYS A 33 -6.84 2.81 4.40
C CYS A 33 -7.64 3.24 5.64
N PRO A 34 -7.19 2.73 6.82
CA PRO A 34 -7.85 3.06 8.08
C PRO A 34 -7.50 4.48 8.52
N ARG A 35 -6.20 4.71 8.67
CA ARG A 35 -5.72 6.02 9.09
C ARG A 35 -4.26 6.21 8.67
N ASP A 36 -3.93 7.45 8.35
CA ASP A 36 -2.58 7.77 7.93
C ASP A 36 -1.58 7.00 8.79
N GLY A 37 -0.58 6.43 8.13
CA GLY A 37 0.44 5.67 8.82
C GLY A 37 0.10 4.18 8.83
N ALA A 38 -1.20 3.91 8.77
CA ALA A 38 -1.67 2.53 8.76
C ALA A 38 -0.72 1.68 7.90
N LYS A 39 -0.21 0.63 8.52
CA LYS A 39 0.70 -0.27 7.83
C LYS A 39 -0.09 -1.13 6.84
N CYS A 40 0.57 -1.46 5.74
CA CYS A 40 -0.05 -2.28 4.71
C CYS A 40 1.04 -3.00 3.93
N GLU A 41 0.61 -3.92 3.08
CA GLU A 41 1.55 -4.68 2.27
C GLU A 41 1.07 -4.75 0.82
N PHE A 42 2.03 -4.80 -0.08
CA PHE A 42 1.72 -4.87 -1.50
C PHE A 42 1.97 -6.27 -2.05
N ASP A 43 0.88 -6.97 -2.32
CA ASP A 43 0.97 -8.32 -2.85
C ASP A 43 1.42 -8.27 -4.32
N SER A 44 2.44 -9.05 -4.62
CA SER A 44 2.96 -9.09 -5.98
C SER A 44 2.30 -10.22 -6.77
N TYR A 45 1.22 -10.75 -6.19
CA TYR A 45 0.48 -11.83 -6.82
C TYR A 45 -0.64 -11.27 -7.72
N LYS A 46 -1.18 -10.14 -7.29
CA LYS A 46 -2.25 -9.51 -8.04
C LYS A 46 -1.86 -8.06 -8.34
N GLY A 47 -1.44 -7.37 -7.30
CA GLY A 47 -1.04 -5.97 -7.45
C GLY A 47 -1.98 -5.05 -6.68
N LYS A 48 -2.65 -5.61 -5.69
CA LYS A 48 -3.58 -4.86 -4.88
C LYS A 48 -2.89 -4.42 -3.58
N CYS A 49 -3.63 -3.66 -2.78
CA CYS A 49 -3.10 -3.17 -1.53
C CYS A 49 -3.92 -3.79 -0.39
N TYR A 50 -3.38 -4.86 0.17
CA TYR A 50 -4.04 -5.55 1.26
C TYR A 50 -3.98 -4.73 2.54
N CYS A 51 -4.49 -3.51 2.46
CA CYS A 51 -4.51 -2.62 3.61
C CYS A 51 -5.07 -3.38 4.80
N ALA A 1 7.34 -11.94 -2.67
CA ALA A 1 7.72 -10.69 -3.30
C ALA A 1 6.78 -9.57 -2.84
N THR A 2 6.24 -9.77 -1.64
CA THR A 2 5.33 -8.79 -1.06
C THR A 2 6.12 -7.62 -0.46
N TYR A 3 5.54 -6.43 -0.61
CA TYR A 3 6.17 -5.24 -0.09
C TYR A 3 5.54 -4.82 1.24
N ASN A 4 6.05 -3.72 1.78
CA ASN A 4 5.55 -3.20 3.04
C ASN A 4 5.66 -1.68 3.04
N GLY A 5 4.74 -1.05 3.77
CA GLY A 5 4.73 0.40 3.86
C GLY A 5 3.57 0.88 4.73
N LYS A 6 3.06 2.06 4.38
CA LYS A 6 1.95 2.64 5.12
C LYS A 6 0.91 3.18 4.13
N CYS A 7 -0.32 3.28 4.60
CA CYS A 7 -1.40 3.79 3.78
C CYS A 7 -1.96 5.05 4.43
N TYR A 8 -2.48 5.93 3.59
CA TYR A 8 -3.05 7.17 4.08
C TYR A 8 -4.56 7.21 3.85
N LYS A 9 -5.28 7.58 4.89
CA LYS A 9 -6.73 7.66 4.82
C LYS A 9 -7.12 8.68 3.74
N LYS A 10 -6.74 9.93 3.98
CA LYS A 10 -7.05 10.99 3.05
C LYS A 10 -6.82 10.50 1.62
N ASP A 11 -5.55 10.35 1.28
CA ASP A 11 -5.18 9.88 -0.04
C ASP A 11 -5.73 8.47 -0.25
N ASN A 12 -6.15 7.86 0.84
CA ASN A 12 -6.70 6.51 0.79
C ASN A 12 -5.91 5.69 -0.22
N ILE A 13 -4.62 5.55 0.04
CA ILE A 13 -3.75 4.79 -0.85
C ILE A 13 -2.85 3.88 -0.01
N CYS A 14 -1.95 3.19 -0.71
CA CYS A 14 -1.03 2.29 -0.04
C CYS A 14 0.38 2.62 -0.50
N LYS A 15 1.14 3.25 0.39
CA LYS A 15 2.51 3.64 0.09
C LYS A 15 3.44 2.49 0.47
N TYR A 16 4.42 2.26 -0.40
CA TYR A 16 5.39 1.20 -0.17
C TYR A 16 6.60 1.35 -1.10
N LYS A 17 7.67 0.66 -0.74
CA LYS A 17 8.88 0.70 -1.53
C LYS A 17 8.82 -0.37 -2.62
N ALA A 18 9.12 0.06 -3.84
CA ALA A 18 9.11 -0.85 -4.98
C ALA A 18 10.42 -1.64 -5.01
N GLN A 19 10.35 -2.80 -5.65
CA GLN A 19 11.53 -3.65 -5.76
C GLN A 19 12.77 -2.80 -6.05
N SER A 20 12.58 -1.80 -6.88
CA SER A 20 13.67 -0.90 -7.24
C SER A 20 14.34 -0.35 -5.98
N GLY A 21 13.50 0.14 -5.07
CA GLY A 21 14.00 0.71 -3.84
C GLY A 21 13.43 2.11 -3.60
N LYS A 22 12.78 2.63 -4.63
CA LYS A 22 12.20 3.96 -4.55
C LYS A 22 10.90 3.88 -3.74
N THR A 23 9.80 4.16 -4.42
CA THR A 23 8.49 4.12 -3.78
C THR A 23 7.39 4.02 -4.82
N ALA A 24 6.40 3.19 -4.51
CA ALA A 24 5.28 2.99 -5.41
C ALA A 24 3.97 3.13 -4.63
N ILE A 25 3.09 3.98 -5.15
CA ILE A 25 1.81 4.21 -4.52
C ILE A 25 0.74 3.35 -5.20
N CYS A 26 -0.16 2.83 -4.38
CA CYS A 26 -1.23 1.98 -4.89
C CYS A 26 -2.51 2.34 -4.14
N LYS A 27 -3.38 3.08 -4.84
CA LYS A 27 -4.64 3.50 -4.24
C LYS A 27 -5.23 2.33 -3.45
N CYS A 28 -5.96 2.68 -2.41
CA CYS A 28 -6.59 1.68 -1.56
C CYS A 28 -7.61 0.91 -2.41
N TYR A 29 -8.65 0.44 -1.73
CA TYR A 29 -9.69 -0.32 -2.40
C TYR A 29 -11.00 -0.27 -1.62
N VAL A 30 -11.76 -1.36 -1.70
CA VAL A 30 -13.03 -1.45 -1.00
C VAL A 30 -12.81 -1.15 0.48
N LYS A 31 -11.60 -1.45 0.94
CA LYS A 31 -11.26 -1.22 2.33
C LYS A 31 -10.36 0.01 2.44
N LYS A 32 -10.97 1.18 2.27
CA LYS A 32 -10.25 2.43 2.33
C LYS A 32 -9.24 2.36 3.49
N CYS A 33 -8.18 3.14 3.34
CA CYS A 33 -7.14 3.18 4.36
C CYS A 33 -7.79 3.48 5.71
N PRO A 34 -7.27 2.80 6.76
CA PRO A 34 -7.79 2.99 8.11
C PRO A 34 -7.34 4.33 8.69
N ARG A 35 -6.08 4.66 8.42
CA ARG A 35 -5.52 5.90 8.91
C ARG A 35 -4.03 5.99 8.54
N ASP A 36 -3.62 7.19 8.16
CA ASP A 36 -2.24 7.42 7.79
C ASP A 36 -1.32 6.64 8.73
N GLY A 37 -0.29 6.03 8.15
CA GLY A 37 0.65 5.26 8.93
C GLY A 37 0.27 3.77 8.94
N ALA A 38 -1.00 3.52 8.70
CA ALA A 38 -1.50 2.15 8.69
C ALA A 38 -0.60 1.30 7.79
N LYS A 39 0.02 0.31 8.41
CA LYS A 39 0.91 -0.59 7.70
C LYS A 39 0.14 -1.28 6.58
N CYS A 40 0.85 -1.58 5.50
CA CYS A 40 0.24 -2.24 4.36
C CYS A 40 1.34 -2.95 3.58
N GLU A 41 0.91 -3.89 2.74
CA GLU A 41 1.85 -4.65 1.93
C GLU A 41 1.26 -4.93 0.54
N PHE A 42 2.13 -4.94 -0.45
CA PHE A 42 1.71 -5.18 -1.82
C PHE A 42 2.02 -6.61 -2.24
N ASP A 43 0.96 -7.42 -2.32
CA ASP A 43 1.10 -8.81 -2.70
C ASP A 43 1.25 -8.90 -4.22
N SER A 44 2.30 -9.59 -4.64
CA SER A 44 2.57 -9.76 -6.06
C SER A 44 1.78 -10.97 -6.59
N TYR A 45 0.96 -11.53 -5.73
CA TYR A 45 0.16 -12.68 -6.11
C TYR A 45 -1.11 -12.25 -6.87
N LYS A 46 -1.64 -11.12 -6.44
CA LYS A 46 -2.85 -10.59 -7.07
C LYS A 46 -2.53 -9.24 -7.70
N GLY A 47 -1.88 -8.38 -6.92
CA GLY A 47 -1.51 -7.06 -7.40
C GLY A 47 -2.23 -5.97 -6.60
N LYS A 48 -2.79 -6.39 -5.47
CA LYS A 48 -3.50 -5.45 -4.61
C LYS A 48 -2.61 -5.08 -3.42
N CYS A 49 -2.80 -3.86 -2.94
CA CYS A 49 -2.02 -3.37 -1.81
C CYS A 49 -2.84 -3.58 -0.54
N TYR A 50 -2.72 -4.78 0.02
CA TYR A 50 -3.44 -5.12 1.23
C TYR A 50 -3.36 -3.98 2.25
N CYS A 51 -4.45 -3.24 2.36
CA CYS A 51 -4.51 -2.13 3.28
C CYS A 51 -5.12 -2.63 4.60
N ALA A 1 6.65 -12.48 -1.96
CA ALA A 1 7.31 -11.35 -2.58
C ALA A 1 6.59 -10.06 -2.16
N THR A 2 5.75 -10.19 -1.15
CA THR A 2 5.00 -9.05 -0.66
C THR A 2 5.93 -8.09 0.07
N TYR A 3 5.63 -6.80 -0.09
CA TYR A 3 6.43 -5.76 0.54
C TYR A 3 5.73 -5.21 1.79
N ASN A 4 6.24 -4.08 2.27
CA ASN A 4 5.68 -3.45 3.45
C ASN A 4 5.66 -1.93 3.24
N GLY A 5 4.79 -1.28 4.00
CA GLY A 5 4.66 0.17 3.91
C GLY A 5 3.47 0.67 4.75
N LYS A 6 3.01 1.86 4.39
CA LYS A 6 1.89 2.45 5.10
C LYS A 6 0.86 2.95 4.08
N CYS A 7 -0.32 3.26 4.59
CA CYS A 7 -1.40 3.75 3.74
C CYS A 7 -2.07 4.92 4.44
N TYR A 8 -2.97 5.57 3.71
CA TYR A 8 -3.68 6.71 4.26
C TYR A 8 -5.15 6.70 3.81
N LYS A 9 -6.01 7.21 4.68
CA LYS A 9 -7.43 7.26 4.39
C LYS A 9 -7.73 8.53 3.57
N LYS A 10 -7.40 9.66 4.17
CA LYS A 10 -7.64 10.94 3.51
C LYS A 10 -7.21 10.84 2.04
N ASP A 11 -6.25 9.96 1.80
CA ASP A 11 -5.75 9.76 0.45
C ASP A 11 -6.23 8.40 -0.08
N ASN A 12 -6.53 7.52 0.86
CA ASN A 12 -6.99 6.19 0.52
C ASN A 12 -6.01 5.54 -0.47
N ILE A 13 -4.75 5.56 -0.08
CA ILE A 13 -3.70 4.98 -0.91
C ILE A 13 -2.73 4.19 -0.02
N CYS A 14 -1.76 3.57 -0.67
CA CYS A 14 -0.77 2.78 0.04
C CYS A 14 0.61 3.16 -0.50
N LYS A 15 1.48 3.57 0.42
CA LYS A 15 2.83 3.96 0.05
C LYS A 15 3.82 2.94 0.62
N TYR A 16 4.85 2.66 -0.17
CA TYR A 16 5.88 1.72 0.25
C TYR A 16 7.09 1.77 -0.70
N LYS A 17 8.22 1.39 -0.16
CA LYS A 17 9.46 1.38 -0.93
C LYS A 17 9.56 0.06 -1.70
N ALA A 18 9.43 0.17 -3.02
CA ALA A 18 9.51 -1.00 -3.88
C ALA A 18 10.80 -1.76 -3.57
N GLN A 19 10.81 -3.02 -3.98
CA GLN A 19 11.98 -3.86 -3.75
C GLN A 19 13.21 -3.25 -4.40
N SER A 20 12.99 -2.63 -5.55
CA SER A 20 14.08 -1.99 -6.28
C SER A 20 13.92 -0.47 -6.25
N GLY A 21 12.94 -0.03 -5.46
CA GLY A 21 12.67 1.38 -5.33
C GLY A 21 11.94 1.92 -6.57
N LYS A 22 11.46 0.99 -7.38
CA LYS A 22 10.75 1.35 -8.60
C LYS A 22 9.32 1.77 -8.23
N THR A 23 8.58 0.82 -7.69
CA THR A 23 7.21 1.07 -7.30
C THR A 23 7.12 2.31 -6.42
N ALA A 24 5.93 2.54 -5.88
CA ALA A 24 5.71 3.69 -5.02
C ALA A 24 4.27 3.65 -4.49
N ILE A 25 3.68 4.83 -4.41
CA ILE A 25 2.31 4.95 -3.92
C ILE A 25 1.40 4.05 -4.76
N CYS A 26 0.38 3.51 -4.10
CA CYS A 26 -0.56 2.63 -4.77
C CYS A 26 -1.92 2.77 -4.08
N LYS A 27 -2.84 3.41 -4.79
CA LYS A 27 -4.18 3.62 -4.25
C LYS A 27 -4.60 2.39 -3.44
N CYS A 28 -5.51 2.62 -2.50
CA CYS A 28 -6.01 1.54 -1.67
C CYS A 28 -7.36 1.08 -2.22
N TYR A 29 -7.36 -0.12 -2.77
CA TYR A 29 -8.57 -0.68 -3.34
C TYR A 29 -9.30 -1.55 -2.30
N VAL A 30 -10.56 -1.22 -2.08
CA VAL A 30 -11.38 -1.95 -1.14
C VAL A 30 -10.94 -1.60 0.29
N LYS A 31 -11.91 -1.60 1.20
CA LYS A 31 -11.64 -1.28 2.58
C LYS A 31 -10.63 -0.14 2.66
N LYS A 32 -11.14 1.08 2.50
CA LYS A 32 -10.29 2.25 2.54
C LYS A 32 -9.29 2.12 3.70
N CYS A 33 -8.27 2.95 3.65
CA CYS A 33 -7.24 2.94 4.67
C CYS A 33 -7.92 3.17 6.03
N PRO A 34 -7.35 2.50 7.07
CA PRO A 34 -7.88 2.61 8.42
C PRO A 34 -7.51 3.97 9.04
N ARG A 35 -6.26 4.35 8.82
CA ARG A 35 -5.76 5.61 9.35
C ARG A 35 -4.34 5.89 8.82
N ASP A 36 -4.12 7.14 8.48
CA ASP A 36 -2.81 7.55 7.97
C ASP A 36 -1.71 6.80 8.74
N GLY A 37 -0.78 6.27 7.97
CA GLY A 37 0.33 5.52 8.56
C GLY A 37 0.02 4.03 8.61
N ALA A 38 -1.26 3.72 8.53
CA ALA A 38 -1.70 2.34 8.57
C ALA A 38 -0.76 1.48 7.73
N LYS A 39 -0.14 0.51 8.40
CA LYS A 39 0.79 -0.38 7.73
C LYS A 39 0.04 -1.22 6.69
N CYS A 40 0.75 -1.57 5.63
CA CYS A 40 0.16 -2.35 4.56
C CYS A 40 1.30 -3.03 3.79
N GLU A 41 0.91 -3.97 2.94
CA GLU A 41 1.88 -4.70 2.13
C GLU A 41 1.40 -4.79 0.68
N PHE A 42 2.37 -4.81 -0.22
CA PHE A 42 2.07 -4.89 -1.64
C PHE A 42 2.29 -6.32 -2.16
N ASP A 43 1.18 -6.99 -2.44
CA ASP A 43 1.24 -8.35 -2.95
C ASP A 43 1.62 -8.32 -4.43
N SER A 44 2.63 -9.11 -4.77
CA SER A 44 3.09 -9.18 -6.15
C SER A 44 2.36 -10.31 -6.89
N TYR A 45 1.14 -10.57 -6.44
CA TYR A 45 0.33 -11.62 -7.05
C TYR A 45 -0.90 -11.02 -7.74
N LYS A 46 -1.28 -9.84 -7.28
CA LYS A 46 -2.44 -9.16 -7.84
C LYS A 46 -2.06 -7.72 -8.18
N GLY A 47 -1.53 -7.03 -7.19
CA GLY A 47 -1.12 -5.64 -7.36
C GLY A 47 -1.97 -4.71 -6.49
N LYS A 48 -2.62 -5.30 -5.50
CA LYS A 48 -3.46 -4.53 -4.59
C LYS A 48 -2.59 -3.95 -3.48
N CYS A 49 -3.27 -3.43 -2.46
CA CYS A 49 -2.58 -2.83 -1.32
C CYS A 49 -3.34 -3.19 -0.05
N TYR A 50 -3.02 -4.37 0.47
CA TYR A 50 -3.68 -4.85 1.69
C TYR A 50 -3.57 -3.81 2.80
N CYS A 51 -4.70 -3.20 3.11
CA CYS A 51 -4.75 -2.20 4.16
C CYS A 51 -5.41 -2.81 5.39
N ALA A 1 6.16 -12.72 -1.51
CA ALA A 1 7.06 -11.64 -1.84
C ALA A 1 6.38 -10.30 -1.52
N THR A 2 5.33 -10.39 -0.72
CA THR A 2 4.59 -9.19 -0.33
C THR A 2 5.52 -8.19 0.34
N TYR A 3 5.21 -6.92 0.15
CA TYR A 3 6.02 -5.85 0.73
C TYR A 3 5.31 -5.26 1.95
N ASN A 4 5.91 -4.21 2.49
CA ASN A 4 5.36 -3.53 3.65
C ASN A 4 5.65 -2.03 3.56
N GLY A 5 4.73 -1.25 4.11
CA GLY A 5 4.88 0.19 4.10
C GLY A 5 3.80 0.87 4.95
N LYS A 6 3.14 1.84 4.35
CA LYS A 6 2.08 2.57 5.04
C LYS A 6 1.03 3.02 4.03
N CYS A 7 -0.16 3.31 4.54
CA CYS A 7 -1.25 3.76 3.70
C CYS A 7 -1.82 5.05 4.30
N TYR A 8 -2.44 5.84 3.44
CA TYR A 8 -3.03 7.10 3.87
C TYR A 8 -4.56 7.06 3.71
N LYS A 9 -5.24 7.52 4.75
CA LYS A 9 -6.69 7.55 4.75
C LYS A 9 -7.17 8.70 3.87
N LYS A 10 -6.59 9.86 4.09
CA LYS A 10 -6.94 11.05 3.33
C LYS A 10 -6.87 10.73 1.84
N ASP A 11 -5.74 10.12 1.45
CA ASP A 11 -5.53 9.77 0.06
C ASP A 11 -6.05 8.34 -0.17
N ASN A 12 -6.41 7.69 0.92
CA ASN A 12 -6.91 6.33 0.85
C ASN A 12 -6.11 5.54 -0.19
N ILE A 13 -4.81 5.47 0.05
CA ILE A 13 -3.92 4.76 -0.86
C ILE A 13 -2.99 3.86 -0.04
N CYS A 14 -2.19 3.08 -0.76
CA CYS A 14 -1.26 2.18 -0.12
C CYS A 14 0.13 2.43 -0.71
N LYS A 15 1.00 2.95 0.14
CA LYS A 15 2.37 3.25 -0.28
C LYS A 15 3.30 2.12 0.18
N TYR A 16 4.39 1.95 -0.55
CA TYR A 16 5.35 0.93 -0.23
C TYR A 16 6.55 0.97 -1.19
N LYS A 17 7.65 0.38 -0.75
CA LYS A 17 8.86 0.35 -1.55
C LYS A 17 8.73 -0.73 -2.62
N ALA A 18 8.87 -0.31 -3.87
CA ALA A 18 8.77 -1.22 -4.99
C ALA A 18 10.10 -1.96 -5.17
N GLN A 19 10.04 -3.05 -5.90
CA GLN A 19 11.23 -3.85 -6.15
C GLN A 19 12.42 -2.94 -6.49
N SER A 20 12.11 -1.87 -7.21
CA SER A 20 13.14 -0.91 -7.60
C SER A 20 13.87 -0.40 -6.36
N GLY A 21 13.09 0.04 -5.39
CA GLY A 21 13.65 0.56 -4.15
C GLY A 21 13.09 1.95 -3.83
N LYS A 22 12.28 2.45 -4.75
CA LYS A 22 11.67 3.76 -4.58
C LYS A 22 10.41 3.62 -3.73
N THR A 23 9.27 3.91 -4.35
CA THR A 23 8.00 3.81 -3.66
C THR A 23 6.85 3.70 -4.66
N ALA A 24 5.94 2.78 -4.38
CA ALA A 24 4.79 2.57 -5.25
C ALA A 24 3.51 2.75 -4.45
N ILE A 25 2.60 3.55 -5.02
CA ILE A 25 1.33 3.81 -4.37
C ILE A 25 0.22 3.07 -5.11
N CYS A 26 -0.75 2.60 -4.34
CA CYS A 26 -1.88 1.88 -4.92
C CYS A 26 -3.15 2.29 -4.17
N LYS A 27 -3.92 3.16 -4.81
CA LYS A 27 -5.15 3.64 -4.23
C LYS A 27 -5.90 2.47 -3.59
N CYS A 28 -6.47 2.73 -2.43
CA CYS A 28 -7.23 1.72 -1.70
C CYS A 28 -8.48 1.39 -2.51
N TYR A 29 -8.52 0.16 -3.01
CA TYR A 29 -9.66 -0.30 -3.80
C TYR A 29 -10.46 -1.35 -3.04
N VAL A 30 -10.15 -1.48 -1.75
CA VAL A 30 -10.83 -2.44 -0.91
C VAL A 30 -11.25 -1.75 0.40
N LYS A 31 -10.53 -2.08 1.46
CA LYS A 31 -10.81 -1.51 2.77
C LYS A 31 -10.06 -0.19 2.92
N LYS A 32 -10.81 0.89 2.86
CA LYS A 32 -10.23 2.22 2.98
C LYS A 32 -9.15 2.19 4.06
N CYS A 33 -8.20 3.11 3.92
CA CYS A 33 -7.11 3.21 4.86
C CYS A 33 -7.66 3.75 6.18
N PRO A 34 -7.09 3.25 7.31
CA PRO A 34 -7.50 3.68 8.63
C PRO A 34 -6.98 5.07 8.95
N ARG A 35 -5.72 5.29 8.59
CA ARG A 35 -5.09 6.58 8.82
C ARG A 35 -3.63 6.55 8.36
N ASP A 36 -3.16 7.71 7.93
CA ASP A 36 -1.80 7.84 7.45
C ASP A 36 -0.85 7.08 8.39
N GLY A 37 0.07 6.34 7.79
CA GLY A 37 1.02 5.57 8.56
C GLY A 37 0.59 4.10 8.65
N ALA A 38 -0.72 3.90 8.64
CA ALA A 38 -1.27 2.55 8.71
C ALA A 38 -0.43 1.61 7.85
N LYS A 39 0.18 0.64 8.51
CA LYS A 39 1.01 -0.34 7.81
C LYS A 39 0.15 -1.09 6.81
N CYS A 40 0.79 -1.49 5.71
CA CYS A 40 0.11 -2.22 4.66
C CYS A 40 1.15 -2.94 3.80
N GLU A 41 0.72 -4.01 3.17
CA GLU A 41 1.61 -4.79 2.32
C GLU A 41 1.11 -4.77 0.87
N PHE A 42 2.04 -4.92 -0.05
CA PHE A 42 1.71 -4.93 -1.46
C PHE A 42 2.02 -6.30 -2.09
N ASP A 43 0.95 -7.00 -2.44
CA ASP A 43 1.09 -8.32 -3.04
C ASP A 43 1.90 -8.19 -4.34
N SER A 44 2.78 -9.16 -4.53
CA SER A 44 3.62 -9.17 -5.72
C SER A 44 3.20 -10.30 -6.66
N TYR A 45 1.96 -10.73 -6.49
CA TYR A 45 1.42 -11.80 -7.30
C TYR A 45 0.33 -11.29 -8.25
N LYS A 46 -0.22 -10.14 -7.87
CA LYS A 46 -1.27 -9.53 -8.68
C LYS A 46 -0.99 -8.03 -8.81
N GLY A 47 -0.84 -7.38 -7.66
CA GLY A 47 -0.57 -5.95 -7.64
C GLY A 47 -1.70 -5.19 -6.94
N LYS A 48 -2.12 -5.73 -5.81
CA LYS A 48 -3.18 -5.12 -5.04
C LYS A 48 -2.60 -4.52 -3.75
N CYS A 49 -3.41 -3.71 -3.09
CA CYS A 49 -2.99 -3.08 -1.86
C CYS A 49 -3.86 -3.62 -0.71
N TYR A 50 -3.29 -4.55 0.04
CA TYR A 50 -4.00 -5.16 1.15
C TYR A 50 -3.96 -4.24 2.38
N CYS A 51 -4.60 -3.08 2.25
CA CYS A 51 -4.64 -2.12 3.33
C CYS A 51 -4.90 -2.88 4.63
N ALA A 1 6.05 -12.49 -2.45
CA ALA A 1 7.02 -11.41 -2.29
C ALA A 1 6.30 -10.14 -1.80
N THR A 2 5.33 -10.37 -0.93
CA THR A 2 4.56 -9.27 -0.37
C THR A 2 5.48 -8.30 0.38
N TYR A 3 5.26 -7.02 0.15
CA TYR A 3 6.05 -5.99 0.80
C TYR A 3 5.36 -5.45 2.05
N ASN A 4 5.93 -4.40 2.61
CA ASN A 4 5.37 -3.78 3.80
C ASN A 4 5.59 -2.27 3.74
N GLY A 5 4.50 -1.53 3.86
CA GLY A 5 4.55 -0.09 3.82
C GLY A 5 3.47 0.53 4.71
N LYS A 6 2.88 1.60 4.22
CA LYS A 6 1.84 2.29 4.94
C LYS A 6 0.82 2.86 3.97
N CYS A 7 -0.38 3.12 4.48
CA CYS A 7 -1.45 3.68 3.66
C CYS A 7 -2.11 4.81 4.43
N TYR A 8 -2.74 5.70 3.69
CA TYR A 8 -3.42 6.84 4.29
C TYR A 8 -4.94 6.70 4.18
N LYS A 9 -5.63 7.59 4.86
CA LYS A 9 -7.09 7.57 4.84
C LYS A 9 -7.60 8.75 4.01
N LYS A 10 -7.03 9.91 4.28
CA LYS A 10 -7.41 11.12 3.56
C LYS A 10 -7.29 10.87 2.06
N ASP A 11 -6.10 10.45 1.67
CA ASP A 11 -5.83 10.17 0.26
C ASP A 11 -6.13 8.70 -0.04
N ASN A 12 -6.44 7.97 1.02
CA ASN A 12 -6.75 6.56 0.89
C ASN A 12 -5.82 5.94 -0.15
N ILE A 13 -4.53 5.90 0.19
CA ILE A 13 -3.54 5.34 -0.70
C ILE A 13 -2.62 4.41 0.09
N CYS A 14 -1.73 3.75 -0.63
CA CYS A 14 -0.80 2.82 -0.01
C CYS A 14 0.60 3.14 -0.53
N LYS A 15 1.41 3.75 0.33
CA LYS A 15 2.76 4.10 -0.03
C LYS A 15 3.72 3.03 0.48
N TYR A 16 4.64 2.64 -0.38
CA TYR A 16 5.63 1.63 -0.03
C TYR A 16 6.74 1.54 -1.09
N LYS A 17 7.81 0.87 -0.72
CA LYS A 17 8.94 0.71 -1.61
C LYS A 17 8.79 -0.59 -2.40
N ALA A 18 9.08 -0.51 -3.69
CA ALA A 18 8.98 -1.67 -4.56
C ALA A 18 10.33 -2.39 -4.61
N GLN A 19 11.01 -2.40 -3.47
CA GLN A 19 12.29 -3.04 -3.36
C GLN A 19 13.34 -2.29 -4.21
N SER A 20 13.05 -2.21 -5.50
CA SER A 20 13.94 -1.52 -6.42
C SER A 20 13.58 -0.04 -6.49
N GLY A 21 12.62 0.35 -5.67
CA GLY A 21 12.17 1.73 -5.64
C GLY A 21 11.27 2.04 -6.84
N LYS A 22 11.02 1.01 -7.62
CA LYS A 22 10.18 1.16 -8.80
C LYS A 22 8.83 1.73 -8.40
N THR A 23 7.93 0.84 -8.00
CA THR A 23 6.60 1.25 -7.58
C THR A 23 6.69 2.38 -6.55
N ALA A 24 5.53 2.80 -6.09
CA ALA A 24 5.45 3.87 -5.11
C ALA A 24 4.02 4.40 -5.04
N ILE A 25 3.43 4.28 -3.87
CA ILE A 25 2.07 4.74 -3.65
C ILE A 25 1.13 3.96 -4.57
N CYS A 26 -0.01 3.56 -4.01
CA CYS A 26 -1.00 2.81 -4.76
C CYS A 26 -2.33 2.92 -4.04
N LYS A 27 -3.27 3.59 -4.69
CA LYS A 27 -4.60 3.77 -4.13
C LYS A 27 -4.94 2.56 -3.24
N CYS A 28 -5.62 2.85 -2.14
CA CYS A 28 -6.03 1.81 -1.21
C CYS A 28 -7.13 0.98 -1.86
N TYR A 29 -6.76 0.34 -2.96
CA TYR A 29 -7.71 -0.49 -3.70
C TYR A 29 -8.50 -1.38 -2.74
N VAL A 30 -9.81 -1.16 -2.72
CA VAL A 30 -10.70 -1.93 -1.86
C VAL A 30 -10.51 -1.47 -0.42
N LYS A 31 -11.61 -1.52 0.32
CA LYS A 31 -11.59 -1.11 1.72
C LYS A 31 -11.03 0.31 1.82
N LYS A 32 -10.89 0.77 3.05
CA LYS A 32 -10.36 2.10 3.31
C LYS A 32 -9.37 2.05 4.46
N CYS A 33 -8.37 2.92 4.39
CA CYS A 33 -7.35 2.98 5.42
C CYS A 33 -7.98 3.55 6.69
N PRO A 34 -7.50 3.03 7.85
CA PRO A 34 -8.02 3.47 9.14
C PRO A 34 -7.47 4.85 9.50
N ARG A 35 -6.16 5.01 9.32
CA ARG A 35 -5.51 6.27 9.61
C ARG A 35 -4.11 6.29 9.01
N ASP A 36 -3.72 7.48 8.54
CA ASP A 36 -2.40 7.64 7.94
C ASP A 36 -1.37 6.84 8.74
N GLY A 37 -0.54 6.12 8.01
CA GLY A 37 0.49 5.31 8.64
C GLY A 37 0.11 3.83 8.62
N ALA A 38 -1.19 3.58 8.61
CA ALA A 38 -1.70 2.22 8.59
C ALA A 38 -0.80 1.35 7.71
N LYS A 39 -0.22 0.33 8.33
CA LYS A 39 0.66 -0.57 7.63
C LYS A 39 -0.16 -1.43 6.65
N CYS A 40 0.49 -1.83 5.57
CA CYS A 40 -0.16 -2.65 4.57
C CYS A 40 0.91 -3.46 3.83
N GLU A 41 0.46 -4.49 3.14
CA GLU A 41 1.36 -5.35 2.39
C GLU A 41 0.95 -5.41 0.92
N PHE A 42 1.87 -5.00 0.07
CA PHE A 42 1.61 -5.01 -1.37
C PHE A 42 1.92 -6.37 -1.98
N ASP A 43 0.85 -7.05 -2.39
CA ASP A 43 0.99 -8.36 -2.99
C ASP A 43 1.78 -8.25 -4.30
N SER A 44 2.83 -9.05 -4.39
CA SER A 44 3.67 -9.04 -5.58
C SER A 44 3.12 -10.03 -6.61
N TYR A 45 2.33 -10.97 -6.11
CA TYR A 45 1.74 -11.98 -6.97
C TYR A 45 0.72 -11.37 -7.93
N LYS A 46 0.40 -10.11 -7.66
CA LYS A 46 -0.57 -9.39 -8.49
C LYS A 46 -0.24 -7.90 -8.46
N GLY A 47 -0.32 -7.33 -7.28
CA GLY A 47 -0.04 -5.92 -7.10
C GLY A 47 -1.24 -5.18 -6.50
N LYS A 48 -1.80 -5.80 -5.46
CA LYS A 48 -2.96 -5.22 -4.80
C LYS A 48 -2.49 -4.51 -3.51
N CYS A 49 -3.44 -3.85 -2.86
CA CYS A 49 -3.15 -3.15 -1.63
C CYS A 49 -4.03 -3.73 -0.52
N TYR A 50 -3.39 -4.39 0.42
CA TYR A 50 -4.10 -4.99 1.53
C TYR A 50 -4.11 -4.05 2.75
N CYS A 51 -4.74 -2.91 2.57
CA CYS A 51 -4.83 -1.93 3.64
C CYS A 51 -5.11 -2.67 4.95
N ALA A 1 6.43 -12.22 -2.67
CA ALA A 1 7.23 -11.03 -2.87
C ALA A 1 6.44 -9.79 -2.44
N THR A 2 5.64 -9.99 -1.40
CA THR A 2 4.83 -8.90 -0.87
C THR A 2 5.70 -7.88 -0.16
N TYR A 3 5.24 -6.63 -0.18
CA TYR A 3 5.97 -5.55 0.46
C TYR A 3 5.25 -5.07 1.72
N ASN A 4 5.72 -3.96 2.25
CA ASN A 4 5.12 -3.39 3.45
C ASN A 4 5.40 -1.89 3.49
N GLY A 5 4.53 -1.17 4.17
CA GLY A 5 4.65 0.27 4.30
C GLY A 5 3.51 0.86 5.13
N LYS A 6 2.94 1.93 4.62
CA LYS A 6 1.85 2.60 5.31
C LYS A 6 0.85 3.14 4.29
N CYS A 7 -0.34 3.44 4.77
CA CYS A 7 -1.39 3.97 3.91
C CYS A 7 -2.08 5.12 4.63
N TYR A 8 -2.76 5.94 3.86
CA TYR A 8 -3.47 7.08 4.42
C TYR A 8 -4.97 6.98 4.13
N LYS A 9 -5.74 7.78 4.87
CA LYS A 9 -7.18 7.79 4.73
C LYS A 9 -7.55 8.61 3.49
N LYS A 10 -7.51 9.93 3.66
CA LYS A 10 -7.84 10.84 2.58
C LYS A 10 -7.25 10.30 1.26
N ASP A 11 -5.93 10.35 1.18
CA ASP A 11 -5.24 9.87 0.00
C ASP A 11 -5.67 8.43 -0.29
N ASN A 12 -6.09 7.75 0.76
CA ASN A 12 -6.53 6.37 0.63
C ASN A 12 -5.64 5.65 -0.37
N ILE A 13 -4.35 5.62 -0.05
CA ILE A 13 -3.38 4.95 -0.91
C ILE A 13 -2.50 4.04 -0.06
N CYS A 14 -1.56 3.38 -0.73
CA CYS A 14 -0.64 2.48 -0.06
C CYS A 14 0.79 2.88 -0.42
N LYS A 15 1.47 3.45 0.56
CA LYS A 15 2.84 3.89 0.37
C LYS A 15 3.80 2.79 0.85
N TYR A 16 4.79 2.52 0.02
CA TYR A 16 5.77 1.50 0.35
C TYR A 16 7.02 1.64 -0.54
N LYS A 17 8.12 1.11 -0.04
CA LYS A 17 9.38 1.16 -0.76
C LYS A 17 9.53 -0.10 -1.60
N ALA A 18 9.17 0.02 -2.87
CA ALA A 18 9.26 -1.10 -3.80
C ALA A 18 10.57 -1.85 -3.54
N GLN A 19 10.62 -3.08 -4.04
CA GLN A 19 11.81 -3.91 -3.88
C GLN A 19 13.03 -3.21 -4.48
N SER A 20 12.79 -2.53 -5.60
CA SER A 20 13.86 -1.82 -6.28
C SER A 20 13.71 -0.32 -6.05
N GLY A 21 12.64 0.04 -5.36
CA GLY A 21 12.38 1.43 -5.07
C GLY A 21 11.79 2.16 -6.29
N LYS A 22 11.43 1.36 -7.28
CA LYS A 22 10.86 1.89 -8.51
C LYS A 22 9.43 2.37 -8.24
N THR A 23 8.70 1.53 -7.52
CA THR A 23 7.32 1.85 -7.19
C THR A 23 7.26 2.99 -6.18
N ALA A 24 6.06 3.22 -5.67
CA ALA A 24 5.86 4.28 -4.69
C ALA A 24 4.37 4.65 -4.64
N ILE A 25 3.77 4.44 -3.48
CA ILE A 25 2.37 4.75 -3.30
C ILE A 25 1.53 3.90 -4.27
N CYS A 26 0.37 3.47 -3.79
CA CYS A 26 -0.51 2.66 -4.60
C CYS A 26 -1.91 2.72 -3.97
N LYS A 27 -2.83 3.33 -4.70
CA LYS A 27 -4.20 3.46 -4.24
C LYS A 27 -4.58 2.21 -3.46
N CYS A 28 -5.38 2.42 -2.42
CA CYS A 28 -5.82 1.33 -1.58
C CYS A 28 -7.20 0.87 -2.07
N TYR A 29 -7.37 -0.44 -2.15
CA TYR A 29 -8.62 -1.01 -2.61
C TYR A 29 -9.28 -1.83 -1.50
N VAL A 30 -10.54 -1.53 -1.26
CA VAL A 30 -11.30 -2.25 -0.23
C VAL A 30 -10.81 -1.81 1.14
N LYS A 31 -11.74 -1.76 2.09
CA LYS A 31 -11.43 -1.36 3.44
C LYS A 31 -10.42 -0.20 3.40
N LYS A 32 -10.92 0.96 3.01
CA LYS A 32 -10.09 2.15 2.93
C LYS A 32 -9.17 2.21 4.15
N CYS A 33 -8.14 3.03 4.03
CA CYS A 33 -7.18 3.18 5.12
C CYS A 33 -7.94 3.66 6.36
N PRO A 34 -7.58 3.07 7.53
CA PRO A 34 -8.21 3.42 8.78
C PRO A 34 -7.72 4.77 9.29
N ARG A 35 -6.42 4.99 9.13
CA ARG A 35 -5.82 6.25 9.56
C ARG A 35 -4.37 6.32 9.08
N ASP A 36 -3.99 7.52 8.66
CA ASP A 36 -2.63 7.74 8.17
C ASP A 36 -1.65 6.94 9.01
N GLY A 37 -0.72 6.29 8.33
CA GLY A 37 0.28 5.47 9.00
C GLY A 37 -0.08 3.99 8.93
N ALA A 38 -1.37 3.73 8.82
CA ALA A 38 -1.86 2.37 8.74
C ALA A 38 -0.91 1.54 7.86
N LYS A 39 -0.37 0.49 8.46
CA LYS A 39 0.55 -0.39 7.75
C LYS A 39 -0.21 -1.15 6.66
N CYS A 40 0.51 -1.45 5.60
CA CYS A 40 -0.08 -2.17 4.47
C CYS A 40 1.01 -2.99 3.80
N GLU A 41 0.64 -3.62 2.69
CA GLU A 41 1.58 -4.43 1.94
C GLU A 41 1.13 -4.54 0.48
N PHE A 42 2.12 -4.65 -0.40
CA PHE A 42 1.85 -4.76 -1.82
C PHE A 42 2.04 -6.20 -2.31
N ASP A 43 0.92 -6.84 -2.60
CA ASP A 43 0.95 -8.23 -3.07
C ASP A 43 1.46 -8.26 -4.50
N SER A 44 2.33 -9.22 -4.78
CA SER A 44 2.89 -9.37 -6.11
C SER A 44 2.18 -10.50 -6.85
N TYR A 45 1.51 -11.34 -6.08
CA TYR A 45 0.78 -12.47 -6.65
C TYR A 45 -0.35 -11.99 -7.56
N LYS A 46 -0.70 -10.72 -7.40
CA LYS A 46 -1.76 -10.13 -8.19
C LYS A 46 -1.44 -8.66 -8.45
N GLY A 47 -1.42 -7.89 -7.37
CA GLY A 47 -1.13 -6.48 -7.46
C GLY A 47 -2.35 -5.63 -7.08
N LYS A 48 -2.99 -6.04 -6.00
CA LYS A 48 -4.18 -5.34 -5.53
C LYS A 48 -3.77 -4.38 -4.40
N CYS A 49 -2.55 -4.55 -3.93
CA CYS A 49 -2.03 -3.70 -2.87
C CYS A 49 -2.99 -3.80 -1.68
N TYR A 50 -2.78 -4.84 -0.88
CA TYR A 50 -3.60 -5.06 0.29
C TYR A 50 -3.43 -3.93 1.30
N CYS A 51 -4.54 -3.27 1.60
CA CYS A 51 -4.53 -2.16 2.54
C CYS A 51 -4.06 -2.70 3.90
N ALA A 1 6.59 -12.23 -2.43
CA ALA A 1 7.41 -11.07 -2.70
C ALA A 1 6.70 -9.81 -2.21
N THR A 2 5.69 -10.03 -1.38
CA THR A 2 4.92 -8.93 -0.83
C THR A 2 5.83 -7.98 -0.03
N TYR A 3 5.50 -6.71 -0.11
CA TYR A 3 6.28 -5.69 0.60
C TYR A 3 5.56 -5.23 1.86
N ASN A 4 5.96 -4.06 2.35
CA ASN A 4 5.36 -3.50 3.55
C ASN A 4 5.60 -1.99 3.57
N GLY A 5 4.61 -1.27 4.05
CA GLY A 5 4.69 0.18 4.13
C GLY A 5 3.55 0.75 4.97
N LYS A 6 3.01 1.85 4.49
CA LYS A 6 1.91 2.51 5.18
C LYS A 6 0.97 3.16 4.16
N CYS A 7 -0.30 3.18 4.51
CA CYS A 7 -1.31 3.77 3.63
C CYS A 7 -2.04 4.87 4.40
N TYR A 8 -2.68 5.75 3.64
CA TYR A 8 -3.42 6.85 4.24
C TYR A 8 -4.92 6.72 3.97
N LYS A 9 -5.70 7.26 4.88
CA LYS A 9 -7.15 7.21 4.74
C LYS A 9 -7.63 8.45 3.96
N LYS A 10 -7.13 9.59 4.39
CA LYS A 10 -7.50 10.85 3.74
C LYS A 10 -7.14 10.77 2.26
N ASP A 11 -6.02 10.11 1.98
CA ASP A 11 -5.55 9.97 0.62
C ASP A 11 -5.96 8.61 0.09
N ASN A 12 -6.26 7.71 1.01
CA ASN A 12 -6.68 6.36 0.64
C ASN A 12 -5.70 5.78 -0.37
N ILE A 13 -4.42 5.82 -0.01
CA ILE A 13 -3.38 5.31 -0.88
C ILE A 13 -2.29 4.65 -0.03
N CYS A 14 -1.74 3.57 -0.58
CA CYS A 14 -0.69 2.84 0.12
C CYS A 14 0.66 3.27 -0.46
N LYS A 15 1.52 3.75 0.43
CA LYS A 15 2.85 4.19 0.02
C LYS A 15 3.90 3.29 0.65
N TYR A 16 4.82 2.83 -0.18
CA TYR A 16 5.88 1.95 0.29
C TYR A 16 7.10 2.02 -0.65
N LYS A 17 8.22 1.54 -0.14
CA LYS A 17 9.45 1.53 -0.92
C LYS A 17 9.58 0.21 -1.67
N ALA A 18 9.22 0.25 -2.93
CA ALA A 18 9.28 -0.95 -3.77
C ALA A 18 10.57 -1.72 -3.45
N GLN A 19 10.56 -2.99 -3.81
CA GLN A 19 11.71 -3.84 -3.57
C GLN A 19 12.94 -3.30 -4.31
N SER A 20 12.67 -2.43 -5.26
CA SER A 20 13.74 -1.83 -6.05
C SER A 20 13.53 -0.32 -6.17
N GLY A 21 12.57 0.17 -5.40
CA GLY A 21 12.25 1.59 -5.40
C GLY A 21 11.45 1.97 -6.64
N LYS A 22 11.17 0.97 -7.46
CA LYS A 22 10.41 1.17 -8.67
C LYS A 22 8.98 1.59 -8.31
N THR A 23 8.28 0.66 -7.68
CA THR A 23 6.90 0.91 -7.27
C THR A 23 6.82 2.21 -6.47
N ALA A 24 5.63 2.44 -5.91
CA ALA A 24 5.41 3.64 -5.12
C ALA A 24 3.98 3.59 -4.55
N ILE A 25 3.37 4.77 -4.50
CA ILE A 25 2.02 4.89 -3.99
C ILE A 25 1.09 4.00 -4.81
N CYS A 26 0.17 3.34 -4.12
CA CYS A 26 -0.78 2.47 -4.77
C CYS A 26 -2.12 2.57 -4.02
N LYS A 27 -3.07 3.23 -4.65
CA LYS A 27 -4.38 3.40 -4.06
C LYS A 27 -4.75 2.14 -3.27
N CYS A 28 -5.47 2.35 -2.18
CA CYS A 28 -5.89 1.24 -1.34
C CYS A 28 -7.23 0.72 -1.86
N TYR A 29 -7.15 -0.24 -2.77
CA TYR A 29 -8.35 -0.82 -3.34
C TYR A 29 -9.13 -1.62 -2.30
N VAL A 30 -10.38 -1.23 -2.11
CA VAL A 30 -11.23 -1.90 -1.15
C VAL A 30 -10.79 -1.53 0.27
N LYS A 31 -11.78 -1.44 1.15
CA LYS A 31 -11.50 -1.10 2.54
C LYS A 31 -10.39 -0.05 2.58
N LYS A 32 -10.80 1.21 2.44
CA LYS A 32 -9.85 2.30 2.47
C LYS A 32 -8.97 2.18 3.71
N CYS A 33 -8.05 3.13 3.84
CA CYS A 33 -7.13 3.13 4.96
C CYS A 33 -7.90 3.62 6.20
N PRO A 34 -7.57 3.00 7.36
CA PRO A 34 -8.21 3.36 8.62
C PRO A 34 -7.70 4.70 9.13
N ARG A 35 -6.39 4.87 9.05
CA ARG A 35 -5.76 6.10 9.51
C ARG A 35 -4.32 6.18 9.00
N ASP A 36 -3.95 7.37 8.54
CA ASP A 36 -2.61 7.60 8.02
C ASP A 36 -1.61 6.78 8.84
N GLY A 37 -0.69 6.14 8.13
CA GLY A 37 0.32 5.33 8.79
C GLY A 37 -0.04 3.85 8.73
N ALA A 38 -1.34 3.60 8.62
CA ALA A 38 -1.83 2.23 8.56
C ALA A 38 -0.88 1.38 7.71
N LYS A 39 -0.33 0.36 8.33
CA LYS A 39 0.60 -0.53 7.65
C LYS A 39 -0.17 -1.39 6.64
N CYS A 40 0.52 -1.74 5.56
CA CYS A 40 -0.09 -2.54 4.53
C CYS A 40 1.02 -3.30 3.80
N GLU A 41 0.61 -4.08 2.80
CA GLU A 41 1.56 -4.86 2.03
C GLU A 41 1.13 -4.92 0.56
N PHE A 42 2.12 -4.91 -0.32
CA PHE A 42 1.86 -4.96 -1.75
C PHE A 42 2.11 -6.36 -2.30
N ASP A 43 1.03 -7.11 -2.45
CA ASP A 43 1.11 -8.46 -2.97
C ASP A 43 1.64 -8.42 -4.41
N SER A 44 2.76 -9.10 -4.62
CA SER A 44 3.37 -9.14 -5.93
C SER A 44 2.80 -10.32 -6.74
N TYR A 45 1.68 -10.83 -6.25
CA TYR A 45 1.02 -11.95 -6.90
C TYR A 45 -0.18 -11.48 -7.73
N LYS A 46 -0.75 -10.37 -7.29
CA LYS A 46 -1.91 -9.80 -7.98
C LYS A 46 -1.59 -8.36 -8.39
N GLY A 47 -1.14 -7.59 -7.42
CA GLY A 47 -0.80 -6.20 -7.66
C GLY A 47 -1.76 -5.26 -6.94
N LYS A 48 -2.32 -5.76 -5.86
CA LYS A 48 -3.27 -4.98 -5.07
C LYS A 48 -2.49 -4.09 -4.10
N CYS A 49 -3.16 -3.72 -3.02
CA CYS A 49 -2.55 -2.87 -2.01
C CYS A 49 -3.28 -3.09 -0.68
N TYR A 50 -3.08 -4.28 -0.13
CA TYR A 50 -3.72 -4.63 1.13
C TYR A 50 -3.79 -3.42 2.06
N CYS A 51 -4.82 -3.42 2.90
CA CYS A 51 -5.00 -2.33 3.85
C CYS A 51 -5.55 -2.91 5.15
N ALA A 1 7.10 -12.11 -1.65
CA ALA A 1 7.69 -10.94 -2.28
C ALA A 1 6.93 -9.69 -1.84
N THR A 2 6.04 -9.88 -0.88
CA THR A 2 5.24 -8.79 -0.37
C THR A 2 6.14 -7.63 0.07
N TYR A 3 5.52 -6.46 0.20
CA TYR A 3 6.26 -5.27 0.61
C TYR A 3 5.50 -4.51 1.70
N ASN A 4 6.15 -4.37 2.84
CA ASN A 4 5.55 -3.67 3.96
C ASN A 4 5.55 -2.16 3.68
N GLY A 5 4.68 -1.46 4.39
CA GLY A 5 4.57 -0.02 4.22
C GLY A 5 3.37 0.54 5.00
N LYS A 6 3.01 1.76 4.66
CA LYS A 6 1.89 2.41 5.31
C LYS A 6 0.90 2.92 4.26
N CYS A 7 -0.29 3.28 4.72
CA CYS A 7 -1.32 3.77 3.83
C CYS A 7 -1.89 5.07 4.42
N TYR A 8 -2.56 5.82 3.57
CA TYR A 8 -3.16 7.08 4.00
C TYR A 8 -4.66 7.09 3.74
N LYS A 9 -5.39 7.61 4.71
CA LYS A 9 -6.84 7.68 4.61
C LYS A 9 -7.22 8.94 3.81
N LYS A 10 -6.63 10.05 4.20
CA LYS A 10 -6.91 11.31 3.53
C LYS A 10 -6.57 11.18 2.04
N ASP A 11 -5.65 10.27 1.76
CA ASP A 11 -5.24 10.04 0.39
C ASP A 11 -5.78 8.69 -0.09
N ASN A 12 -6.19 7.88 0.88
CA ASN A 12 -6.74 6.57 0.58
C ASN A 12 -5.81 5.85 -0.40
N ILE A 13 -4.59 5.61 0.06
CA ILE A 13 -3.60 4.93 -0.75
C ILE A 13 -2.68 4.10 0.15
N CYS A 14 -1.75 3.39 -0.49
CA CYS A 14 -0.82 2.56 0.24
C CYS A 14 0.60 2.90 -0.24
N LYS A 15 1.36 3.49 0.67
CA LYS A 15 2.73 3.87 0.34
C LYS A 15 3.70 2.84 0.96
N TYR A 16 4.49 2.24 0.08
CA TYR A 16 5.45 1.25 0.52
C TYR A 16 6.75 1.34 -0.28
N LYS A 17 7.40 0.19 -0.44
CA LYS A 17 8.64 0.13 -1.19
C LYS A 17 8.44 -0.76 -2.42
N ALA A 18 8.86 -0.24 -3.56
CA ALA A 18 8.74 -0.98 -4.81
C ALA A 18 9.86 -2.02 -4.88
N GLN A 19 9.71 -2.94 -5.83
CA GLN A 19 10.70 -3.99 -6.02
C GLN A 19 12.10 -3.39 -6.11
N SER A 20 12.16 -2.20 -6.69
CA SER A 20 13.43 -1.51 -6.84
C SER A 20 13.35 -0.10 -6.24
N GLY A 21 12.40 0.05 -5.32
CA GLY A 21 12.20 1.33 -4.67
C GLY A 21 11.45 2.31 -5.59
N LYS A 22 11.19 1.85 -6.79
CA LYS A 22 10.47 2.66 -7.76
C LYS A 22 9.16 3.15 -7.16
N THR A 23 8.13 2.31 -7.31
CA THR A 23 6.82 2.65 -6.79
C THR A 23 6.90 2.94 -5.28
N ALA A 24 6.08 3.88 -4.86
CA ALA A 24 6.04 4.27 -3.46
C ALA A 24 4.60 4.52 -3.04
N ILE A 25 3.68 4.09 -3.88
CA ILE A 25 2.26 4.27 -3.61
C ILE A 25 1.47 3.15 -4.30
N CYS A 26 0.31 2.87 -3.74
CA CYS A 26 -0.55 1.83 -4.28
C CYS A 26 -1.99 2.13 -3.86
N LYS A 27 -2.74 2.71 -4.78
CA LYS A 27 -4.13 3.05 -4.53
C LYS A 27 -4.77 1.95 -3.67
N CYS A 28 -5.60 2.37 -2.74
CA CYS A 28 -6.29 1.45 -1.86
C CYS A 28 -7.71 1.25 -2.37
N TYR A 29 -8.02 0.00 -2.71
CA TYR A 29 -9.34 -0.33 -3.21
C TYR A 29 -10.14 -1.14 -2.19
N VAL A 30 -11.40 -0.77 -2.04
CA VAL A 30 -12.27 -1.46 -1.10
C VAL A 30 -11.75 -1.23 0.33
N LYS A 31 -10.73 -2.00 0.67
CA LYS A 31 -10.13 -1.89 1.99
C LYS A 31 -9.40 -0.55 2.11
N LYS A 32 -10.17 0.52 2.03
CA LYS A 32 -9.62 1.86 2.14
C LYS A 32 -8.67 1.93 3.33
N CYS A 33 -7.84 2.97 3.33
CA CYS A 33 -6.89 3.16 4.40
C CYS A 33 -7.64 3.53 5.67
N PRO A 34 -7.21 2.92 6.81
CA PRO A 34 -7.85 3.18 8.09
C PRO A 34 -7.42 4.54 8.63
N ARG A 35 -6.19 4.93 8.31
CA ARG A 35 -5.65 6.19 8.77
C ARG A 35 -4.17 6.30 8.42
N ASP A 36 -3.77 7.50 8.02
CA ASP A 36 -2.39 7.75 7.67
C ASP A 36 -1.47 7.03 8.65
N GLY A 37 -0.48 6.33 8.11
CA GLY A 37 0.46 5.61 8.94
C GLY A 37 0.07 4.13 9.05
N ALA A 38 -1.18 3.86 8.72
CA ALA A 38 -1.69 2.50 8.79
C ALA A 38 -0.78 1.58 7.99
N LYS A 39 -0.21 0.61 8.69
CA LYS A 39 0.69 -0.34 8.06
C LYS A 39 -0.09 -1.16 7.03
N CYS A 40 0.62 -1.55 5.97
CA CYS A 40 0.01 -2.32 4.91
C CYS A 40 1.12 -3.07 4.17
N GLU A 41 0.71 -4.11 3.45
CA GLU A 41 1.66 -4.91 2.69
C GLU A 41 1.16 -5.11 1.26
N PHE A 42 2.04 -4.85 0.31
CA PHE A 42 1.71 -5.00 -1.09
C PHE A 42 1.97 -6.42 -1.58
N ASP A 43 1.09 -6.89 -2.45
CA ASP A 43 1.22 -8.23 -2.99
C ASP A 43 1.76 -8.15 -4.42
N SER A 44 2.77 -8.97 -4.67
CA SER A 44 3.39 -9.00 -5.99
C SER A 44 2.91 -10.23 -6.76
N TYR A 45 1.80 -10.78 -6.30
CA TYR A 45 1.22 -11.96 -6.94
C TYR A 45 -0.06 -11.60 -7.69
N LYS A 46 -0.54 -10.40 -7.44
CA LYS A 46 -1.76 -9.93 -8.09
C LYS A 46 -1.61 -8.45 -8.43
N GLY A 47 -1.13 -7.69 -7.46
CA GLY A 47 -0.94 -6.26 -7.65
C GLY A 47 -1.93 -5.45 -6.83
N LYS A 48 -2.59 -6.14 -5.91
CA LYS A 48 -3.58 -5.51 -5.05
C LYS A 48 -2.86 -4.84 -3.87
N CYS A 49 -3.64 -4.15 -3.06
CA CYS A 49 -3.10 -3.46 -1.90
C CYS A 49 -3.84 -3.94 -0.66
N TYR A 50 -3.23 -4.89 0.04
CA TYR A 50 -3.83 -5.44 1.24
C TYR A 50 -3.78 -4.43 2.39
N CYS A 51 -4.39 -3.28 2.15
CA CYS A 51 -4.42 -2.24 3.16
C CYS A 51 -5.39 -2.67 4.27
N ALA A 1 7.44 -11.87 -1.86
CA ALA A 1 7.58 -10.77 -2.80
C ALA A 1 6.59 -9.67 -2.42
N THR A 2 6.32 -9.56 -1.13
CA THR A 2 5.40 -8.56 -0.64
C THR A 2 6.16 -7.36 -0.08
N TYR A 3 5.62 -6.18 -0.34
CA TYR A 3 6.24 -4.95 0.12
C TYR A 3 5.36 -4.25 1.17
N ASN A 4 5.95 -4.06 2.34
CA ASN A 4 5.24 -3.42 3.44
C ASN A 4 5.42 -1.90 3.33
N GLY A 5 4.54 -1.18 4.01
CA GLY A 5 4.59 0.27 4.00
C GLY A 5 3.50 0.86 4.90
N LYS A 6 2.96 1.98 4.46
CA LYS A 6 1.92 2.66 5.21
C LYS A 6 0.89 3.25 4.24
N CYS A 7 -0.31 3.44 4.76
CA CYS A 7 -1.39 4.01 3.94
C CYS A 7 -2.03 5.15 4.72
N TYR A 8 -2.89 5.89 4.02
CA TYR A 8 -3.57 7.01 4.64
C TYR A 8 -5.02 7.10 4.16
N LYS A 9 -5.87 7.63 5.04
CA LYS A 9 -7.28 7.77 4.72
C LYS A 9 -7.47 8.95 3.76
N LYS A 10 -7.16 10.14 4.28
CA LYS A 10 -7.29 11.35 3.48
C LYS A 10 -6.82 11.08 2.06
N ASP A 11 -5.62 10.52 1.95
CA ASP A 11 -5.05 10.21 0.66
C ASP A 11 -5.64 8.89 0.16
N ASN A 12 -6.05 8.07 1.12
CA ASN A 12 -6.63 6.77 0.79
C ASN A 12 -5.71 6.04 -0.20
N ILE A 13 -4.43 6.02 0.16
CA ILE A 13 -3.45 5.36 -0.67
C ILE A 13 -2.58 4.44 0.19
N CYS A 14 -1.60 3.81 -0.46
CA CYS A 14 -0.71 2.91 0.25
C CYS A 14 0.72 3.18 -0.24
N LYS A 15 1.51 3.78 0.64
CA LYS A 15 2.89 4.10 0.32
C LYS A 15 3.80 3.00 0.87
N TYR A 16 4.78 2.64 0.07
CA TYR A 16 5.74 1.62 0.46
C TYR A 16 6.95 1.60 -0.47
N LYS A 17 7.93 0.80 -0.10
CA LYS A 17 9.15 0.69 -0.89
C LYS A 17 9.08 -0.58 -1.75
N ALA A 18 9.17 -0.36 -3.06
CA ALA A 18 9.11 -1.47 -4.00
C ALA A 18 10.44 -2.22 -3.97
N GLN A 19 10.45 -3.38 -4.62
CA GLN A 19 11.64 -4.20 -4.68
C GLN A 19 12.86 -3.33 -5.00
N SER A 20 12.72 -2.53 -6.05
CA SER A 20 13.79 -1.65 -6.48
C SER A 20 13.34 -0.19 -6.38
N GLY A 21 12.30 0.02 -5.59
CA GLY A 21 11.77 1.36 -5.40
C GLY A 21 11.09 1.87 -6.69
N LYS A 22 10.99 0.97 -7.66
CA LYS A 22 10.37 1.31 -8.92
C LYS A 22 8.92 1.73 -8.68
N THR A 23 8.43 1.40 -7.50
CA THR A 23 7.07 1.74 -7.13
C THR A 23 7.06 2.80 -6.04
N ALA A 24 5.85 3.14 -5.59
CA ALA A 24 5.69 4.14 -4.55
C ALA A 24 4.25 4.63 -4.54
N ILE A 25 3.61 4.46 -3.39
CA ILE A 25 2.23 4.87 -3.23
C ILE A 25 1.35 4.10 -4.21
N CYS A 26 0.23 3.61 -3.71
CA CYS A 26 -0.69 2.85 -4.52
C CYS A 26 -2.09 2.98 -3.93
N LYS A 27 -2.92 3.76 -4.59
CA LYS A 27 -4.28 3.98 -4.14
C LYS A 27 -4.81 2.70 -3.50
N CYS A 28 -5.53 2.88 -2.40
CA CYS A 28 -6.09 1.75 -1.68
C CYS A 28 -7.46 1.42 -2.29
N TYR A 29 -7.52 0.27 -2.94
CA TYR A 29 -8.75 -0.17 -3.57
C TYR A 29 -9.88 -0.28 -2.55
N VAL A 30 -10.78 -1.23 -2.81
CA VAL A 30 -11.91 -1.45 -1.92
C VAL A 30 -11.46 -1.23 -0.47
N LYS A 31 -10.54 -2.07 -0.03
CA LYS A 31 -10.02 -1.98 1.33
C LYS A 31 -9.52 -0.56 1.58
N LYS A 32 -10.42 0.29 2.06
CA LYS A 32 -10.07 1.67 2.36
C LYS A 32 -9.04 1.70 3.47
N CYS A 33 -8.27 2.79 3.49
CA CYS A 33 -7.24 2.96 4.50
C CYS A 33 -7.92 3.17 5.85
N PRO A 34 -7.37 2.50 6.90
CA PRO A 34 -7.91 2.61 8.24
C PRO A 34 -7.53 3.94 8.87
N ARG A 35 -6.32 4.39 8.57
CA ARG A 35 -5.83 5.64 9.10
C ARG A 35 -4.40 5.90 8.63
N ASP A 36 -4.01 7.16 8.69
CA ASP A 36 -2.67 7.55 8.28
C ASP A 36 -1.63 6.72 9.04
N GLY A 37 -0.64 6.25 8.30
CA GLY A 37 0.41 5.44 8.89
C GLY A 37 0.05 3.95 8.85
N ALA A 38 -1.24 3.68 8.75
CA ALA A 38 -1.73 2.32 8.69
C ALA A 38 -0.79 1.47 7.84
N LYS A 39 -0.21 0.46 8.47
CA LYS A 39 0.70 -0.43 7.77
C LYS A 39 -0.07 -1.26 6.75
N CYS A 40 0.61 -1.58 5.66
CA CYS A 40 0.01 -2.36 4.60
C CYS A 40 1.12 -3.09 3.83
N GLU A 41 0.72 -4.11 3.09
CA GLU A 41 1.66 -4.89 2.32
C GLU A 41 1.15 -5.07 0.89
N PHE A 42 2.06 -4.87 -0.06
CA PHE A 42 1.72 -5.01 -1.46
C PHE A 42 2.10 -6.39 -1.98
N ASP A 43 1.09 -7.17 -2.33
CA ASP A 43 1.31 -8.52 -2.84
C ASP A 43 1.59 -8.44 -4.35
N SER A 44 2.64 -9.12 -4.75
CA SER A 44 3.03 -9.14 -6.15
C SER A 44 2.36 -10.32 -6.86
N TYR A 45 1.83 -11.22 -6.05
CA TYR A 45 1.16 -12.40 -6.59
C TYR A 45 -0.16 -12.03 -7.26
N LYS A 46 -0.53 -10.77 -7.09
CA LYS A 46 -1.77 -10.28 -7.68
C LYS A 46 -1.61 -8.80 -8.04
N GLY A 47 -1.23 -8.01 -7.04
CA GLY A 47 -1.03 -6.59 -7.24
C GLY A 47 -2.05 -5.77 -6.43
N LYS A 48 -2.62 -6.43 -5.44
CA LYS A 48 -3.60 -5.77 -4.58
C LYS A 48 -2.89 -5.05 -3.45
N CYS A 49 -3.67 -4.29 -2.69
CA CYS A 49 -3.14 -3.55 -1.57
C CYS A 49 -3.87 -3.97 -0.30
N TYR A 50 -3.25 -4.89 0.43
CA TYR A 50 -3.84 -5.39 1.67
C TYR A 50 -3.79 -4.32 2.76
N CYS A 51 -4.51 -3.23 2.51
CA CYS A 51 -4.56 -2.13 3.47
C CYS A 51 -5.28 -2.63 4.73
N ALA A 1 6.41 -12.03 -2.74
CA ALA A 1 7.16 -10.83 -3.10
C ALA A 1 6.38 -9.60 -2.62
N THR A 2 5.70 -9.76 -1.50
CA THR A 2 4.91 -8.68 -0.93
C THR A 2 5.83 -7.55 -0.45
N TYR A 3 5.32 -6.33 -0.56
CA TYR A 3 6.08 -5.17 -0.15
C TYR A 3 5.38 -4.44 1.00
N ASN A 4 6.10 -4.31 2.11
CA ASN A 4 5.55 -3.65 3.28
C ASN A 4 5.55 -2.14 3.05
N GLY A 5 4.74 -1.45 3.83
CA GLY A 5 4.63 -0.01 3.71
C GLY A 5 3.45 0.53 4.52
N LYS A 6 3.09 1.77 4.24
CA LYS A 6 1.98 2.41 4.93
C LYS A 6 0.96 2.88 3.90
N CYS A 7 -0.20 3.28 4.42
CA CYS A 7 -1.27 3.77 3.55
C CYS A 7 -1.81 5.08 4.15
N TYR A 8 -2.47 5.84 3.30
CA TYR A 8 -3.04 7.11 3.72
C TYR A 8 -4.55 7.13 3.52
N LYS A 9 -5.24 7.73 4.48
CA LYS A 9 -6.69 7.82 4.42
C LYS A 9 -7.09 9.04 3.59
N LYS A 10 -6.46 10.16 3.91
CA LYS A 10 -6.73 11.41 3.21
C LYS A 10 -6.53 11.19 1.70
N ASP A 11 -5.70 10.21 1.39
CA ASP A 11 -5.40 9.90 0.00
C ASP A 11 -5.98 8.51 -0.33
N ASN A 12 -6.30 7.78 0.72
CA ASN A 12 -6.84 6.44 0.55
C ASN A 12 -5.99 5.65 -0.45
N ILE A 13 -4.72 5.52 -0.10
CA ILE A 13 -3.79 4.79 -0.95
C ILE A 13 -2.86 3.96 -0.08
N CYS A 14 -1.91 3.29 -0.73
CA CYS A 14 -0.95 2.46 -0.03
C CYS A 14 0.42 2.69 -0.64
N LYS A 15 1.32 3.22 0.19
CA LYS A 15 2.68 3.50 -0.24
C LYS A 15 3.63 2.45 0.34
N TYR A 16 4.33 1.77 -0.55
CA TYR A 16 5.27 0.74 -0.14
C TYR A 16 6.53 0.77 -1.01
N LYS A 17 7.58 0.16 -0.48
CA LYS A 17 8.85 0.11 -1.20
C LYS A 17 8.79 -0.98 -2.26
N ALA A 18 9.26 -0.63 -3.45
CA ALA A 18 9.26 -1.56 -4.56
C ALA A 18 10.41 -2.56 -4.38
N GLN A 19 11.32 -2.55 -5.35
CA GLN A 19 12.47 -3.45 -5.30
C GLN A 19 13.76 -2.65 -5.44
N SER A 20 13.61 -1.34 -5.56
CA SER A 20 14.76 -0.46 -5.71
C SER A 20 14.56 0.80 -4.86
N GLY A 21 13.56 0.74 -3.99
CA GLY A 21 13.26 1.86 -3.12
C GLY A 21 12.34 2.87 -3.83
N LYS A 22 12.27 2.74 -5.14
CA LYS A 22 11.45 3.63 -5.94
C LYS A 22 10.13 3.89 -5.21
N THR A 23 9.72 2.89 -4.43
CA THR A 23 8.48 2.99 -3.69
C THR A 23 7.32 3.37 -4.61
N ALA A 24 6.48 2.39 -4.88
CA ALA A 24 5.33 2.60 -5.75
C ALA A 24 4.08 2.79 -4.89
N ILE A 25 3.07 3.40 -5.50
CA ILE A 25 1.82 3.65 -4.81
C ILE A 25 0.73 2.73 -5.39
N CYS A 26 -0.04 2.13 -4.48
CA CYS A 26 -1.11 1.24 -4.89
C CYS A 26 -2.39 1.68 -4.18
N LYS A 27 -3.23 2.39 -4.92
CA LYS A 27 -4.48 2.88 -4.39
C LYS A 27 -5.09 1.80 -3.48
N CYS A 28 -5.85 2.27 -2.50
CA CYS A 28 -6.50 1.37 -1.56
C CYS A 28 -7.68 0.70 -2.26
N TYR A 29 -8.35 -0.17 -1.52
CA TYR A 29 -9.50 -0.88 -2.06
C TYR A 29 -10.10 -1.82 -1.01
N VAL A 30 -11.42 -1.99 -1.10
CA VAL A 30 -12.12 -2.85 -0.17
C VAL A 30 -12.07 -2.24 1.22
N LYS A 31 -10.89 -2.31 1.82
CA LYS A 31 -10.69 -1.76 3.15
C LYS A 31 -9.86 -0.48 3.06
N LYS A 32 -10.52 0.60 2.72
CA LYS A 32 -9.86 1.89 2.60
C LYS A 32 -8.85 2.04 3.73
N CYS A 33 -7.90 2.94 3.52
CA CYS A 33 -6.87 3.20 4.51
C CYS A 33 -7.55 3.64 5.81
N PRO A 34 -7.05 3.06 6.93
CA PRO A 34 -7.61 3.39 8.24
C PRO A 34 -7.15 4.77 8.70
N ARG A 35 -5.93 5.11 8.32
CA ARG A 35 -5.36 6.41 8.68
C ARG A 35 -3.89 6.48 8.28
N ASP A 36 -3.50 7.65 7.80
CA ASP A 36 -2.12 7.85 7.36
C ASP A 36 -1.18 7.17 8.36
N GLY A 37 -0.24 6.42 7.81
CA GLY A 37 0.73 5.70 8.63
C GLY A 37 0.35 4.23 8.77
N ALA A 38 -0.91 3.94 8.47
CA ALA A 38 -1.40 2.58 8.56
C ALA A 38 -0.52 1.66 7.70
N LYS A 39 0.07 0.68 8.37
CA LYS A 39 0.93 -0.27 7.69
C LYS A 39 0.10 -1.11 6.72
N CYS A 40 0.73 -1.50 5.63
CA CYS A 40 0.05 -2.31 4.63
C CYS A 40 1.12 -3.02 3.78
N GLU A 41 0.68 -4.05 3.09
CA GLU A 41 1.59 -4.82 2.24
C GLU A 41 0.99 -4.99 0.84
N PHE A 42 1.83 -4.73 -0.16
CA PHE A 42 1.40 -4.85 -1.55
C PHE A 42 1.71 -6.24 -2.10
N ASP A 43 0.66 -6.94 -2.50
CA ASP A 43 0.82 -8.28 -3.04
C ASP A 43 1.23 -8.17 -4.51
N SER A 44 2.34 -8.81 -4.83
CA SER A 44 2.87 -8.80 -6.18
C SER A 44 2.29 -9.99 -6.97
N TYR A 45 1.17 -10.49 -6.48
CA TYR A 45 0.52 -11.62 -7.12
C TYR A 45 -0.72 -11.17 -7.89
N LYS A 46 -1.30 -10.07 -7.42
CA LYS A 46 -2.49 -9.52 -8.04
C LYS A 46 -2.25 -8.05 -8.39
N GLY A 47 -1.84 -7.29 -7.38
CA GLY A 47 -1.57 -5.88 -7.55
C GLY A 47 -2.55 -5.03 -6.74
N LYS A 48 -3.16 -5.66 -5.75
CA LYS A 48 -4.12 -4.99 -4.90
C LYS A 48 -3.39 -4.40 -3.69
N CYS A 49 -4.16 -3.76 -2.82
CA CYS A 49 -3.59 -3.15 -1.62
C CYS A 49 -4.26 -3.80 -0.41
N TYR A 50 -3.53 -4.73 0.20
CA TYR A 50 -4.03 -5.42 1.37
C TYR A 50 -3.93 -4.54 2.61
N CYS A 51 -4.52 -3.37 2.51
CA CYS A 51 -4.51 -2.42 3.62
C CYS A 51 -5.20 -3.08 4.82
N ALA A 1 6.73 -11.76 -2.85
CA ALA A 1 6.98 -10.57 -3.64
C ALA A 1 6.05 -9.45 -3.17
N THR A 2 5.81 -9.42 -1.87
CA THR A 2 4.94 -8.42 -1.28
C THR A 2 5.76 -7.21 -0.81
N TYR A 3 5.14 -6.05 -0.89
CA TYR A 3 5.79 -4.82 -0.48
C TYR A 3 5.10 -4.21 0.74
N ASN A 4 5.80 -4.22 1.86
CA ASN A 4 5.26 -3.66 3.09
C ASN A 4 5.62 -2.18 3.17
N GLY A 5 4.64 -1.39 3.58
CA GLY A 5 4.83 0.05 3.71
C GLY A 5 3.73 0.67 4.58
N LYS A 6 3.22 1.80 4.11
CA LYS A 6 2.18 2.50 4.83
C LYS A 6 1.14 3.02 3.83
N CYS A 7 -0.03 3.35 4.36
CA CYS A 7 -1.11 3.86 3.53
C CYS A 7 -1.63 5.16 4.16
N TYR A 8 -2.50 5.83 3.43
CA TYR A 8 -3.09 7.08 3.90
C TYR A 8 -4.58 7.13 3.61
N LYS A 9 -5.32 7.64 4.59
CA LYS A 9 -6.76 7.75 4.46
C LYS A 9 -7.09 8.65 3.26
N LYS A 10 -6.86 9.94 3.45
CA LYS A 10 -7.11 10.91 2.40
C LYS A 10 -6.71 10.31 1.05
N ASP A 11 -5.40 10.22 0.86
CA ASP A 11 -4.88 9.68 -0.38
C ASP A 11 -5.48 8.29 -0.63
N ASN A 12 -5.91 7.67 0.46
CA ASN A 12 -6.52 6.35 0.38
C ASN A 12 -5.70 5.50 -0.60
N ILE A 13 -4.43 5.31 -0.28
CA ILE A 13 -3.55 4.52 -1.11
C ILE A 13 -2.60 3.72 -0.21
N CYS A 14 -1.68 3.02 -0.86
CA CYS A 14 -0.71 2.21 -0.14
C CYS A 14 0.67 2.49 -0.72
N LYS A 15 1.51 3.12 0.10
CA LYS A 15 2.86 3.45 -0.33
C LYS A 15 3.85 2.54 0.39
N TYR A 16 4.85 2.09 -0.36
CA TYR A 16 5.87 1.21 0.18
C TYR A 16 7.26 1.58 -0.36
N LYS A 17 8.23 0.77 0.02
CA LYS A 17 9.60 0.99 -0.41
C LYS A 17 9.86 0.20 -1.70
N ALA A 18 8.80 0.02 -2.47
CA ALA A 18 8.90 -0.71 -3.72
C ALA A 18 9.87 -1.88 -3.55
N GLN A 19 10.67 -2.10 -4.58
CA GLN A 19 11.65 -3.17 -4.55
C GLN A 19 13.05 -2.64 -4.85
N SER A 20 13.10 -1.32 -5.05
CA SER A 20 14.37 -0.67 -5.34
C SER A 20 14.38 0.75 -4.77
N GLY A 21 13.47 0.97 -3.82
CA GLY A 21 13.36 2.26 -3.18
C GLY A 21 12.45 3.20 -3.99
N LYS A 22 12.26 2.84 -5.25
CA LYS A 22 11.42 3.64 -6.13
C LYS A 22 10.13 4.01 -5.40
N THR A 23 9.77 3.18 -4.44
CA THR A 23 8.57 3.41 -3.66
C THR A 23 7.37 3.67 -4.59
N ALA A 24 6.51 2.66 -4.69
CA ALA A 24 5.34 2.76 -5.53
C ALA A 24 4.09 2.87 -4.64
N ILE A 25 3.02 3.35 -5.25
CA ILE A 25 1.76 3.50 -4.53
C ILE A 25 0.73 2.54 -5.10
N CYS A 26 -0.04 1.94 -4.20
CA CYS A 26 -1.07 0.99 -4.60
C CYS A 26 -2.40 1.42 -3.97
N LYS A 27 -3.20 2.10 -4.78
CA LYS A 27 -4.49 2.57 -4.33
C LYS A 27 -5.12 1.50 -3.42
N CYS A 28 -5.79 1.98 -2.38
CA CYS A 28 -6.44 1.09 -1.43
C CYS A 28 -7.89 0.86 -1.90
N TYR A 29 -8.23 -0.40 -2.06
CA TYR A 29 -9.57 -0.76 -2.50
C TYR A 29 -10.35 -1.46 -1.38
N VAL A 30 -11.60 -1.06 -1.23
CA VAL A 30 -12.45 -1.63 -0.21
C VAL A 30 -11.89 -1.30 1.18
N LYS A 31 -10.87 -2.06 1.55
CA LYS A 31 -10.24 -1.86 2.85
C LYS A 31 -9.45 -0.54 2.82
N LYS A 32 -10.18 0.54 2.63
CA LYS A 32 -9.58 1.86 2.58
C LYS A 32 -8.54 1.98 3.70
N CYS A 33 -7.71 3.00 3.59
CA CYS A 33 -6.67 3.23 4.58
C CYS A 33 -7.34 3.67 5.89
N PRO A 34 -6.85 3.08 7.01
CA PRO A 34 -7.40 3.40 8.31
C PRO A 34 -6.92 4.77 8.79
N ARG A 35 -5.71 5.10 8.41
CA ARG A 35 -5.12 6.38 8.78
C ARG A 35 -3.67 6.45 8.33
N ASP A 36 -3.26 7.67 7.98
CA ASP A 36 -1.89 7.90 7.52
C ASP A 36 -0.93 7.09 8.40
N GLY A 37 -0.01 6.40 7.74
CA GLY A 37 0.97 5.59 8.45
C GLY A 37 0.55 4.12 8.47
N ALA A 38 -0.76 3.91 8.45
CA ALA A 38 -1.30 2.56 8.47
C ALA A 38 -0.44 1.66 7.59
N LYS A 39 0.07 0.59 8.20
CA LYS A 39 0.91 -0.35 7.49
C LYS A 39 0.04 -1.19 6.56
N CYS A 40 0.65 -1.60 5.44
CA CYS A 40 -0.06 -2.41 4.46
C CYS A 40 0.98 -3.11 3.59
N GLU A 41 0.52 -4.14 2.90
CA GLU A 41 1.40 -4.91 2.03
C GLU A 41 0.75 -5.09 0.65
N PHE A 42 1.53 -4.85 -0.37
CA PHE A 42 1.05 -4.99 -1.74
C PHE A 42 1.47 -6.33 -2.34
N ASP A 43 0.47 -7.11 -2.73
CA ASP A 43 0.72 -8.41 -3.31
C ASP A 43 0.94 -8.26 -4.81
N SER A 44 2.15 -8.61 -5.24
CA SER A 44 2.50 -8.50 -6.65
C SER A 44 1.95 -9.72 -7.41
N TYR A 45 1.21 -10.54 -6.69
CA TYR A 45 0.63 -11.73 -7.28
C TYR A 45 -0.66 -11.40 -8.03
N LYS A 46 -1.49 -10.58 -7.39
CA LYS A 46 -2.75 -10.17 -7.97
C LYS A 46 -2.71 -8.67 -8.29
N GLY A 47 -2.27 -7.91 -7.29
CA GLY A 47 -2.17 -6.47 -7.44
C GLY A 47 -3.14 -5.75 -6.48
N LYS A 48 -3.57 -6.49 -5.47
CA LYS A 48 -4.50 -5.95 -4.49
C LYS A 48 -3.74 -5.03 -3.55
N CYS A 49 -4.42 -4.62 -2.49
CA CYS A 49 -3.82 -3.74 -1.50
C CYS A 49 -4.34 -4.14 -0.12
N TYR A 50 -3.58 -5.01 0.54
CA TYR A 50 -3.95 -5.48 1.86
C TYR A 50 -3.80 -4.37 2.89
N CYS A 51 -4.77 -3.47 2.92
CA CYS A 51 -4.75 -2.36 3.85
C CYS A 51 -5.35 -2.84 5.17
N ALA A 1 6.54 -12.28 -1.95
CA ALA A 1 7.40 -11.12 -1.95
C ALA A 1 6.58 -9.87 -1.66
N THR A 2 5.68 -10.00 -0.71
CA THR A 2 4.82 -8.88 -0.32
C THR A 2 5.67 -7.74 0.25
N TYR A 3 5.36 -6.54 -0.22
CA TYR A 3 6.08 -5.36 0.24
C TYR A 3 5.25 -4.59 1.28
N ASN A 4 5.88 -4.35 2.43
CA ASN A 4 5.22 -3.63 3.50
C ASN A 4 5.58 -2.15 3.40
N GLY A 5 4.67 -1.32 3.90
CA GLY A 5 4.87 0.12 3.88
C GLY A 5 3.82 0.83 4.74
N LYS A 6 3.21 1.85 4.15
CA LYS A 6 2.19 2.61 4.84
C LYS A 6 1.09 3.00 3.86
N CYS A 7 -0.06 3.34 4.42
CA CYS A 7 -1.20 3.73 3.61
C CYS A 7 -1.80 5.02 4.19
N TYR A 8 -2.66 5.65 3.41
CA TYR A 8 -3.29 6.89 3.84
C TYR A 8 -4.80 6.82 3.62
N LYS A 9 -5.54 7.27 4.62
CA LYS A 9 -6.99 7.27 4.55
C LYS A 9 -7.45 8.48 3.74
N LYS A 10 -6.91 9.64 4.10
CA LYS A 10 -7.26 10.87 3.42
C LYS A 10 -7.02 10.70 1.92
N ASP A 11 -6.11 9.81 1.59
CA ASP A 11 -5.77 9.55 0.20
C ASP A 11 -6.28 8.16 -0.18
N ASN A 12 -6.63 7.38 0.83
CA ASN A 12 -7.13 6.04 0.61
C ASN A 12 -6.25 5.34 -0.43
N ILE A 13 -4.97 5.25 -0.10
CA ILE A 13 -4.01 4.60 -1.00
C ILE A 13 -3.03 3.77 -0.17
N CYS A 14 -2.24 2.98 -0.88
CA CYS A 14 -1.26 2.13 -0.22
C CYS A 14 0.12 2.51 -0.75
N LYS A 15 1.00 2.89 0.17
CA LYS A 15 2.35 3.28 -0.18
C LYS A 15 3.33 2.27 0.41
N TYR A 16 4.43 2.07 -0.30
CA TYR A 16 5.45 1.14 0.14
C TYR A 16 6.79 1.41 -0.58
N LYS A 17 7.73 0.51 -0.34
CA LYS A 17 9.05 0.64 -0.96
C LYS A 17 8.95 0.29 -2.44
N ALA A 18 7.87 -0.39 -2.79
CA ALA A 18 7.64 -0.79 -4.16
C ALA A 18 8.44 -2.06 -4.46
N GLN A 19 8.63 -2.32 -5.75
CA GLN A 19 9.37 -3.49 -6.18
C GLN A 19 10.84 -3.13 -6.40
N SER A 20 11.06 -2.29 -7.40
CA SER A 20 12.40 -1.85 -7.73
C SER A 20 13.22 -1.65 -6.45
N GLY A 21 12.52 -1.24 -5.40
CA GLY A 21 13.16 -1.01 -4.12
C GLY A 21 13.03 0.45 -3.69
N LYS A 22 12.61 1.27 -4.65
CA LYS A 22 12.44 2.69 -4.38
C LYS A 22 11.11 2.91 -3.64
N THR A 23 10.14 3.45 -4.37
CA THR A 23 8.84 3.71 -3.79
C THR A 23 7.76 3.73 -4.89
N ALA A 24 6.52 3.62 -4.45
CA ALA A 24 5.40 3.62 -5.37
C ALA A 24 4.08 3.64 -4.58
N ILE A 25 3.03 4.09 -5.25
CA ILE A 25 1.73 4.16 -4.64
C ILE A 25 0.75 3.25 -5.38
N CYS A 26 -0.28 2.83 -4.68
CA CYS A 26 -1.28 1.95 -5.26
C CYS A 26 -2.62 2.24 -4.58
N LYS A 27 -3.44 3.02 -5.27
CA LYS A 27 -4.76 3.38 -4.75
C LYS A 27 -5.36 2.17 -4.04
N CYS A 28 -6.06 2.46 -2.95
CA CYS A 28 -6.69 1.42 -2.17
C CYS A 28 -8.14 1.26 -2.67
N TYR A 29 -8.45 0.03 -3.08
CA TYR A 29 -9.79 -0.27 -3.57
C TYR A 29 -10.54 -1.21 -2.62
N VAL A 30 -9.89 -1.48 -1.49
CA VAL A 30 -10.48 -2.35 -0.49
C VAL A 30 -10.61 -1.59 0.83
N LYS A 31 -10.37 -2.31 1.92
CA LYS A 31 -10.46 -1.73 3.24
C LYS A 31 -9.67 -0.41 3.26
N LYS A 32 -10.38 0.67 3.01
CA LYS A 32 -9.76 1.99 3.00
C LYS A 32 -8.73 2.07 4.14
N CYS A 33 -7.72 2.90 3.92
CA CYS A 33 -6.68 3.09 4.91
C CYS A 33 -7.32 3.55 6.21
N PRO A 34 -6.77 3.02 7.35
CA PRO A 34 -7.28 3.37 8.66
C PRO A 34 -6.85 4.78 9.06
N ARG A 35 -5.61 5.09 8.75
CA ARG A 35 -5.06 6.41 9.07
C ARG A 35 -3.66 6.55 8.48
N ASP A 36 -3.39 7.74 7.96
CA ASP A 36 -2.10 8.03 7.36
C ASP A 36 -1.01 7.33 8.18
N GLY A 37 -0.11 6.66 7.45
CA GLY A 37 0.98 5.95 8.10
C GLY A 37 0.62 4.48 8.33
N ALA A 38 -0.67 4.23 8.38
CA ALA A 38 -1.17 2.87 8.58
C ALA A 38 -0.33 1.90 7.75
N LYS A 39 0.27 0.94 8.44
CA LYS A 39 1.10 -0.05 7.78
C LYS A 39 0.23 -0.91 6.86
N CYS A 40 0.84 -1.39 5.79
CA CYS A 40 0.14 -2.22 4.84
C CYS A 40 1.15 -3.10 4.11
N GLU A 41 0.64 -3.96 3.25
CA GLU A 41 1.49 -4.86 2.49
C GLU A 41 0.97 -5.03 1.07
N PHE A 42 1.86 -4.83 0.11
CA PHE A 42 1.49 -4.95 -1.29
C PHE A 42 1.90 -6.32 -1.85
N ASP A 43 1.00 -6.92 -2.60
CA ASP A 43 1.26 -8.21 -3.20
C ASP A 43 2.10 -8.03 -4.46
N SER A 44 3.17 -8.82 -4.54
CA SER A 44 4.07 -8.76 -5.68
C SER A 44 3.59 -9.71 -6.77
N TYR A 45 2.36 -9.48 -7.23
CA TYR A 45 1.78 -10.30 -8.27
C TYR A 45 0.29 -10.00 -8.44
N LYS A 46 -0.33 -9.59 -7.35
CA LYS A 46 -1.75 -9.26 -7.37
C LYS A 46 -1.92 -7.80 -7.82
N GLY A 47 -0.97 -6.98 -7.44
CA GLY A 47 -1.00 -5.57 -7.81
C GLY A 47 -2.06 -4.82 -6.99
N LYS A 48 -2.48 -5.46 -5.90
CA LYS A 48 -3.48 -4.87 -5.03
C LYS A 48 -2.81 -4.33 -3.77
N CYS A 49 -3.63 -3.85 -2.84
CA CYS A 49 -3.12 -3.32 -1.59
C CYS A 49 -3.91 -3.95 -0.44
N TYR A 50 -3.35 -5.02 0.11
CA TYR A 50 -3.98 -5.72 1.20
C TYR A 50 -4.01 -4.86 2.47
N CYS A 51 -4.71 -3.74 2.37
CA CYS A 51 -4.83 -2.83 3.49
C CYS A 51 -5.80 -3.43 4.51
N ALA A 1 6.18 -11.68 -3.09
CA ALA A 1 6.87 -10.43 -3.38
C ALA A 1 6.04 -9.26 -2.87
N THR A 2 5.59 -9.38 -1.63
CA THR A 2 4.79 -8.34 -1.01
C THR A 2 5.68 -7.21 -0.52
N TYR A 3 5.21 -5.99 -0.73
CA TYR A 3 5.95 -4.81 -0.31
C TYR A 3 5.27 -4.13 0.89
N ASN A 4 6.00 -4.08 1.99
CA ASN A 4 5.49 -3.46 3.20
C ASN A 4 5.59 -1.94 3.08
N GLY A 5 4.81 -1.26 3.91
CA GLY A 5 4.81 0.19 3.91
C GLY A 5 3.63 0.73 4.71
N LYS A 6 3.22 1.94 4.36
CA LYS A 6 2.12 2.59 5.04
C LYS A 6 1.06 3.01 4.02
N CYS A 7 -0.10 3.38 4.52
CA CYS A 7 -1.20 3.80 3.66
C CYS A 7 -1.81 5.07 4.25
N TYR A 8 -2.67 5.70 3.46
CA TYR A 8 -3.32 6.93 3.89
C TYR A 8 -4.83 6.86 3.63
N LYS A 9 -5.59 7.32 4.61
CA LYS A 9 -7.03 7.32 4.50
C LYS A 9 -7.49 8.53 3.68
N LYS A 10 -7.01 9.69 4.09
CA LYS A 10 -7.35 10.93 3.40
C LYS A 10 -7.07 10.76 1.90
N ASP A 11 -6.08 9.95 1.61
CA ASP A 11 -5.70 9.70 0.22
C ASP A 11 -6.21 8.32 -0.20
N ASN A 12 -6.50 7.51 0.81
CA ASN A 12 -6.99 6.16 0.56
C ASN A 12 -6.07 5.46 -0.43
N ILE A 13 -4.83 5.26 -0.01
CA ILE A 13 -3.84 4.60 -0.84
C ILE A 13 -2.79 3.93 0.04
N CYS A 14 -2.01 3.07 -0.58
CA CYS A 14 -0.95 2.35 0.13
C CYS A 14 0.39 2.65 -0.55
N LYS A 15 1.34 3.08 0.26
CA LYS A 15 2.66 3.39 -0.24
C LYS A 15 3.67 2.39 0.31
N TYR A 16 4.62 2.03 -0.54
CA TYR A 16 5.65 1.08 -0.14
C TYR A 16 6.90 1.23 -1.02
N LYS A 17 7.98 0.63 -0.56
CA LYS A 17 9.24 0.69 -1.29
C LYS A 17 9.20 -0.29 -2.45
N ALA A 18 9.52 0.22 -3.63
CA ALA A 18 9.52 -0.61 -4.82
C ALA A 18 10.66 -1.64 -4.74
N GLN A 19 10.42 -2.79 -5.35
CA GLN A 19 11.41 -3.85 -5.35
C GLN A 19 12.81 -3.28 -5.57
N SER A 20 12.85 -2.18 -6.31
CA SER A 20 14.12 -1.52 -6.60
C SER A 20 14.63 -0.79 -5.36
N GLY A 21 13.78 0.08 -4.83
CA GLY A 21 14.14 0.84 -3.64
C GLY A 21 13.35 2.16 -3.59
N LYS A 22 12.89 2.58 -4.75
CA LYS A 22 12.12 3.81 -4.84
C LYS A 22 10.85 3.69 -4.01
N THR A 23 9.73 3.91 -4.67
CA THR A 23 8.44 3.82 -4.00
C THR A 23 7.32 3.61 -5.02
N ALA A 24 6.39 2.74 -4.64
CA ALA A 24 5.26 2.43 -5.52
C ALA A 24 3.97 2.54 -4.72
N ILE A 25 3.04 3.32 -5.26
CA ILE A 25 1.75 3.52 -4.62
C ILE A 25 0.76 2.48 -5.13
N CYS A 26 -0.05 1.97 -4.22
CA CYS A 26 -1.04 0.97 -4.57
C CYS A 26 -2.41 1.48 -4.11
N LYS A 27 -3.16 2.02 -5.05
CA LYS A 27 -4.49 2.54 -4.75
C LYS A 27 -5.19 1.59 -3.77
N CYS A 28 -6.00 2.20 -2.90
CA CYS A 28 -6.72 1.43 -1.91
C CYS A 28 -8.13 1.17 -2.45
N TYR A 29 -8.21 0.24 -3.38
CA TYR A 29 -9.49 -0.12 -3.99
C TYR A 29 -10.01 -1.44 -3.43
N VAL A 30 -9.82 -1.60 -2.12
CA VAL A 30 -10.27 -2.82 -1.46
C VAL A 30 -10.44 -2.54 0.04
N LYS A 31 -9.30 -2.48 0.72
CA LYS A 31 -9.31 -2.22 2.15
C LYS A 31 -8.83 -0.79 2.41
N LYS A 32 -9.78 0.14 2.35
CA LYS A 32 -9.46 1.54 2.57
C LYS A 32 -8.44 1.66 3.70
N CYS A 33 -7.72 2.77 3.68
CA CYS A 33 -6.71 3.02 4.70
C CYS A 33 -7.40 3.48 5.97
N PRO A 34 -6.91 2.96 7.12
CA PRO A 34 -7.47 3.31 8.42
C PRO A 34 -7.05 4.72 8.84
N ARG A 35 -5.84 5.07 8.45
CA ARG A 35 -5.29 6.39 8.78
C ARG A 35 -3.86 6.50 8.29
N ASP A 36 -3.48 7.72 7.94
CA ASP A 36 -2.14 7.99 7.45
C ASP A 36 -1.13 7.27 8.34
N GLY A 37 -0.22 6.56 7.69
CA GLY A 37 0.81 5.82 8.41
C GLY A 37 0.44 4.34 8.53
N ALA A 38 -0.87 4.10 8.52
CA ALA A 38 -1.36 2.73 8.63
C ALA A 38 -0.48 1.81 7.79
N LYS A 39 0.09 0.82 8.46
CA LYS A 39 0.95 -0.14 7.79
C LYS A 39 0.11 -1.02 6.88
N CYS A 40 0.72 -1.45 5.78
CA CYS A 40 0.04 -2.31 4.83
C CYS A 40 1.09 -2.88 3.87
N GLU A 41 0.70 -3.94 3.19
CA GLU A 41 1.59 -4.60 2.24
C GLU A 41 0.91 -4.71 0.87
N PHE A 42 1.73 -4.60 -0.16
CA PHE A 42 1.23 -4.69 -1.53
C PHE A 42 1.54 -6.04 -2.14
N ASP A 43 0.48 -6.82 -2.35
CA ASP A 43 0.62 -8.15 -2.92
C ASP A 43 0.91 -8.02 -4.42
N SER A 44 2.01 -8.64 -4.83
CA SER A 44 2.42 -8.60 -6.22
C SER A 44 1.79 -9.78 -6.98
N TYR A 45 0.80 -10.39 -6.35
CA TYR A 45 0.11 -11.52 -6.94
C TYR A 45 -1.15 -11.07 -7.68
N LYS A 46 -1.74 -9.99 -7.16
CA LYS A 46 -2.95 -9.45 -7.76
C LYS A 46 -2.77 -7.95 -7.99
N GLY A 47 -2.27 -7.28 -6.96
CA GLY A 47 -2.04 -5.85 -7.03
C GLY A 47 -3.01 -5.09 -6.11
N LYS A 48 -3.46 -5.80 -5.09
CA LYS A 48 -4.39 -5.21 -4.13
C LYS A 48 -3.60 -4.54 -3.01
N CYS A 49 -4.33 -3.88 -2.13
CA CYS A 49 -3.72 -3.19 -1.01
C CYS A 49 -4.29 -3.77 0.28
N TYR A 50 -3.62 -4.79 0.80
CA TYR A 50 -4.06 -5.43 2.03
C TYR A 50 -3.90 -4.49 3.22
N CYS A 51 -4.71 -3.44 3.21
CA CYS A 51 -4.69 -2.46 4.28
C CYS A 51 -5.37 -3.07 5.51
N ALA A 1 6.25 -12.10 -2.10
CA ALA A 1 7.03 -10.89 -2.33
C ALA A 1 6.18 -9.67 -2.00
N THR A 2 5.44 -9.78 -0.91
CA THR A 2 4.58 -8.68 -0.47
C THR A 2 5.42 -7.59 0.18
N TYR A 3 5.26 -6.38 -0.35
CA TYR A 3 6.00 -5.23 0.17
C TYR A 3 5.20 -4.53 1.27
N ASN A 4 5.85 -4.38 2.42
CA ASN A 4 5.22 -3.73 3.55
C ASN A 4 5.38 -2.22 3.42
N GLY A 5 4.56 -1.50 4.17
CA GLY A 5 4.60 -0.05 4.15
C GLY A 5 3.48 0.55 4.99
N LYS A 6 2.93 1.65 4.51
CA LYS A 6 1.85 2.32 5.21
C LYS A 6 0.82 2.81 4.19
N CYS A 7 -0.32 3.25 4.71
CA CYS A 7 -1.39 3.75 3.86
C CYS A 7 -1.93 5.04 4.48
N TYR A 8 -2.48 5.88 3.62
CA TYR A 8 -3.03 7.16 4.06
C TYR A 8 -4.55 7.18 3.86
N LYS A 9 -5.24 7.65 4.91
CA LYS A 9 -6.69 7.73 4.85
C LYS A 9 -7.10 8.66 3.71
N LYS A 10 -6.81 9.94 3.89
CA LYS A 10 -7.14 10.93 2.88
C LYS A 10 -6.84 10.36 1.50
N ASP A 11 -5.55 10.31 1.19
CA ASP A 11 -5.11 9.79 -0.10
C ASP A 11 -5.71 8.40 -0.32
N ASN A 12 -6.09 7.78 0.79
CA ASN A 12 -6.69 6.46 0.73
C ASN A 12 -5.90 5.61 -0.28
N ILE A 13 -4.64 5.37 0.03
CA ILE A 13 -3.79 4.58 -0.83
C ILE A 13 -2.88 3.69 0.03
N CYS A 14 -1.98 3.00 -0.65
CA CYS A 14 -1.05 2.12 0.04
C CYS A 14 0.38 2.53 -0.32
N LYS A 15 1.01 3.22 0.62
CA LYS A 15 2.38 3.68 0.40
C LYS A 15 3.36 2.64 0.95
N TYR A 16 4.30 2.26 0.10
CA TYR A 16 5.29 1.27 0.49
C TYR A 16 6.54 1.38 -0.38
N LYS A 17 7.54 0.58 -0.04
CA LYS A 17 8.79 0.58 -0.79
C LYS A 17 8.75 -0.56 -1.82
N ALA A 18 9.31 -0.26 -2.99
CA ALA A 18 9.34 -1.23 -4.07
C ALA A 18 10.65 -2.02 -3.99
N GLN A 19 10.65 -3.17 -4.67
CA GLN A 19 11.83 -4.02 -4.68
C GLN A 19 13.07 -3.21 -5.09
N SER A 20 12.82 -2.17 -5.86
CA SER A 20 13.90 -1.31 -6.32
C SER A 20 13.59 0.15 -5.99
N GLY A 21 12.71 0.33 -5.03
CA GLY A 21 12.31 1.67 -4.61
C GLY A 21 11.62 2.42 -5.75
N LYS A 22 11.30 1.67 -6.80
CA LYS A 22 10.64 2.26 -7.95
C LYS A 22 9.20 2.62 -7.59
N THR A 23 8.41 1.59 -7.35
CA THR A 23 7.02 1.78 -7.00
C THR A 23 6.88 2.81 -5.87
N ALA A 24 5.64 3.07 -5.49
CA ALA A 24 5.38 4.03 -4.43
C ALA A 24 3.88 4.38 -4.44
N ILE A 25 3.25 4.11 -3.31
CA ILE A 25 1.82 4.40 -3.18
C ILE A 25 1.04 3.57 -4.20
N CYS A 26 -0.05 2.99 -3.73
CA CYS A 26 -0.89 2.16 -4.57
C CYS A 26 -2.35 2.41 -4.19
N LYS A 27 -3.07 3.07 -5.08
CA LYS A 27 -4.47 3.37 -4.84
C LYS A 27 -5.11 2.21 -4.08
N CYS A 28 -5.85 2.56 -3.04
CA CYS A 28 -6.51 1.56 -2.22
C CYS A 28 -7.95 1.42 -2.72
N TYR A 29 -8.29 0.20 -3.12
CA TYR A 29 -9.63 -0.08 -3.63
C TYR A 29 -10.35 -1.07 -2.72
N VAL A 30 -9.69 -1.44 -1.63
CA VAL A 30 -10.25 -2.38 -0.69
C VAL A 30 -10.44 -1.69 0.66
N LYS A 31 -10.07 -2.41 1.72
CA LYS A 31 -10.19 -1.88 3.06
C LYS A 31 -9.52 -0.51 3.13
N LYS A 32 -10.30 0.53 2.87
CA LYS A 32 -9.79 1.88 2.89
C LYS A 32 -8.79 2.02 4.04
N CYS A 33 -7.88 2.98 3.88
CA CYS A 33 -6.87 3.23 4.88
C CYS A 33 -7.56 3.68 6.17
N PRO A 34 -7.11 3.10 7.30
CA PRO A 34 -7.67 3.44 8.60
C PRO A 34 -7.20 4.82 9.07
N ARG A 35 -5.97 5.15 8.67
CA ARG A 35 -5.38 6.43 9.04
C ARG A 35 -3.91 6.47 8.63
N ASP A 36 -3.51 7.64 8.14
CA ASP A 36 -2.12 7.83 7.71
C ASP A 36 -1.19 7.10 8.67
N GLY A 37 -0.28 6.33 8.10
CA GLY A 37 0.67 5.57 8.90
C GLY A 37 0.25 4.10 9.01
N ALA A 38 -1.02 3.86 8.76
CA ALA A 38 -1.56 2.51 8.83
C ALA A 38 -0.71 1.59 7.97
N LYS A 39 -0.15 0.58 8.59
CA LYS A 39 0.69 -0.39 7.90
C LYS A 39 -0.16 -1.10 6.83
N CYS A 40 0.52 -1.48 5.76
CA CYS A 40 -0.16 -2.17 4.67
C CYS A 40 0.90 -2.94 3.86
N GLU A 41 0.43 -3.90 3.09
CA GLU A 41 1.32 -4.70 2.26
C GLU A 41 0.80 -4.74 0.82
N PHE A 42 1.74 -4.77 -0.11
CA PHE A 42 1.40 -4.82 -1.52
C PHE A 42 1.73 -6.19 -2.12
N ASP A 43 0.68 -6.91 -2.48
CA ASP A 43 0.84 -8.23 -3.07
C ASP A 43 1.45 -8.09 -4.47
N SER A 44 2.49 -8.87 -4.69
CA SER A 44 3.17 -8.85 -5.98
C SER A 44 2.61 -9.94 -6.89
N TYR A 45 2.01 -10.95 -6.25
CA TYR A 45 1.43 -12.05 -7.00
C TYR A 45 0.27 -11.59 -7.87
N LYS A 46 -0.14 -10.35 -7.63
CA LYS A 46 -1.24 -9.76 -8.38
C LYS A 46 -0.96 -8.29 -8.63
N GLY A 47 -0.71 -7.57 -7.54
CA GLY A 47 -0.44 -6.15 -7.62
C GLY A 47 -1.61 -5.33 -7.10
N LYS A 48 -2.17 -5.78 -5.98
CA LYS A 48 -3.30 -5.09 -5.39
C LYS A 48 -2.87 -4.51 -4.04
N CYS A 49 -3.83 -3.87 -3.38
CA CYS A 49 -3.57 -3.25 -2.09
C CYS A 49 -4.26 -4.09 -1.01
N TYR A 50 -3.50 -4.38 0.04
CA TYR A 50 -4.02 -5.18 1.14
C TYR A 50 -3.91 -4.41 2.46
N CYS A 51 -4.39 -3.18 2.44
CA CYS A 51 -4.35 -2.35 3.62
C CYS A 51 -5.10 -3.06 4.75
N ALA A 1 6.66 -11.72 -2.26
CA ALA A 1 7.31 -10.49 -2.68
C ALA A 1 6.46 -9.29 -2.26
N THR A 2 5.76 -9.46 -1.15
CA THR A 2 4.90 -8.41 -0.63
C THR A 2 5.75 -7.25 -0.09
N TYR A 3 5.27 -6.04 -0.35
CA TYR A 3 5.97 -4.85 0.09
C TYR A 3 5.23 -4.17 1.26
N ASN A 4 5.88 -4.14 2.40
CA ASN A 4 5.30 -3.53 3.58
C ASN A 4 5.59 -2.03 3.57
N GLY A 5 4.64 -1.28 4.10
CA GLY A 5 4.78 0.18 4.16
C GLY A 5 3.69 0.79 5.03
N LYS A 6 3.09 1.85 4.51
CA LYS A 6 2.03 2.54 5.22
C LYS A 6 1.00 3.08 4.22
N CYS A 7 -0.21 3.28 4.71
CA CYS A 7 -1.29 3.77 3.87
C CYS A 7 -1.77 5.10 4.45
N TYR A 8 -2.58 5.80 3.67
CA TYR A 8 -3.12 7.08 4.09
C TYR A 8 -4.62 7.17 3.80
N LYS A 9 -5.36 7.56 4.82
CA LYS A 9 -6.80 7.69 4.68
C LYS A 9 -7.12 8.66 3.53
N LYS A 10 -6.83 9.93 3.78
CA LYS A 10 -7.08 10.95 2.77
C LYS A 10 -6.71 10.41 1.39
N ASP A 11 -5.41 10.37 1.14
CA ASP A 11 -4.92 9.87 -0.14
C ASP A 11 -5.53 8.49 -0.41
N ASN A 12 -5.98 7.86 0.65
CA ASN A 12 -6.59 6.54 0.54
C ASN A 12 -5.79 5.71 -0.48
N ILE A 13 -4.54 5.46 -0.14
CA ILE A 13 -3.67 4.69 -1.01
C ILE A 13 -2.79 3.76 -0.16
N CYS A 14 -1.90 3.06 -0.83
CA CYS A 14 -1.00 2.13 -0.16
C CYS A 14 0.44 2.57 -0.45
N LYS A 15 1.06 3.16 0.56
CA LYS A 15 2.44 3.62 0.43
C LYS A 15 3.39 2.54 0.94
N TYR A 16 4.40 2.26 0.14
CA TYR A 16 5.38 1.26 0.50
C TYR A 16 6.68 1.45 -0.30
N LYS A 17 7.73 0.78 0.17
CA LYS A 17 9.02 0.86 -0.49
C LYS A 17 9.20 -0.36 -1.41
N ALA A 18 8.98 -0.13 -2.69
CA ALA A 18 9.12 -1.20 -3.68
C ALA A 18 10.44 -1.94 -3.43
N GLN A 19 10.61 -3.02 -4.17
CA GLN A 19 11.82 -3.82 -4.05
C GLN A 19 13.05 -2.97 -4.36
N SER A 20 12.92 -2.15 -5.40
CA SER A 20 14.02 -1.28 -5.81
C SER A 20 13.64 0.18 -5.55
N GLY A 21 12.45 0.37 -5.00
CA GLY A 21 11.97 1.70 -4.70
C GLY A 21 11.34 2.35 -5.94
N LYS A 22 11.43 1.63 -7.05
CA LYS A 22 10.88 2.12 -8.31
C LYS A 22 9.42 2.53 -8.09
N THR A 23 8.74 1.76 -7.25
CA THR A 23 7.35 2.03 -6.94
C THR A 23 7.23 3.06 -5.82
N ALA A 24 6.00 3.29 -5.39
CA ALA A 24 5.74 4.24 -4.33
C ALA A 24 4.26 4.64 -4.35
N ILE A 25 3.57 4.29 -3.27
CA ILE A 25 2.16 4.60 -3.16
C ILE A 25 1.40 3.89 -4.28
N CYS A 26 0.21 3.40 -3.93
CA CYS A 26 -0.63 2.71 -4.90
C CYS A 26 -2.07 2.77 -4.40
N LYS A 27 -2.93 3.35 -5.23
CA LYS A 27 -4.34 3.47 -4.89
C LYS A 27 -4.74 2.30 -3.99
N CYS A 28 -5.58 2.60 -3.02
CA CYS A 28 -6.05 1.58 -2.09
C CYS A 28 -7.28 0.91 -2.71
N TYR A 29 -7.83 -0.04 -1.96
CA TYR A 29 -9.01 -0.76 -2.41
C TYR A 29 -9.45 -1.80 -1.38
N VAL A 30 -10.68 -2.25 -1.52
CA VAL A 30 -11.23 -3.25 -0.61
C VAL A 30 -11.52 -2.58 0.73
N LYS A 31 -10.46 -2.30 1.46
CA LYS A 31 -10.58 -1.68 2.76
C LYS A 31 -9.75 -0.39 2.78
N LYS A 32 -10.43 0.73 2.56
CA LYS A 32 -9.78 2.02 2.55
C LYS A 32 -8.76 2.08 3.70
N CYS A 33 -7.83 3.02 3.58
CA CYS A 33 -6.80 3.19 4.58
C CYS A 33 -7.48 3.57 5.90
N PRO A 34 -6.99 2.92 7.00
CA PRO A 34 -7.55 3.17 8.32
C PRO A 34 -7.07 4.52 8.86
N ARG A 35 -5.84 4.87 8.49
CA ARG A 35 -5.26 6.12 8.93
C ARG A 35 -3.79 6.21 8.52
N ASP A 36 -3.38 7.41 8.16
CA ASP A 36 -2.00 7.63 7.74
C ASP A 36 -1.06 6.84 8.66
N GLY A 37 -0.06 6.23 8.04
CA GLY A 37 0.91 5.45 8.79
C GLY A 37 0.47 3.98 8.88
N ALA A 38 -0.82 3.77 8.76
CA ALA A 38 -1.39 2.43 8.83
C ALA A 38 -0.54 1.49 7.97
N LYS A 39 0.05 0.50 8.63
CA LYS A 39 0.88 -0.47 7.94
C LYS A 39 0.04 -1.21 6.90
N CYS A 40 0.69 -1.60 5.83
CA CYS A 40 0.02 -2.32 4.76
C CYS A 40 1.06 -3.14 3.99
N GLU A 41 0.56 -4.01 3.13
CA GLU A 41 1.43 -4.85 2.33
C GLU A 41 0.88 -5.00 0.91
N PHE A 42 1.73 -4.70 -0.06
CA PHE A 42 1.33 -4.80 -1.45
C PHE A 42 1.73 -6.15 -2.05
N ASP A 43 0.71 -6.92 -2.43
CA ASP A 43 0.94 -8.23 -3.00
C ASP A 43 1.43 -8.07 -4.44
N SER A 44 2.47 -8.80 -4.77
CA SER A 44 3.04 -8.76 -6.11
C SER A 44 2.60 -9.99 -6.90
N TYR A 45 1.56 -10.63 -6.41
CA TYR A 45 1.03 -11.82 -7.06
C TYR A 45 -0.32 -11.54 -7.71
N LYS A 46 -0.91 -10.43 -7.31
CA LYS A 46 -2.20 -10.03 -7.85
C LYS A 46 -2.13 -8.60 -8.36
N GLY A 47 -1.63 -7.72 -7.49
CA GLY A 47 -1.50 -6.31 -7.84
C GLY A 47 -2.57 -5.47 -7.14
N LYS A 48 -3.03 -5.98 -6.01
CA LYS A 48 -4.04 -5.29 -5.23
C LYS A 48 -3.41 -4.69 -3.98
N CYS A 49 -4.21 -3.93 -3.25
CA CYS A 49 -3.74 -3.30 -2.03
C CYS A 49 -4.43 -3.98 -0.84
N TYR A 50 -3.69 -4.86 -0.19
CA TYR A 50 -4.21 -5.59 0.96
C TYR A 50 -4.22 -4.70 2.20
N CYS A 51 -4.86 -3.56 2.09
CA CYS A 51 -4.95 -2.62 3.18
C CYS A 51 -5.90 -3.20 4.24
N ALA A 1 6.23 -12.10 -2.21
CA ALA A 1 6.99 -10.93 -2.60
C ALA A 1 6.22 -9.66 -2.20
N THR A 2 5.38 -9.82 -1.19
CA THR A 2 4.58 -8.71 -0.70
C THR A 2 5.49 -7.57 -0.22
N TYR A 3 5.00 -6.35 -0.41
CA TYR A 3 5.75 -5.18 0.01
C TYR A 3 5.01 -4.41 1.10
N ASN A 4 5.66 -4.33 2.25
CA ASN A 4 5.07 -3.62 3.38
C ASN A 4 5.44 -2.14 3.31
N GLY A 5 4.57 -1.31 3.86
CA GLY A 5 4.80 0.13 3.86
C GLY A 5 3.77 0.83 4.75
N LYS A 6 3.15 1.85 4.18
CA LYS A 6 2.15 2.63 4.91
C LYS A 6 1.07 3.09 3.93
N CYS A 7 -0.08 3.45 4.50
CA CYS A 7 -1.20 3.90 3.70
C CYS A 7 -1.80 5.14 4.37
N TYR A 8 -2.58 5.88 3.59
CA TYR A 8 -3.22 7.08 4.10
C TYR A 8 -4.71 7.09 3.77
N LYS A 9 -5.51 7.28 4.81
CA LYS A 9 -6.96 7.31 4.64
C LYS A 9 -7.32 8.37 3.59
N LYS A 10 -6.90 9.59 3.87
CA LYS A 10 -7.18 10.70 2.96
C LYS A 10 -6.92 10.24 1.52
N ASP A 11 -5.66 10.17 1.17
CA ASP A 11 -5.27 9.75 -0.17
C ASP A 11 -5.73 8.31 -0.40
N ASN A 12 -6.14 7.67 0.68
CA ASN A 12 -6.60 6.29 0.61
C ASN A 12 -5.77 5.53 -0.42
N ILE A 13 -4.50 5.31 -0.06
CA ILE A 13 -3.60 4.60 -0.94
C ILE A 13 -2.63 3.77 -0.09
N CYS A 14 -1.94 2.86 -0.77
CA CYS A 14 -0.98 2.00 -0.09
C CYS A 14 0.42 2.30 -0.66
N LYS A 15 1.28 2.79 0.21
CA LYS A 15 2.64 3.12 -0.19
C LYS A 15 3.58 1.99 0.24
N TYR A 16 4.48 1.64 -0.66
CA TYR A 16 5.44 0.58 -0.38
C TYR A 16 6.67 0.70 -1.28
N LYS A 17 7.73 0.01 -0.88
CA LYS A 17 8.96 0.03 -1.65
C LYS A 17 8.74 -0.66 -3.00
N ALA A 18 9.63 -0.38 -3.93
CA ALA A 18 9.54 -0.97 -5.26
C ALA A 18 10.82 -1.77 -5.55
N GLN A 19 11.29 -2.46 -4.52
CA GLN A 19 12.49 -3.26 -4.65
C GLN A 19 13.72 -2.35 -4.84
N SER A 20 13.66 -1.54 -5.89
CA SER A 20 14.74 -0.62 -6.19
C SER A 20 14.62 0.63 -5.32
N GLY A 21 13.66 0.59 -4.41
CA GLY A 21 13.43 1.72 -3.52
C GLY A 21 12.53 2.76 -4.18
N LYS A 22 12.32 2.59 -5.47
CA LYS A 22 11.48 3.50 -6.24
C LYS A 22 10.25 3.86 -5.40
N THR A 23 9.86 2.93 -4.55
CA THR A 23 8.70 3.13 -3.70
C THR A 23 7.52 3.66 -4.52
N ALA A 24 6.60 2.75 -4.83
CA ALA A 24 5.43 3.11 -5.61
C ALA A 24 4.20 3.13 -4.69
N ILE A 25 3.09 3.55 -5.26
CA ILE A 25 1.85 3.63 -4.51
C ILE A 25 0.85 2.60 -5.07
N CYS A 26 -0.09 2.21 -4.22
CA CYS A 26 -1.10 1.25 -4.62
C CYS A 26 -2.45 1.70 -4.05
N LYS A 27 -3.27 2.25 -4.92
CA LYS A 27 -4.58 2.72 -4.52
C LYS A 27 -5.20 1.72 -3.55
N CYS A 28 -6.00 2.25 -2.63
CA CYS A 28 -6.66 1.42 -1.64
C CYS A 28 -7.94 0.86 -2.26
N TYR A 29 -8.09 -0.45 -2.16
CA TYR A 29 -9.25 -1.12 -2.70
C TYR A 29 -9.92 -2.01 -1.64
N VAL A 30 -11.23 -2.15 -1.78
CA VAL A 30 -12.00 -2.97 -0.85
C VAL A 30 -12.15 -2.22 0.47
N LYS A 31 -11.05 -2.06 1.17
CA LYS A 31 -11.06 -1.36 2.44
C LYS A 31 -10.05 -0.21 2.39
N LYS A 32 -10.56 1.00 2.61
CA LYS A 32 -9.73 2.18 2.59
C LYS A 32 -8.66 2.07 3.69
N CYS A 33 -7.87 3.13 3.80
CA CYS A 33 -6.81 3.16 4.81
C CYS A 33 -7.43 3.58 6.14
N PRO A 34 -6.87 3.00 7.24
CA PRO A 34 -7.36 3.31 8.57
C PRO A 34 -6.89 4.69 9.02
N ARG A 35 -5.62 4.97 8.75
CA ARG A 35 -5.03 6.25 9.11
C ARG A 35 -3.63 6.39 8.52
N ASP A 36 -3.27 7.63 8.21
CA ASP A 36 -1.96 7.90 7.65
C ASP A 36 -0.90 7.11 8.41
N GLY A 37 0.00 6.50 7.66
CA GLY A 37 1.07 5.71 8.25
C GLY A 37 0.65 4.25 8.39
N ALA A 38 -0.65 4.04 8.45
CA ALA A 38 -1.20 2.70 8.58
C ALA A 38 -0.38 1.73 7.73
N LYS A 39 0.22 0.75 8.38
CA LYS A 39 1.01 -0.24 7.69
C LYS A 39 0.12 -1.06 6.76
N CYS A 40 0.69 -1.47 5.64
CA CYS A 40 -0.04 -2.25 4.67
C CYS A 40 0.96 -3.01 3.80
N GLU A 41 0.47 -4.06 3.15
CA GLU A 41 1.32 -4.87 2.29
C GLU A 41 0.73 -4.94 0.89
N PHE A 42 1.59 -4.70 -0.09
CA PHE A 42 1.16 -4.73 -1.49
C PHE A 42 1.51 -6.07 -2.14
N ASP A 43 0.47 -6.81 -2.48
CA ASP A 43 0.65 -8.11 -3.11
C ASP A 43 1.27 -7.92 -4.49
N SER A 44 2.33 -8.69 -4.75
CA SER A 44 3.02 -8.61 -6.02
C SER A 44 2.53 -9.72 -6.95
N TYR A 45 1.42 -10.33 -6.55
CA TYR A 45 0.84 -11.41 -7.33
C TYR A 45 -0.46 -10.96 -8.00
N LYS A 46 -1.09 -9.96 -7.38
CA LYS A 46 -2.34 -9.43 -7.91
C LYS A 46 -2.17 -7.94 -8.21
N GLY A 47 -1.83 -7.19 -7.18
CA GLY A 47 -1.63 -5.76 -7.33
C GLY A 47 -2.65 -4.98 -6.50
N LYS A 48 -3.31 -5.70 -5.60
CA LYS A 48 -4.31 -5.08 -4.74
C LYS A 48 -3.61 -4.34 -3.60
N CYS A 49 -4.41 -3.93 -2.63
CA CYS A 49 -3.88 -3.21 -1.48
C CYS A 49 -4.55 -3.76 -0.22
N TYR A 50 -3.84 -4.67 0.45
CA TYR A 50 -4.34 -5.28 1.66
C TYR A 50 -4.21 -4.32 2.85
N CYS A 51 -4.76 -3.13 2.67
CA CYS A 51 -4.72 -2.12 3.72
C CYS A 51 -5.47 -2.66 4.94
N ALA A 1 5.84 -11.45 -3.34
CA ALA A 1 6.74 -10.31 -3.32
C ALA A 1 6.00 -9.09 -2.78
N THR A 2 5.30 -9.29 -1.67
CA THR A 2 4.55 -8.22 -1.06
C THR A 2 5.50 -7.16 -0.50
N TYR A 3 5.13 -5.90 -0.73
CA TYR A 3 5.93 -4.79 -0.27
C TYR A 3 5.26 -4.07 0.90
N ASN A 4 5.90 -4.15 2.07
CA ASN A 4 5.37 -3.51 3.26
C ASN A 4 5.52 -1.99 3.14
N GLY A 5 4.77 -1.29 3.98
CA GLY A 5 4.81 0.16 3.97
C GLY A 5 3.66 0.74 4.79
N LYS A 6 3.16 1.88 4.32
CA LYS A 6 2.07 2.54 5.01
C LYS A 6 1.02 2.97 3.97
N CYS A 7 -0.19 3.22 4.46
CA CYS A 7 -1.28 3.63 3.60
C CYS A 7 -1.78 4.99 4.08
N TYR A 8 -2.50 5.67 3.20
CA TYR A 8 -3.06 6.97 3.53
C TYR A 8 -4.58 6.97 3.39
N LYS A 9 -5.23 7.60 4.35
CA LYS A 9 -6.68 7.67 4.36
C LYS A 9 -7.12 8.85 3.49
N LYS A 10 -6.49 9.99 3.72
CA LYS A 10 -6.81 11.20 2.97
C LYS A 10 -6.58 10.93 1.48
N ASP A 11 -5.71 9.96 1.20
CA ASP A 11 -5.40 9.60 -0.17
C ASP A 11 -5.98 8.22 -0.48
N ASN A 12 -6.36 7.53 0.59
CA ASN A 12 -6.93 6.19 0.45
C ASN A 12 -6.06 5.38 -0.51
N ILE A 13 -4.80 5.23 -0.14
CA ILE A 13 -3.86 4.48 -0.95
C ILE A 13 -2.92 3.69 -0.04
N CYS A 14 -2.04 2.92 -0.67
CA CYS A 14 -1.09 2.11 0.07
C CYS A 14 0.30 2.32 -0.53
N LYS A 15 1.16 2.95 0.25
CA LYS A 15 2.52 3.22 -0.18
C LYS A 15 3.44 2.09 0.28
N TYR A 16 4.61 2.02 -0.35
CA TYR A 16 5.58 1.00 0.00
C TYR A 16 6.86 1.17 -0.83
N LYS A 17 7.90 0.47 -0.39
CA LYS A 17 9.17 0.53 -1.08
C LYS A 17 9.10 -0.32 -2.35
N ALA A 18 9.46 0.31 -3.46
CA ALA A 18 9.44 -0.38 -4.75
C ALA A 18 10.49 -1.49 -4.74
N GLN A 19 10.18 -2.54 -5.49
CA GLN A 19 11.09 -3.68 -5.58
C GLN A 19 12.54 -3.20 -5.70
N SER A 20 12.70 -2.09 -6.41
CA SER A 20 14.02 -1.52 -6.61
C SER A 20 14.52 -0.91 -5.31
N GLY A 21 13.68 -0.08 -4.70
CA GLY A 21 14.02 0.56 -3.45
C GLY A 21 13.30 1.91 -3.31
N LYS A 22 12.85 2.43 -4.45
CA LYS A 22 12.15 3.69 -4.47
C LYS A 22 10.87 3.57 -3.63
N THR A 23 9.75 3.87 -4.29
CA THR A 23 8.47 3.80 -3.62
C THR A 23 7.34 3.74 -4.64
N ALA A 24 6.38 2.85 -4.38
CA ALA A 24 5.25 2.68 -5.28
C ALA A 24 3.96 2.73 -4.46
N ILE A 25 2.98 3.44 -5.01
CA ILE A 25 1.69 3.58 -4.35
C ILE A 25 0.70 2.58 -4.95
N CYS A 26 -0.20 2.10 -4.10
CA CYS A 26 -1.20 1.14 -4.54
C CYS A 26 -2.54 1.52 -3.89
N LYS A 27 -3.38 2.15 -4.69
CA LYS A 27 -4.69 2.57 -4.22
C LYS A 27 -5.28 1.48 -3.32
N CYS A 28 -6.01 1.92 -2.30
CA CYS A 28 -6.62 0.99 -1.37
C CYS A 28 -8.03 0.67 -1.87
N TYR A 29 -8.32 -0.62 -1.94
CA TYR A 29 -9.62 -1.07 -2.41
C TYR A 29 -10.40 -1.74 -1.27
N VAL A 30 -11.65 -1.32 -1.14
CA VAL A 30 -12.52 -1.87 -0.10
C VAL A 30 -11.95 -1.49 1.26
N LYS A 31 -10.92 -2.23 1.67
CA LYS A 31 -10.29 -1.99 2.95
C LYS A 31 -9.54 -0.66 2.91
N LYS A 32 -10.31 0.40 2.73
CA LYS A 32 -9.74 1.74 2.66
C LYS A 32 -8.69 1.90 3.78
N CYS A 33 -7.84 2.89 3.60
CA CYS A 33 -6.79 3.16 4.58
C CYS A 33 -7.46 3.67 5.86
N PRO A 34 -6.96 3.15 7.01
CA PRO A 34 -7.51 3.55 8.31
C PRO A 34 -7.02 4.95 8.69
N ARG A 35 -5.81 5.26 8.26
CA ARG A 35 -5.22 6.56 8.55
C ARG A 35 -3.75 6.59 8.12
N ASP A 36 -3.35 7.71 7.54
CA ASP A 36 -1.99 7.87 7.09
C ASP A 36 -1.03 7.25 8.12
N GLY A 37 -0.09 6.48 7.59
CA GLY A 37 0.89 5.82 8.45
C GLY A 37 0.50 4.37 8.72
N ALA A 38 -0.77 4.07 8.44
CA ALA A 38 -1.28 2.73 8.65
C ALA A 38 -0.44 1.74 7.84
N LYS A 39 0.14 0.79 8.56
CA LYS A 39 0.96 -0.23 7.92
C LYS A 39 0.12 -1.03 6.93
N CYS A 40 0.77 -1.50 5.89
CA CYS A 40 0.10 -2.29 4.87
C CYS A 40 1.15 -2.95 3.99
N GLU A 41 0.66 -3.69 3.00
CA GLU A 41 1.56 -4.38 2.08
C GLU A 41 0.94 -4.45 0.68
N PHE A 42 1.78 -4.27 -0.32
CA PHE A 42 1.33 -4.30 -1.69
C PHE A 42 1.57 -5.68 -2.31
N ASP A 43 0.46 -6.37 -2.58
CA ASP A 43 0.53 -7.70 -3.17
C ASP A 43 1.05 -7.58 -4.61
N SER A 44 1.94 -8.50 -4.96
CA SER A 44 2.50 -8.50 -6.30
C SER A 44 1.89 -9.65 -7.12
N TYR A 45 1.42 -10.67 -6.41
CA TYR A 45 0.81 -11.81 -7.06
C TYR A 45 -0.32 -11.38 -7.98
N LYS A 46 -0.85 -10.20 -7.72
CA LYS A 46 -1.94 -9.66 -8.52
C LYS A 46 -1.77 -8.14 -8.65
N GLY A 47 -1.47 -7.51 -7.52
CA GLY A 47 -1.28 -6.07 -7.50
C GLY A 47 -2.30 -5.40 -6.58
N LYS A 48 -2.91 -6.21 -5.73
CA LYS A 48 -3.90 -5.71 -4.80
C LYS A 48 -3.24 -4.79 -3.79
N CYS A 49 -3.95 -4.51 -2.71
CA CYS A 49 -3.44 -3.65 -1.66
C CYS A 49 -4.01 -4.13 -0.32
N TYR A 50 -3.31 -5.06 0.29
CA TYR A 50 -3.73 -5.60 1.57
C TYR A 50 -3.64 -4.55 2.67
N CYS A 51 -4.51 -3.55 2.57
CA CYS A 51 -4.54 -2.48 3.54
C CYS A 51 -5.39 -2.94 4.73
N ALA A 1 6.84 -11.76 -2.63
CA ALA A 1 7.12 -10.55 -3.39
C ALA A 1 6.23 -9.41 -2.89
N THR A 2 5.94 -9.46 -1.60
CA THR A 2 5.10 -8.46 -0.98
C THR A 2 5.96 -7.31 -0.42
N TYR A 3 5.42 -6.11 -0.54
CA TYR A 3 6.12 -4.93 -0.04
C TYR A 3 5.32 -4.23 1.06
N ASN A 4 5.96 -4.06 2.20
CA ASN A 4 5.33 -3.41 3.33
C ASN A 4 5.58 -1.91 3.26
N GLY A 5 4.77 -1.16 3.99
CA GLY A 5 4.90 0.29 4.02
C GLY A 5 3.77 0.91 4.84
N LYS A 6 3.21 1.98 4.29
CA LYS A 6 2.12 2.68 4.97
C LYS A 6 1.07 3.09 3.93
N CYS A 7 -0.09 3.48 4.44
CA CYS A 7 -1.19 3.89 3.57
C CYS A 7 -1.83 5.14 4.17
N TYR A 8 -2.73 5.73 3.41
CA TYR A 8 -3.42 6.93 3.86
C TYR A 8 -4.92 6.85 3.54
N LYS A 9 -5.72 7.19 4.55
CA LYS A 9 -7.16 7.15 4.40
C LYS A 9 -7.60 8.30 3.48
N LYS A 10 -7.09 9.49 3.79
CA LYS A 10 -7.43 10.66 3.00
C LYS A 10 -7.14 10.38 1.52
N ASP A 11 -5.91 9.97 1.26
CA ASP A 11 -5.50 9.66 -0.09
C ASP A 11 -5.95 8.25 -0.45
N ASN A 12 -6.44 7.54 0.55
CA ASN A 12 -6.91 6.18 0.36
C ASN A 12 -5.96 5.45 -0.59
N ILE A 13 -4.69 5.44 -0.22
CA ILE A 13 -3.68 4.79 -1.03
C ILE A 13 -2.68 4.07 -0.12
N CYS A 14 -1.81 3.28 -0.74
CA CYS A 14 -0.80 2.55 0.00
C CYS A 14 0.57 2.84 -0.61
N LYS A 15 1.47 3.33 0.23
CA LYS A 15 2.81 3.65 -0.22
C LYS A 15 3.78 2.57 0.26
N TYR A 16 4.60 2.10 -0.66
CA TYR A 16 5.58 1.08 -0.35
C TYR A 16 6.75 1.12 -1.33
N LYS A 17 7.81 0.42 -0.96
CA LYS A 17 9.01 0.35 -1.80
C LYS A 17 8.75 -0.60 -2.96
N ALA A 18 9.16 -0.16 -4.15
CA ALA A 18 8.98 -0.96 -5.34
C ALA A 18 10.02 -2.08 -5.36
N GLN A 19 10.09 -2.76 -6.48
CA GLN A 19 11.03 -3.86 -6.64
C GLN A 19 12.46 -3.36 -6.49
N SER A 20 12.65 -2.09 -6.81
CA SER A 20 13.96 -1.47 -6.72
C SER A 20 14.26 -1.09 -5.26
N GLY A 21 13.19 -0.78 -4.54
CA GLY A 21 13.32 -0.40 -3.14
C GLY A 21 12.95 1.07 -2.94
N LYS A 22 12.73 1.75 -4.05
CA LYS A 22 12.38 3.16 -4.01
C LYS A 22 11.02 3.32 -3.34
N THR A 23 10.02 3.62 -4.15
CA THR A 23 8.66 3.80 -3.65
C THR A 23 7.64 3.40 -4.72
N ALA A 24 6.39 3.32 -4.29
CA ALA A 24 5.31 2.95 -5.19
C ALA A 24 3.97 3.07 -4.46
N ILE A 25 3.08 3.83 -5.05
CA ILE A 25 1.76 4.04 -4.47
C ILE A 25 0.78 3.02 -5.06
N CYS A 26 0.01 2.41 -4.17
CA CYS A 26 -0.97 1.42 -4.59
C CYS A 26 -2.32 1.76 -3.94
N LYS A 27 -3.16 2.43 -4.71
CA LYS A 27 -4.47 2.83 -4.22
C LYS A 27 -5.04 1.70 -3.36
N CYS A 28 -5.75 2.10 -2.32
CA CYS A 28 -6.36 1.14 -1.41
C CYS A 28 -7.73 0.74 -1.97
N TYR A 29 -7.84 -0.53 -2.33
CA TYR A 29 -9.08 -1.05 -2.89
C TYR A 29 -9.85 -1.84 -1.83
N VAL A 30 -11.12 -1.47 -1.67
CA VAL A 30 -11.98 -2.14 -0.71
C VAL A 30 -11.47 -1.85 0.71
N LYS A 31 -10.36 -2.48 1.05
CA LYS A 31 -9.77 -2.30 2.36
C LYS A 31 -9.10 -0.93 2.43
N LYS A 32 -9.92 0.10 2.27
CA LYS A 32 -9.43 1.47 2.31
C LYS A 32 -8.47 1.62 3.48
N CYS A 33 -7.63 2.65 3.39
CA CYS A 33 -6.66 2.91 4.44
C CYS A 33 -7.42 3.34 5.70
N PRO A 34 -6.94 2.82 6.87
CA PRO A 34 -7.57 3.13 8.13
C PRO A 34 -7.21 4.55 8.58
N ARG A 35 -5.94 4.89 8.42
CA ARG A 35 -5.46 6.21 8.79
C ARG A 35 -4.02 6.41 8.32
N ASP A 36 -3.73 7.65 7.93
CA ASP A 36 -2.40 7.97 7.44
C ASP A 36 -1.35 7.26 8.29
N GLY A 37 -0.38 6.67 7.61
CA GLY A 37 0.67 5.94 8.28
C GLY A 37 0.33 4.46 8.42
N ALA A 38 -0.97 4.18 8.40
CA ALA A 38 -1.44 2.81 8.51
C ALA A 38 -0.53 1.89 7.69
N LYS A 39 0.02 0.89 8.37
CA LYS A 39 0.90 -0.05 7.71
C LYS A 39 0.08 -0.96 6.79
N CYS A 40 0.71 -1.37 5.70
CA CYS A 40 0.06 -2.23 4.73
C CYS A 40 1.14 -2.89 3.87
N GLU A 41 0.74 -3.96 3.21
CA GLU A 41 1.65 -4.70 2.36
C GLU A 41 1.06 -4.84 0.95
N PHE A 42 1.90 -4.57 -0.04
CA PHE A 42 1.49 -4.67 -1.43
C PHE A 42 1.79 -6.05 -2.01
N ASP A 43 0.73 -6.73 -2.43
CA ASP A 43 0.87 -8.06 -2.99
C ASP A 43 1.03 -7.94 -4.51
N SER A 44 2.14 -8.50 -5.00
CA SER A 44 2.42 -8.47 -6.42
C SER A 44 1.52 -9.46 -7.16
N TYR A 45 0.93 -10.35 -6.39
CA TYR A 45 0.04 -11.36 -6.95
C TYR A 45 -1.07 -10.71 -7.77
N LYS A 46 -1.34 -9.45 -7.45
CA LYS A 46 -2.38 -8.71 -8.15
C LYS A 46 -2.09 -7.21 -8.02
N GLY A 47 -1.79 -6.80 -6.80
CA GLY A 47 -1.49 -5.41 -6.53
C GLY A 47 -2.53 -4.80 -5.57
N LYS A 48 -3.32 -5.68 -4.98
CA LYS A 48 -4.35 -5.26 -4.06
C LYS A 48 -3.69 -4.80 -2.75
N CYS A 49 -3.95 -3.54 -2.40
CA CYS A 49 -3.39 -2.97 -1.19
C CYS A 49 -4.06 -3.66 0.01
N TYR A 50 -3.40 -4.68 0.51
CA TYR A 50 -3.91 -5.42 1.64
C TYR A 50 -3.80 -4.59 2.93
N CYS A 51 -4.46 -3.45 2.91
CA CYS A 51 -4.46 -2.56 4.07
C CYS A 51 -5.10 -3.29 5.24
N ALA A 1 7.09 -12.07 -1.70
CA ALA A 1 7.53 -10.91 -2.47
C ALA A 1 6.64 -9.72 -2.13
N THR A 2 5.87 -9.87 -1.06
CA THR A 2 4.99 -8.80 -0.63
C THR A 2 5.79 -7.63 -0.05
N TYR A 3 5.32 -6.43 -0.35
CA TYR A 3 5.99 -5.23 0.14
C TYR A 3 5.17 -4.56 1.23
N ASN A 4 5.81 -4.37 2.38
CA ASN A 4 5.16 -3.74 3.51
C ASN A 4 5.40 -2.23 3.46
N GLY A 5 4.48 -1.48 4.06
CA GLY A 5 4.59 -0.04 4.09
C GLY A 5 3.45 0.58 4.91
N LYS A 6 2.95 1.69 4.42
CA LYS A 6 1.86 2.39 5.09
C LYS A 6 0.86 2.90 4.05
N CYS A 7 -0.36 3.12 4.51
CA CYS A 7 -1.41 3.61 3.63
C CYS A 7 -2.00 4.87 4.24
N TYR A 8 -2.67 5.64 3.40
CA TYR A 8 -3.28 6.89 3.84
C TYR A 8 -4.81 6.82 3.71
N LYS A 9 -5.48 7.49 4.63
CA LYS A 9 -6.93 7.53 4.63
C LYS A 9 -7.42 8.68 3.75
N LYS A 10 -6.87 9.86 4.03
CA LYS A 10 -7.24 11.05 3.29
C LYS A 10 -6.94 10.82 1.80
N ASP A 11 -6.05 9.87 1.55
CA ASP A 11 -5.67 9.55 0.18
C ASP A 11 -6.23 8.18 -0.18
N ASN A 12 -6.46 7.38 0.84
CA ASN A 12 -6.99 6.03 0.64
C ASN A 12 -6.09 5.28 -0.35
N ILE A 13 -4.81 5.26 -0.04
CA ILE A 13 -3.85 4.58 -0.89
C ILE A 13 -2.85 3.80 -0.02
N CYS A 14 -1.92 3.15 -0.68
CA CYS A 14 -0.90 2.37 0.02
C CYS A 14 0.46 2.74 -0.55
N LYS A 15 1.35 3.15 0.34
CA LYS A 15 2.70 3.53 -0.05
C LYS A 15 3.69 2.47 0.43
N TYR A 16 4.39 1.89 -0.53
CA TYR A 16 5.38 0.87 -0.22
C TYR A 16 6.58 0.96 -1.17
N LYS A 17 7.59 0.18 -0.85
CA LYS A 17 8.82 0.16 -1.65
C LYS A 17 8.57 -0.66 -2.93
N ALA A 18 9.37 -0.36 -3.94
CA ALA A 18 9.25 -1.05 -5.22
C ALA A 18 10.44 -1.99 -5.39
N GLN A 19 10.30 -2.91 -6.32
CA GLN A 19 11.36 -3.86 -6.61
C GLN A 19 12.73 -3.19 -6.52
N SER A 20 13.00 -2.34 -7.51
CA SER A 20 14.27 -1.62 -7.55
C SER A 20 14.65 -1.15 -6.14
N GLY A 21 13.68 -0.54 -5.48
CA GLY A 21 13.90 -0.03 -4.14
C GLY A 21 13.19 1.30 -3.92
N LYS A 22 12.76 1.88 -5.03
CA LYS A 22 12.06 3.17 -4.98
C LYS A 22 10.78 3.01 -4.16
N THR A 23 9.66 3.29 -4.80
CA THR A 23 8.37 3.18 -4.15
C THR A 23 7.24 3.11 -5.19
N ALA A 24 6.12 2.56 -4.75
CA ALA A 24 4.97 2.42 -5.63
C ALA A 24 3.70 2.66 -4.82
N ILE A 25 2.76 3.36 -5.45
CA ILE A 25 1.50 3.67 -4.81
C ILE A 25 0.40 2.75 -5.37
N CYS A 26 -0.43 2.25 -4.48
CA CYS A 26 -1.51 1.36 -4.87
C CYS A 26 -2.76 1.76 -4.09
N LYS A 27 -3.63 2.50 -4.76
CA LYS A 27 -4.87 2.95 -4.15
C LYS A 27 -5.49 1.80 -3.35
N CYS A 28 -6.08 2.15 -2.22
CA CYS A 28 -6.70 1.17 -1.36
C CYS A 28 -8.07 0.82 -1.93
N TYR A 29 -8.13 -0.32 -2.60
CA TYR A 29 -9.37 -0.77 -3.20
C TYR A 29 -10.19 -1.61 -2.21
N VAL A 30 -9.88 -1.43 -0.93
CA VAL A 30 -10.59 -2.15 0.11
C VAL A 30 -11.03 -1.16 1.20
N LYS A 31 -11.01 -1.65 2.43
CA LYS A 31 -11.40 -0.82 3.56
C LYS A 31 -10.49 0.40 3.64
N LYS A 32 -11.05 1.55 3.30
CA LYS A 32 -10.30 2.80 3.34
C LYS A 32 -9.34 2.77 4.52
N CYS A 33 -8.22 3.47 4.35
CA CYS A 33 -7.21 3.53 5.40
C CYS A 33 -7.86 4.11 6.65
N PRO A 34 -7.46 3.52 7.82
CA PRO A 34 -7.99 3.97 9.10
C PRO A 34 -7.38 5.31 9.51
N ARG A 35 -6.23 5.61 8.92
CA ARG A 35 -5.54 6.85 9.21
C ARG A 35 -4.11 6.80 8.66
N ASP A 36 -3.72 7.88 8.01
CA ASP A 36 -2.39 7.98 7.43
C ASP A 36 -1.38 7.29 8.37
N GLY A 37 -0.55 6.44 7.78
CA GLY A 37 0.44 5.73 8.54
C GLY A 37 0.07 4.24 8.67
N ALA A 38 -1.21 3.97 8.55
CA ALA A 38 -1.71 2.61 8.64
C ALA A 38 -0.81 1.68 7.82
N LYS A 39 -0.27 0.68 8.49
CA LYS A 39 0.60 -0.28 7.83
C LYS A 39 -0.21 -1.09 6.84
N CYS A 40 0.45 -1.50 5.77
CA CYS A 40 -0.19 -2.30 4.73
C CYS A 40 0.89 -3.03 3.94
N GLU A 41 0.46 -4.06 3.23
CA GLU A 41 1.38 -4.85 2.43
C GLU A 41 0.87 -4.96 0.99
N PHE A 42 1.78 -4.76 0.05
CA PHE A 42 1.44 -4.83 -1.35
C PHE A 42 1.86 -6.17 -1.96
N ASP A 43 0.90 -6.83 -2.59
CA ASP A 43 1.15 -8.12 -3.21
C ASP A 43 1.78 -7.90 -4.59
N SER A 44 2.80 -8.70 -4.88
CA SER A 44 3.49 -8.60 -6.15
C SER A 44 2.86 -9.57 -7.15
N TYR A 45 2.08 -10.50 -6.63
CA TYR A 45 1.41 -11.48 -7.47
C TYR A 45 0.48 -10.80 -8.47
N LYS A 46 0.08 -9.59 -8.13
CA LYS A 46 -0.81 -8.83 -9.00
C LYS A 46 -0.55 -7.33 -8.79
N GLY A 47 -0.48 -6.95 -7.53
CA GLY A 47 -0.24 -5.55 -7.18
C GLY A 47 -1.31 -5.04 -6.21
N LYS A 48 -2.22 -5.94 -5.86
CA LYS A 48 -3.29 -5.59 -4.94
C LYS A 48 -2.73 -4.75 -3.80
N CYS A 49 -3.62 -4.07 -3.09
CA CYS A 49 -3.23 -3.24 -1.98
C CYS A 49 -4.01 -3.69 -0.73
N TYR A 50 -3.47 -4.69 -0.07
CA TYR A 50 -4.10 -5.22 1.13
C TYR A 50 -4.06 -4.19 2.26
N CYS A 51 -4.76 -3.09 2.05
CA CYS A 51 -4.82 -2.03 3.04
C CYS A 51 -5.72 -2.49 4.19
N ALA A 1 6.82 -11.44 -2.45
CA ALA A 1 7.33 -10.23 -3.08
C ALA A 1 6.53 -9.02 -2.57
N THR A 2 5.60 -9.30 -1.68
CA THR A 2 4.77 -8.26 -1.11
C THR A 2 5.64 -7.12 -0.56
N TYR A 3 5.16 -5.91 -0.74
CA TYR A 3 5.88 -4.74 -0.27
C TYR A 3 5.14 -4.06 0.89
N ASN A 4 5.77 -4.09 2.05
CA ASN A 4 5.19 -3.48 3.23
C ASN A 4 5.62 -2.02 3.32
N GLY A 5 4.72 -1.19 3.84
CA GLY A 5 4.98 0.22 3.98
C GLY A 5 3.91 0.90 4.84
N LYS A 6 3.19 1.82 4.22
CA LYS A 6 2.15 2.54 4.91
C LYS A 6 1.03 2.91 3.93
N CYS A 7 -0.11 3.26 4.48
CA CYS A 7 -1.26 3.63 3.66
C CYS A 7 -1.87 4.91 4.24
N TYR A 8 -2.62 5.60 3.39
CA TYR A 8 -3.26 6.84 3.80
C TYR A 8 -4.76 6.79 3.53
N LYS A 9 -5.52 7.15 4.55
CA LYS A 9 -6.97 7.16 4.44
C LYS A 9 -7.41 8.30 3.51
N LYS A 10 -6.90 9.48 3.82
CA LYS A 10 -7.24 10.66 3.02
C LYS A 10 -6.98 10.36 1.55
N ASP A 11 -5.77 9.91 1.26
CA ASP A 11 -5.40 9.58 -0.11
C ASP A 11 -5.91 8.18 -0.45
N ASN A 12 -6.35 7.48 0.58
CA ASN A 12 -6.89 6.14 0.41
C ASN A 12 -6.01 5.38 -0.59
N ILE A 13 -4.78 5.10 -0.16
CA ILE A 13 -3.84 4.38 -1.01
C ILE A 13 -2.87 3.60 -0.13
N CYS A 14 -2.07 2.76 -0.78
CA CYS A 14 -1.10 1.95 -0.08
C CYS A 14 0.29 2.25 -0.64
N LYS A 15 1.14 2.80 0.21
CA LYS A 15 2.49 3.15 -0.20
C LYS A 15 3.45 2.07 0.30
N TYR A 16 4.58 1.97 -0.39
CA TYR A 16 5.59 0.99 -0.03
C TYR A 16 6.87 1.19 -0.84
N LYS A 17 7.94 0.55 -0.39
CA LYS A 17 9.22 0.65 -1.07
C LYS A 17 9.19 -0.21 -2.33
N ALA A 18 9.48 0.44 -3.45
CA ALA A 18 9.50 -0.25 -4.74
C ALA A 18 10.52 -1.38 -4.68
N GLN A 19 10.23 -2.42 -5.46
CA GLN A 19 11.12 -3.58 -5.51
C GLN A 19 12.58 -3.12 -5.60
N SER A 20 12.79 -2.05 -6.35
CA SER A 20 14.12 -1.50 -6.53
C SER A 20 14.60 -0.86 -5.23
N GLY A 21 13.77 0.00 -4.68
CA GLY A 21 14.09 0.68 -3.44
C GLY A 21 13.34 2.02 -3.34
N LYS A 22 12.93 2.52 -4.49
CA LYS A 22 12.21 3.78 -4.54
C LYS A 22 10.92 3.65 -3.73
N THR A 23 9.81 3.96 -4.40
CA THR A 23 8.50 3.88 -3.76
C THR A 23 7.40 3.74 -4.81
N ALA A 24 6.45 2.87 -4.50
CA ALA A 24 5.33 2.63 -5.40
C ALA A 24 4.02 2.64 -4.61
N ILE A 25 3.08 3.42 -5.11
CA ILE A 25 1.77 3.52 -4.46
C ILE A 25 0.82 2.50 -5.08
N CYS A 26 -0.08 1.99 -4.24
CA CYS A 26 -1.05 1.01 -4.68
C CYS A 26 -2.44 1.50 -4.26
N LYS A 27 -3.16 2.04 -5.24
CA LYS A 27 -4.50 2.54 -4.99
C LYS A 27 -5.22 1.58 -4.05
N CYS A 28 -6.03 2.17 -3.16
CA CYS A 28 -6.78 1.38 -2.20
C CYS A 28 -8.19 1.16 -2.77
N TYR A 29 -8.42 -0.05 -3.24
CA TYR A 29 -9.71 -0.40 -3.81
C TYR A 29 -10.48 -1.34 -2.88
N VAL A 30 -10.31 -1.12 -1.58
CA VAL A 30 -10.98 -1.93 -0.59
C VAL A 30 -10.50 -1.51 0.81
N LYS A 31 -11.41 -1.59 1.76
CA LYS A 31 -11.10 -1.23 3.14
C LYS A 31 -10.14 -0.04 3.14
N LYS A 32 -10.69 1.11 2.78
CA LYS A 32 -9.90 2.34 2.73
C LYS A 32 -8.91 2.34 3.90
N CYS A 33 -7.77 2.97 3.66
CA CYS A 33 -6.73 3.05 4.67
C CYS A 33 -7.38 3.49 5.99
N PRO A 34 -6.85 2.91 7.11
CA PRO A 34 -7.36 3.24 8.42
C PRO A 34 -6.90 4.63 8.87
N ARG A 35 -5.65 4.92 8.59
CA ARG A 35 -5.07 6.20 8.96
C ARG A 35 -3.66 6.33 8.40
N ASP A 36 -3.35 7.53 7.91
CA ASP A 36 -2.04 7.79 7.35
C ASP A 36 -0.98 7.10 8.19
N GLY A 37 -0.06 6.43 7.51
CA GLY A 37 1.01 5.73 8.20
C GLY A 37 0.66 4.26 8.40
N ALA A 38 -0.65 3.99 8.41
CA ALA A 38 -1.13 2.63 8.59
C ALA A 38 -0.33 1.68 7.70
N LYS A 39 0.33 0.73 8.35
CA LYS A 39 1.13 -0.24 7.63
C LYS A 39 0.24 -1.05 6.70
N CYS A 40 0.82 -1.47 5.58
CA CYS A 40 0.08 -2.25 4.60
C CYS A 40 1.09 -2.93 3.67
N GLU A 41 0.61 -3.94 2.97
CA GLU A 41 1.45 -4.69 2.05
C GLU A 41 0.82 -4.70 0.65
N PHE A 42 1.68 -4.63 -0.35
CA PHE A 42 1.23 -4.64 -1.73
C PHE A 42 1.54 -5.98 -2.40
N ASP A 43 0.52 -6.81 -2.49
CA ASP A 43 0.67 -8.12 -3.10
C ASP A 43 1.05 -7.95 -4.58
N SER A 44 2.20 -8.50 -4.94
CA SER A 44 2.68 -8.41 -6.31
C SER A 44 2.13 -9.57 -7.13
N TYR A 45 1.22 -10.31 -6.52
CA TYR A 45 0.61 -11.44 -7.18
C TYR A 45 -0.76 -11.07 -7.76
N LYS A 46 -1.29 -9.96 -7.29
CA LYS A 46 -2.58 -9.49 -7.74
C LYS A 46 -2.54 -7.96 -7.89
N GLY A 47 -2.02 -7.31 -6.86
CA GLY A 47 -1.91 -5.86 -6.86
C GLY A 47 -3.05 -5.22 -6.08
N LYS A 48 -3.64 -6.02 -5.20
CA LYS A 48 -4.74 -5.56 -4.37
C LYS A 48 -4.25 -4.41 -3.48
N CYS A 49 -4.18 -4.70 -2.19
CA CYS A 49 -3.74 -3.71 -1.23
C CYS A 49 -4.13 -4.19 0.17
N TYR A 50 -3.32 -5.09 0.70
CA TYR A 50 -3.58 -5.64 2.03
C TYR A 50 -3.45 -4.56 3.10
N CYS A 51 -4.41 -3.65 3.10
CA CYS A 51 -4.41 -2.56 4.07
C CYS A 51 -4.69 -3.15 5.45
N ALA A 1 7.03 -11.76 -2.22
CA ALA A 1 7.51 -10.47 -2.70
C ALA A 1 6.49 -9.39 -2.32
N THR A 2 6.07 -9.42 -1.06
CA THR A 2 5.11 -8.46 -0.56
C THR A 2 5.83 -7.22 -0.02
N TYR A 3 5.42 -6.06 -0.51
CA TYR A 3 6.01 -4.81 -0.08
C TYR A 3 5.16 -4.16 1.02
N ASN A 4 5.78 -4.04 2.19
CA ASN A 4 5.09 -3.44 3.32
C ASN A 4 5.37 -1.94 3.35
N GLY A 5 4.54 -1.22 4.08
CA GLY A 5 4.68 0.22 4.20
C GLY A 5 3.56 0.83 5.04
N LYS A 6 3.06 1.97 4.58
CA LYS A 6 1.99 2.64 5.29
C LYS A 6 0.96 3.15 4.28
N CYS A 7 -0.27 3.32 4.76
CA CYS A 7 -1.35 3.78 3.91
C CYS A 7 -2.00 4.99 4.59
N TYR A 8 -2.69 5.78 3.78
CA TYR A 8 -3.37 6.97 4.28
C TYR A 8 -4.86 6.92 3.98
N LYS A 9 -5.65 7.33 4.96
CA LYS A 9 -7.09 7.34 4.81
C LYS A 9 -7.51 8.61 4.07
N LYS A 10 -6.95 9.72 4.51
CA LYS A 10 -7.26 11.00 3.91
C LYS A 10 -6.88 10.96 2.42
N ASP A 11 -5.99 10.05 2.09
CA ASP A 11 -5.53 9.90 0.72
C ASP A 11 -5.95 8.52 0.20
N ASN A 12 -6.44 7.70 1.12
CA ASN A 12 -6.87 6.36 0.77
C ASN A 12 -5.90 5.77 -0.26
N ILE A 13 -4.66 5.58 0.16
CA ILE A 13 -3.65 5.03 -0.71
C ILE A 13 -2.79 4.04 0.08
N CYS A 14 -1.80 3.49 -0.60
CA CYS A 14 -0.90 2.53 0.01
C CYS A 14 0.54 2.91 -0.35
N LYS A 15 1.23 3.50 0.62
CA LYS A 15 2.60 3.92 0.42
C LYS A 15 3.54 2.82 0.93
N TYR A 16 4.61 2.61 0.18
CA TYR A 16 5.59 1.61 0.54
C TYR A 16 6.89 1.82 -0.23
N LYS A 17 7.76 0.82 -0.13
CA LYS A 17 9.05 0.87 -0.82
C LYS A 17 9.18 -0.32 -1.75
N ALA A 18 8.81 -0.10 -3.01
CA ALA A 18 8.88 -1.16 -4.01
C ALA A 18 10.12 -2.02 -3.75
N GLN A 19 10.03 -3.26 -4.19
CA GLN A 19 11.13 -4.19 -4.02
C GLN A 19 12.40 -3.64 -4.67
N SER A 20 12.20 -2.72 -5.60
CA SER A 20 13.32 -2.11 -6.30
C SER A 20 13.40 -0.61 -5.95
N GLY A 21 12.38 -0.15 -5.23
CA GLY A 21 12.33 1.24 -4.82
C GLY A 21 11.80 2.12 -5.95
N LYS A 22 11.26 1.46 -6.97
CA LYS A 22 10.71 2.16 -8.12
C LYS A 22 9.29 2.62 -7.78
N THR A 23 8.45 1.67 -7.44
CA THR A 23 7.07 1.96 -7.10
C THR A 23 7.01 2.93 -5.91
N ALA A 24 5.79 3.29 -5.54
CA ALA A 24 5.58 4.20 -4.42
C ALA A 24 4.12 4.68 -4.43
N ILE A 25 3.46 4.46 -3.30
CA ILE A 25 2.08 4.86 -3.16
C ILE A 25 1.22 4.10 -4.18
N CYS A 26 0.15 3.51 -3.68
CA CYS A 26 -0.76 2.76 -4.53
C CYS A 26 -2.17 2.90 -3.98
N LYS A 27 -2.96 3.71 -4.67
CA LYS A 27 -4.34 3.94 -4.27
C LYS A 27 -4.92 2.65 -3.69
N CYS A 28 -5.68 2.80 -2.62
CA CYS A 28 -6.30 1.66 -1.97
C CYS A 28 -7.69 1.45 -2.60
N TYR A 29 -7.84 0.28 -3.21
CA TYR A 29 -9.10 -0.06 -3.85
C TYR A 29 -9.89 -1.05 -3.00
N VAL A 30 -9.40 -1.26 -1.79
CA VAL A 30 -10.05 -2.19 -0.89
C VAL A 30 -10.34 -1.48 0.44
N LYS A 31 -10.21 -2.23 1.53
CA LYS A 31 -10.45 -1.68 2.85
C LYS A 31 -9.70 -0.35 2.99
N LYS A 32 -10.44 0.72 2.75
CA LYS A 32 -9.85 2.06 2.84
C LYS A 32 -8.88 2.09 4.02
N CYS A 33 -7.91 3.00 3.92
CA CYS A 33 -6.91 3.15 4.95
C CYS A 33 -7.61 3.64 6.22
N PRO A 34 -7.15 3.08 7.38
CA PRO A 34 -7.72 3.44 8.66
C PRO A 34 -7.23 4.83 9.10
N ARG A 35 -5.99 5.11 8.78
CA ARG A 35 -5.39 6.39 9.13
C ARG A 35 -3.96 6.48 8.62
N ASP A 36 -3.53 7.70 8.36
CA ASP A 36 -2.19 7.94 7.85
C ASP A 36 -1.18 7.16 8.71
N GLY A 37 -0.33 6.41 8.04
CA GLY A 37 0.68 5.62 8.73
C GLY A 37 0.27 4.15 8.81
N ALA A 38 -1.04 3.92 8.77
CA ALA A 38 -1.56 2.58 8.84
C ALA A 38 -0.69 1.65 7.98
N LYS A 39 -0.16 0.63 8.63
CA LYS A 39 0.69 -0.33 7.95
C LYS A 39 -0.13 -1.07 6.88
N CYS A 40 0.56 -1.47 5.82
CA CYS A 40 -0.09 -2.18 4.74
C CYS A 40 0.97 -3.02 4.01
N GLU A 41 0.51 -3.76 3.01
CA GLU A 41 1.40 -4.59 2.23
C GLU A 41 0.84 -4.81 0.83
N PHE A 42 1.75 -4.92 -0.14
CA PHE A 42 1.36 -5.12 -1.52
C PHE A 42 1.79 -6.51 -2.01
N ASP A 43 0.80 -7.36 -2.23
CA ASP A 43 1.06 -8.70 -2.70
C ASP A 43 1.37 -8.67 -4.20
N SER A 44 2.49 -9.29 -4.55
CA SER A 44 2.91 -9.33 -5.94
C SER A 44 2.38 -10.59 -6.61
N TYR A 45 1.80 -11.47 -5.80
CA TYR A 45 1.24 -12.71 -6.30
C TYR A 45 0.16 -12.44 -7.35
N LYS A 46 -0.32 -11.20 -7.36
CA LYS A 46 -1.35 -10.81 -8.30
C LYS A 46 -1.09 -9.38 -8.77
N GLY A 47 -1.11 -8.47 -7.81
CA GLY A 47 -0.87 -7.06 -8.11
C GLY A 47 -1.99 -6.19 -7.54
N LYS A 48 -2.38 -6.51 -6.32
CA LYS A 48 -3.43 -5.77 -5.65
C LYS A 48 -2.89 -5.18 -4.35
N CYS A 49 -3.43 -4.02 -3.98
CA CYS A 49 -3.01 -3.35 -2.76
C CYS A 49 -3.84 -3.91 -1.60
N TYR A 50 -3.19 -4.74 -0.80
CA TYR A 50 -3.85 -5.35 0.34
C TYR A 50 -3.88 -4.38 1.53
N CYS A 51 -4.65 -3.31 1.36
CA CYS A 51 -4.79 -2.32 2.40
C CYS A 51 -5.65 -2.90 3.53
N ALA A 1 6.28 -12.29 -1.95
CA ALA A 1 6.81 -11.16 -2.69
C ALA A 1 6.09 -9.89 -2.24
N THR A 2 5.35 -10.02 -1.14
CA THR A 2 4.60 -8.89 -0.60
C THR A 2 5.56 -7.79 -0.15
N TYR A 3 5.07 -6.55 -0.23
CA TYR A 3 5.87 -5.41 0.16
C TYR A 3 5.20 -4.64 1.30
N ASN A 4 5.94 -4.49 2.38
CA ASN A 4 5.43 -3.77 3.55
C ASN A 4 5.66 -2.27 3.36
N GLY A 5 4.71 -1.49 3.86
CA GLY A 5 4.79 -0.05 3.75
C GLY A 5 3.74 0.63 4.64
N LYS A 6 3.12 1.66 4.08
CA LYS A 6 2.11 2.40 4.81
C LYS A 6 1.03 2.88 3.84
N CYS A 7 -0.14 3.17 4.39
CA CYS A 7 -1.26 3.64 3.58
C CYS A 7 -1.69 5.01 4.12
N TYR A 8 -2.51 5.69 3.32
CA TYR A 8 -3.00 7.00 3.70
C TYR A 8 -4.53 7.05 3.59
N LYS A 9 -5.15 7.65 4.61
CA LYS A 9 -6.59 7.78 4.63
C LYS A 9 -7.00 9.03 3.85
N LYS A 10 -6.34 10.13 4.16
CA LYS A 10 -6.63 11.38 3.49
C LYS A 10 -6.52 11.19 1.97
N ASP A 11 -5.68 10.24 1.59
CA ASP A 11 -5.49 9.94 0.18
C ASP A 11 -6.10 8.58 -0.14
N ASN A 12 -6.38 7.83 0.91
CA ASN A 12 -6.97 6.51 0.75
C ASN A 12 -6.16 5.72 -0.27
N ILE A 13 -4.89 5.52 0.04
CA ILE A 13 -4.00 4.79 -0.84
C ILE A 13 -3.01 3.98 0.00
N CYS A 14 -2.33 3.05 -0.67
CA CYS A 14 -1.35 2.22 0.00
C CYS A 14 -0.01 2.39 -0.71
N LYS A 15 0.96 2.88 0.05
CA LYS A 15 2.29 3.10 -0.48
C LYS A 15 3.23 2.01 0.03
N TYR A 16 4.08 1.54 -0.87
CA TYR A 16 5.04 0.49 -0.52
C TYR A 16 6.29 0.58 -1.41
N LYS A 17 7.35 -0.05 -0.93
CA LYS A 17 8.60 -0.06 -1.66
C LYS A 17 8.50 -1.03 -2.84
N ALA A 18 8.99 -0.58 -3.98
CA ALA A 18 8.96 -1.39 -5.18
C ALA A 18 10.30 -2.14 -5.33
N GLN A 19 10.78 -2.63 -4.19
CA GLN A 19 12.04 -3.36 -4.18
C GLN A 19 13.20 -2.42 -4.49
N SER A 20 13.12 -1.81 -5.66
CA SER A 20 14.15 -0.88 -6.09
C SER A 20 14.18 0.35 -5.18
N GLY A 21 13.12 0.48 -4.40
CA GLY A 21 13.01 1.59 -3.48
C GLY A 21 12.15 2.72 -4.08
N LYS A 22 11.98 2.65 -5.39
CA LYS A 22 11.21 3.65 -6.10
C LYS A 22 9.96 3.99 -5.28
N THR A 23 9.50 3.00 -4.52
CA THR A 23 8.33 3.20 -3.68
C THR A 23 7.20 3.86 -4.48
N ALA A 24 6.26 3.04 -4.90
CA ALA A 24 5.13 3.53 -5.67
C ALA A 24 3.87 3.50 -4.80
N ILE A 25 2.78 3.99 -5.37
CA ILE A 25 1.52 4.03 -4.66
C ILE A 25 0.55 3.02 -5.30
N CYS A 26 -0.42 2.60 -4.51
CA CYS A 26 -1.41 1.65 -4.98
C CYS A 26 -2.76 2.01 -4.35
N LYS A 27 -3.60 2.65 -5.15
CA LYS A 27 -4.92 3.05 -4.69
C LYS A 27 -5.51 1.93 -3.82
N CYS A 28 -6.26 2.35 -2.81
CA CYS A 28 -6.88 1.40 -1.91
C CYS A 28 -8.26 1.03 -2.46
N TYR A 29 -8.25 0.05 -3.35
CA TYR A 29 -9.49 -0.41 -3.97
C TYR A 29 -9.91 -1.76 -3.41
N VAL A 30 -9.85 -1.88 -2.09
CA VAL A 30 -10.22 -3.11 -1.43
C VAL A 30 -10.41 -2.84 0.07
N LYS A 31 -9.31 -2.50 0.72
CA LYS A 31 -9.34 -2.22 2.15
C LYS A 31 -8.98 -0.75 2.37
N LYS A 32 -10.00 0.03 2.70
CA LYS A 32 -9.80 1.45 2.96
C LYS A 32 -8.66 1.64 3.95
N CYS A 33 -8.00 2.78 3.84
CA CYS A 33 -6.90 3.10 4.74
C CYS A 33 -7.47 3.59 6.07
N PRO A 34 -6.89 3.05 7.17
CA PRO A 34 -7.34 3.44 8.51
C PRO A 34 -6.83 4.83 8.88
N ARG A 35 -5.63 5.12 8.42
CA ARG A 35 -5.01 6.41 8.69
C ARG A 35 -3.57 6.43 8.20
N ASP A 36 -3.16 7.59 7.71
CA ASP A 36 -1.80 7.75 7.20
C ASP A 36 -0.82 7.08 8.16
N GLY A 37 0.14 6.37 7.58
CA GLY A 37 1.14 5.67 8.37
C GLY A 37 0.73 4.22 8.63
N ALA A 38 -0.56 3.96 8.43
CA ALA A 38 -1.09 2.63 8.63
C ALA A 38 -0.30 1.63 7.78
N LYS A 39 0.34 0.70 8.48
CA LYS A 39 1.14 -0.32 7.80
C LYS A 39 0.23 -1.15 6.90
N CYS A 40 0.82 -1.63 5.81
CA CYS A 40 0.07 -2.44 4.86
C CYS A 40 1.07 -3.22 4.00
N GLU A 41 0.57 -4.28 3.38
CA GLU A 41 1.42 -5.11 2.54
C GLU A 41 0.85 -5.15 1.11
N PHE A 42 1.67 -4.67 0.19
CA PHE A 42 1.27 -4.65 -1.22
C PHE A 42 1.57 -5.99 -1.89
N ASP A 43 0.49 -6.73 -2.16
CA ASP A 43 0.62 -8.03 -2.79
C ASP A 43 1.09 -7.84 -4.24
N SER A 44 2.10 -8.61 -4.62
CA SER A 44 2.65 -8.53 -5.95
C SER A 44 1.96 -9.57 -6.85
N TYR A 45 1.24 -10.48 -6.22
CA TYR A 45 0.53 -11.52 -6.96
C TYR A 45 -0.57 -10.92 -7.83
N LYS A 46 -0.81 -9.63 -7.62
CA LYS A 46 -1.84 -8.94 -8.37
C LYS A 46 -1.56 -7.43 -8.33
N GLY A 47 -1.25 -6.96 -7.13
CA GLY A 47 -0.97 -5.55 -6.93
C GLY A 47 -2.06 -4.88 -6.11
N LYS A 48 -2.79 -5.70 -5.38
CA LYS A 48 -3.88 -5.20 -4.55
C LYS A 48 -3.30 -4.33 -3.43
N CYS A 49 -4.14 -4.04 -2.46
CA CYS A 49 -3.73 -3.23 -1.32
C CYS A 49 -4.37 -3.80 -0.05
N TYR A 50 -3.63 -4.72 0.57
CA TYR A 50 -4.11 -5.35 1.78
C TYR A 50 -3.97 -4.42 2.99
N CYS A 51 -4.66 -3.28 2.90
CA CYS A 51 -4.61 -2.30 3.97
C CYS A 51 -5.22 -2.93 5.23
N ALA A 1 6.25 -11.94 -2.79
CA ALA A 1 6.86 -10.71 -3.23
C ALA A 1 6.03 -9.52 -2.75
N THR A 2 5.51 -9.65 -1.54
CA THR A 2 4.69 -8.60 -0.96
C THR A 2 5.56 -7.42 -0.56
N TYR A 3 5.02 -6.23 -0.77
CA TYR A 3 5.74 -5.01 -0.44
C TYR A 3 5.10 -4.31 0.77
N ASN A 4 5.87 -4.20 1.83
CA ASN A 4 5.40 -3.56 3.05
C ASN A 4 5.65 -2.05 2.95
N GLY A 5 4.77 -1.30 3.61
CA GLY A 5 4.89 0.15 3.61
C GLY A 5 3.80 0.78 4.48
N LYS A 6 3.17 1.81 3.92
CA LYS A 6 2.11 2.51 4.63
C LYS A 6 1.01 2.90 3.63
N CYS A 7 -0.16 3.20 4.17
CA CYS A 7 -1.29 3.59 3.35
C CYS A 7 -1.91 4.85 3.96
N TYR A 8 -2.60 5.60 3.11
CA TYR A 8 -3.25 6.82 3.55
C TYR A 8 -4.76 6.71 3.43
N LYS A 9 -5.45 7.15 4.47
CA LYS A 9 -6.90 7.11 4.49
C LYS A 9 -7.45 8.30 3.72
N LYS A 10 -6.89 9.47 4.01
CA LYS A 10 -7.31 10.69 3.36
C LYS A 10 -7.17 10.53 1.84
N ASP A 11 -6.21 9.71 1.46
CA ASP A 11 -5.96 9.46 0.05
C ASP A 11 -6.41 8.05 -0.31
N ASN A 12 -6.71 7.29 0.73
CA ASN A 12 -7.16 5.91 0.54
C ASN A 12 -6.27 5.22 -0.49
N ILE A 13 -4.98 5.17 -0.16
CA ILE A 13 -4.02 4.53 -1.04
C ILE A 13 -2.95 3.83 -0.21
N CYS A 14 -2.24 2.91 -0.85
CA CYS A 14 -1.20 2.16 -0.17
C CYS A 14 0.12 2.41 -0.91
N LYS A 15 1.15 2.73 -0.13
CA LYS A 15 2.46 2.99 -0.70
C LYS A 15 3.50 2.12 0.02
N TYR A 16 4.71 2.17 -0.50
CA TYR A 16 5.80 1.40 0.07
C TYR A 16 7.09 1.55 -0.75
N LYS A 17 8.07 0.72 -0.43
CA LYS A 17 9.34 0.76 -1.13
C LYS A 17 9.40 -0.39 -2.14
N ALA A 18 9.57 -0.03 -3.40
CA ALA A 18 9.64 -1.01 -4.46
C ALA A 18 10.98 -1.76 -4.36
N GLN A 19 11.10 -2.80 -5.18
CA GLN A 19 12.31 -3.60 -5.20
C GLN A 19 13.53 -2.71 -5.45
N SER A 20 13.35 -1.75 -6.33
CA SER A 20 14.42 -0.83 -6.67
C SER A 20 14.96 -0.16 -5.40
N GLY A 21 14.04 0.27 -4.56
CA GLY A 21 14.40 0.92 -3.32
C GLY A 21 13.72 2.29 -3.19
N LYS A 22 13.14 2.73 -4.30
CA LYS A 22 12.45 4.00 -4.33
C LYS A 22 11.13 3.89 -3.57
N THR A 23 10.04 4.05 -4.31
CA THR A 23 8.72 3.96 -3.72
C THR A 23 7.67 3.70 -4.80
N ALA A 24 6.60 3.04 -4.39
CA ALA A 24 5.52 2.72 -5.32
C ALA A 24 4.18 2.80 -4.57
N ILE A 25 3.25 3.52 -5.17
CA ILE A 25 1.93 3.68 -4.60
C ILE A 25 0.92 2.81 -5.35
N CYS A 26 -0.07 2.33 -4.62
CA CYS A 26 -1.10 1.49 -5.22
C CYS A 26 -2.43 1.84 -4.56
N LYS A 27 -3.28 2.50 -5.34
CA LYS A 27 -4.60 2.89 -4.86
C LYS A 27 -5.16 1.79 -3.96
N CYS A 28 -5.87 2.21 -2.92
CA CYS A 28 -6.46 1.27 -1.99
C CYS A 28 -7.93 1.06 -2.37
N TYR A 29 -8.28 -0.20 -2.55
CA TYR A 29 -9.65 -0.55 -2.93
C TYR A 29 -10.56 -0.60 -1.70
N VAL A 30 -11.49 -1.54 -1.74
CA VAL A 30 -12.43 -1.70 -0.64
C VAL A 30 -11.74 -1.31 0.68
N LYS A 31 -11.03 -2.27 1.25
CA LYS A 31 -10.34 -2.04 2.50
C LYS A 31 -9.60 -0.70 2.42
N LYS A 32 -10.26 0.33 2.91
CA LYS A 32 -9.67 1.66 2.90
C LYS A 32 -8.61 1.75 3.99
N CYS A 33 -7.76 2.77 3.87
CA CYS A 33 -6.68 2.97 4.83
C CYS A 33 -7.30 3.53 6.11
N PRO A 34 -6.74 3.06 7.26
CA PRO A 34 -7.22 3.50 8.57
C PRO A 34 -6.75 4.92 8.87
N ARG A 35 -5.51 5.19 8.47
CA ARG A 35 -4.93 6.51 8.69
C ARG A 35 -3.53 6.56 8.10
N ASP A 36 -3.16 7.75 7.64
CA ASP A 36 -1.85 7.96 7.04
C ASP A 36 -0.79 7.30 7.92
N GLY A 37 0.03 6.47 7.28
CA GLY A 37 1.09 5.78 7.99
C GLY A 37 0.70 4.32 8.26
N ALA A 38 -0.60 4.07 8.17
CA ALA A 38 -1.12 2.72 8.40
C ALA A 38 -0.30 1.72 7.58
N LYS A 39 0.33 0.80 8.28
CA LYS A 39 1.14 -0.22 7.63
C LYS A 39 0.24 -1.09 6.76
N CYS A 40 0.81 -1.57 5.67
CA CYS A 40 0.09 -2.43 4.74
C CYS A 40 1.09 -3.15 3.85
N GLU A 41 0.60 -4.15 3.14
CA GLU A 41 1.44 -4.94 2.26
C GLU A 41 0.76 -5.11 0.90
N PHE A 42 1.47 -4.70 -0.14
CA PHE A 42 0.96 -4.80 -1.49
C PHE A 42 1.33 -6.15 -2.12
N ASP A 43 0.29 -6.93 -2.40
CA ASP A 43 0.49 -8.24 -3.01
C ASP A 43 0.86 -8.07 -4.48
N SER A 44 2.06 -8.53 -4.80
CA SER A 44 2.55 -8.43 -6.17
C SER A 44 1.93 -9.54 -7.03
N TYR A 45 1.07 -10.32 -6.39
CA TYR A 45 0.39 -11.41 -7.08
C TYR A 45 -0.70 -10.89 -8.00
N LYS A 46 -1.50 -9.97 -7.48
CA LYS A 46 -2.58 -9.39 -8.24
C LYS A 46 -2.41 -7.86 -8.27
N GLY A 47 -2.07 -7.32 -7.11
CA GLY A 47 -1.88 -5.88 -6.99
C GLY A 47 -2.91 -5.27 -6.04
N LYS A 48 -3.52 -6.13 -5.23
CA LYS A 48 -4.52 -5.69 -4.29
C LYS A 48 -3.84 -4.90 -3.15
N CYS A 49 -4.67 -4.35 -2.29
CA CYS A 49 -4.17 -3.57 -1.16
C CYS A 49 -4.70 -4.19 0.13
N TYR A 50 -3.76 -4.60 0.97
CA TYR A 50 -4.11 -5.21 2.24
C TYR A 50 -3.82 -4.26 3.41
N CYS A 51 -4.71 -3.30 3.58
CA CYS A 51 -4.57 -2.32 4.65
C CYS A 51 -5.08 -2.96 5.94
N ALA A 1 6.32 -12.10 -2.49
CA ALA A 1 6.95 -10.89 -3.00
C ALA A 1 6.13 -9.67 -2.54
N THR A 2 5.52 -9.82 -1.38
CA THR A 2 4.72 -8.75 -0.81
C THR A 2 5.62 -7.61 -0.31
N TYR A 3 5.15 -6.40 -0.52
CA TYR A 3 5.90 -5.22 -0.10
C TYR A 3 5.20 -4.51 1.05
N ASN A 4 5.89 -4.47 2.19
CA ASN A 4 5.35 -3.82 3.37
C ASN A 4 5.53 -2.30 3.25
N GLY A 5 4.52 -1.58 3.70
CA GLY A 5 4.56 -0.12 3.65
C GLY A 5 3.44 0.48 4.50
N LYS A 6 3.07 1.70 4.16
CA LYS A 6 2.02 2.41 4.87
C LYS A 6 0.98 2.91 3.87
N CYS A 7 -0.16 3.33 4.41
CA CYS A 7 -1.24 3.84 3.58
C CYS A 7 -1.74 5.15 4.20
N TYR A 8 -2.63 5.81 3.47
CA TYR A 8 -3.18 7.07 3.93
C TYR A 8 -4.68 7.13 3.65
N LYS A 9 -5.42 7.60 4.64
CA LYS A 9 -6.87 7.72 4.51
C LYS A 9 -7.19 8.62 3.32
N LYS A 10 -6.93 9.91 3.52
CA LYS A 10 -7.20 10.89 2.48
C LYS A 10 -6.82 10.29 1.12
N ASP A 11 -5.52 10.26 0.86
CA ASP A 11 -5.02 9.72 -0.39
C ASP A 11 -5.61 8.33 -0.62
N ASN A 12 -6.05 7.72 0.48
CA ASN A 12 -6.64 6.40 0.41
C ASN A 12 -5.84 5.54 -0.57
N ILE A 13 -4.59 5.32 -0.22
CA ILE A 13 -3.71 4.51 -1.06
C ILE A 13 -2.81 3.64 -0.17
N CYS A 14 -1.88 2.95 -0.82
CA CYS A 14 -0.96 2.10 -0.10
C CYS A 14 0.44 2.32 -0.66
N LYS A 15 1.27 2.99 0.15
CA LYS A 15 2.63 3.27 -0.26
C LYS A 15 3.54 2.12 0.18
N TYR A 16 4.33 1.65 -0.78
CA TYR A 16 5.25 0.55 -0.52
C TYR A 16 6.51 0.67 -1.39
N LYS A 17 7.53 -0.07 -0.98
CA LYS A 17 8.79 -0.06 -1.72
C LYS A 17 8.60 -0.78 -3.05
N ALA A 18 9.42 -0.39 -4.01
CA ALA A 18 9.36 -0.99 -5.34
C ALA A 18 10.63 -1.80 -5.59
N GLN A 19 11.07 -2.49 -4.55
CA GLN A 19 12.28 -3.30 -4.65
C GLN A 19 13.51 -2.40 -4.82
N SER A 20 13.49 -1.61 -5.87
CA SER A 20 14.59 -0.70 -6.15
C SER A 20 14.54 0.49 -5.19
N GLY A 21 13.52 0.49 -4.36
CA GLY A 21 13.35 1.56 -3.39
C GLY A 21 12.53 2.71 -3.96
N LYS A 22 12.32 2.65 -5.27
CA LYS A 22 11.55 3.67 -5.97
C LYS A 22 10.34 4.04 -5.12
N THR A 23 9.88 3.08 -4.35
CA THR A 23 8.72 3.29 -3.48
C THR A 23 7.62 4.02 -4.25
N ALA A 24 6.65 3.25 -4.71
CA ALA A 24 5.53 3.80 -5.46
C ALA A 24 4.27 3.75 -4.59
N ILE A 25 3.17 4.20 -5.18
CA ILE A 25 1.90 4.22 -4.48
C ILE A 25 0.99 3.14 -5.07
N CYS A 26 0.15 2.59 -4.22
CA CYS A 26 -0.79 1.55 -4.64
C CYS A 26 -2.16 1.88 -4.07
N LYS A 27 -3.02 2.40 -4.94
CA LYS A 27 -4.36 2.77 -4.55
C LYS A 27 -4.91 1.70 -3.59
N CYS A 28 -5.72 2.15 -2.65
CA CYS A 28 -6.32 1.25 -1.69
C CYS A 28 -7.52 0.57 -2.33
N TYR A 29 -8.20 -0.26 -1.55
CA TYR A 29 -9.36 -0.97 -2.04
C TYR A 29 -9.95 -1.87 -0.95
N VAL A 30 -11.24 -2.17 -1.10
CA VAL A 30 -11.93 -3.00 -0.13
C VAL A 30 -12.01 -2.27 1.22
N LYS A 31 -10.88 -2.23 1.89
CA LYS A 31 -10.80 -1.57 3.18
C LYS A 31 -9.88 -0.35 3.07
N LYS A 32 -10.48 0.78 2.74
CA LYS A 32 -9.73 2.02 2.61
C LYS A 32 -8.73 2.13 3.75
N CYS A 33 -7.77 3.03 3.57
CA CYS A 33 -6.74 3.23 4.58
C CYS A 33 -7.43 3.65 5.88
N PRO A 34 -6.95 3.05 7.01
CA PRO A 34 -7.50 3.33 8.31
C PRO A 34 -7.04 4.71 8.81
N ARG A 35 -5.81 5.05 8.45
CA ARG A 35 -5.25 6.32 8.86
C ARG A 35 -3.79 6.42 8.40
N ASP A 36 -3.40 7.63 8.03
CA ASP A 36 -2.04 7.87 7.57
C ASP A 36 -1.06 7.07 8.44
N GLY A 37 -0.12 6.42 7.76
CA GLY A 37 0.86 5.61 8.44
C GLY A 37 0.44 4.14 8.51
N ALA A 38 -0.87 3.94 8.47
CA ALA A 38 -1.42 2.60 8.54
C ALA A 38 -0.56 1.66 7.68
N LYS A 39 -0.04 0.64 8.33
CA LYS A 39 0.80 -0.34 7.66
C LYS A 39 -0.05 -1.15 6.69
N CYS A 40 0.57 -1.56 5.59
CA CYS A 40 -0.12 -2.34 4.58
C CYS A 40 0.92 -3.06 3.73
N GLU A 41 0.47 -4.09 3.03
CA GLU A 41 1.36 -4.87 2.17
C GLU A 41 0.77 -4.98 0.77
N PHE A 42 1.61 -4.70 -0.21
CA PHE A 42 1.19 -4.78 -1.61
C PHE A 42 1.51 -6.14 -2.21
N ASP A 43 0.47 -6.94 -2.38
CA ASP A 43 0.62 -8.28 -2.94
C ASP A 43 1.05 -8.16 -4.41
N SER A 44 2.23 -8.70 -4.69
CA SER A 44 2.76 -8.67 -6.05
C SER A 44 2.11 -9.77 -6.89
N TYR A 45 1.18 -10.48 -6.27
CA TYR A 45 0.49 -11.56 -6.95
C TYR A 45 -0.54 -11.01 -7.94
N LYS A 46 -1.19 -9.93 -7.53
CA LYS A 46 -2.19 -9.28 -8.37
C LYS A 46 -1.89 -7.79 -8.47
N GLY A 47 -1.70 -7.17 -7.32
CA GLY A 47 -1.40 -5.75 -7.27
C GLY A 47 -2.49 -5.00 -6.49
N LYS A 48 -3.01 -5.66 -5.46
CA LYS A 48 -4.05 -5.07 -4.64
C LYS A 48 -3.41 -4.41 -3.42
N CYS A 49 -4.26 -3.97 -2.51
CA CYS A 49 -3.80 -3.31 -1.30
C CYS A 49 -4.49 -3.95 -0.10
N TYR A 50 -3.73 -4.78 0.61
CA TYR A 50 -4.27 -5.47 1.77
C TYR A 50 -4.19 -4.59 3.02
N CYS A 51 -4.60 -3.34 2.85
CA CYS A 51 -4.58 -2.39 3.95
C CYS A 51 -5.30 -3.01 5.14
N ALA A 1 7.61 -11.65 -1.32
CA ALA A 1 7.97 -10.51 -2.15
C ALA A 1 6.99 -9.36 -1.89
N THR A 2 6.23 -9.52 -0.81
CA THR A 2 5.25 -8.51 -0.44
C THR A 2 5.95 -7.27 0.11
N TYR A 3 5.68 -6.14 -0.52
CA TYR A 3 6.27 -4.89 -0.11
C TYR A 3 5.41 -4.20 0.95
N ASN A 4 6.00 -4.03 2.12
CA ASN A 4 5.30 -3.39 3.23
C ASN A 4 5.52 -1.88 3.16
N GLY A 5 4.64 -1.14 3.83
CA GLY A 5 4.72 0.30 3.85
C GLY A 5 3.65 0.90 4.78
N LYS A 6 3.02 1.95 4.28
CA LYS A 6 1.99 2.63 5.05
C LYS A 6 1.00 3.29 4.08
N CYS A 7 -0.25 3.35 4.52
CA CYS A 7 -1.30 3.96 3.71
C CYS A 7 -1.95 5.08 4.53
N TYR A 8 -2.51 6.03 3.81
CA TYR A 8 -3.16 7.16 4.44
C TYR A 8 -4.65 7.19 4.10
N LYS A 9 -5.47 7.19 5.15
CA LYS A 9 -6.92 7.23 4.98
C LYS A 9 -7.28 8.30 3.95
N LYS A 10 -6.92 9.53 4.27
CA LYS A 10 -7.21 10.64 3.38
C LYS A 10 -6.84 10.25 1.95
N ASP A 11 -5.54 10.22 1.69
CA ASP A 11 -5.05 9.87 0.37
C ASP A 11 -5.45 8.43 0.05
N ASN A 12 -5.90 7.73 1.08
CA ASN A 12 -6.31 6.35 0.92
C ASN A 12 -5.48 5.70 -0.18
N ILE A 13 -4.18 5.64 0.05
CA ILE A 13 -3.26 5.05 -0.91
C ILE A 13 -2.22 4.21 -0.16
N CYS A 14 -1.83 3.11 -0.79
CA CYS A 14 -0.84 2.22 -0.20
C CYS A 14 0.55 2.80 -0.49
N LYS A 15 1.05 3.56 0.46
CA LYS A 15 2.36 4.17 0.33
C LYS A 15 3.42 3.22 0.87
N TYR A 16 4.19 2.65 -0.06
CA TYR A 16 5.24 1.71 0.32
C TYR A 16 6.35 1.70 -0.73
N LYS A 17 7.34 0.87 -0.48
CA LYS A 17 8.48 0.75 -1.39
C LYS A 17 8.06 -0.09 -2.60
N ALA A 18 8.87 -1.10 -2.88
CA ALA A 18 8.60 -1.97 -4.01
C ALA A 18 9.87 -2.77 -4.34
N GLN A 19 10.52 -3.26 -3.30
CA GLN A 19 11.74 -4.03 -3.46
C GLN A 19 12.86 -3.15 -4.00
N SER A 20 12.61 -2.58 -5.16
CA SER A 20 13.60 -1.71 -5.80
C SER A 20 13.19 -0.24 -5.61
N GLY A 21 12.23 -0.04 -4.72
CA GLY A 21 11.76 1.31 -4.44
C GLY A 21 11.10 1.93 -5.68
N LYS A 22 10.88 1.08 -6.68
CA LYS A 22 10.27 1.53 -7.92
C LYS A 22 8.89 2.12 -7.61
N THR A 23 7.94 1.22 -7.40
CA THR A 23 6.58 1.64 -7.09
C THR A 23 6.57 2.63 -5.93
N ALA A 24 5.37 3.10 -5.61
CA ALA A 24 5.22 4.06 -4.52
C ALA A 24 3.78 4.59 -4.52
N ILE A 25 3.07 4.28 -3.44
CA ILE A 25 1.68 4.71 -3.30
C ILE A 25 0.81 3.91 -4.27
N CYS A 26 -0.35 3.52 -3.77
CA CYS A 26 -1.29 2.75 -4.57
C CYS A 26 -2.69 2.89 -3.95
N LYS A 27 -3.56 3.58 -4.68
CA LYS A 27 -4.91 3.79 -4.21
C LYS A 27 -5.40 2.55 -3.48
N CYS A 28 -6.15 2.77 -2.41
CA CYS A 28 -6.68 1.68 -1.62
C CYS A 28 -8.04 1.28 -2.21
N TYR A 29 -8.00 0.35 -3.14
CA TYR A 29 -9.22 -0.12 -3.79
C TYR A 29 -10.18 -0.72 -2.76
N VAL A 30 -11.42 -0.28 -2.84
CA VAL A 30 -12.44 -0.77 -1.92
C VAL A 30 -12.03 -0.45 -0.48
N LYS A 31 -11.21 -1.34 0.07
CA LYS A 31 -10.74 -1.16 1.44
C LYS A 31 -10.35 0.30 1.65
N LYS A 32 -10.22 0.67 2.92
CA LYS A 32 -9.86 2.03 3.28
C LYS A 32 -8.85 2.00 4.42
N CYS A 33 -8.00 3.02 4.45
CA CYS A 33 -6.98 3.11 5.49
C CYS A 33 -7.65 3.66 6.76
N PRO A 34 -7.22 3.09 7.92
CA PRO A 34 -7.77 3.52 9.20
C PRO A 34 -7.20 4.88 9.61
N ARG A 35 -5.90 5.02 9.44
CA ARG A 35 -5.22 6.26 9.79
C ARG A 35 -3.81 6.28 9.20
N ASP A 36 -3.39 7.45 8.76
CA ASP A 36 -2.08 7.62 8.19
C ASP A 36 -1.08 6.76 8.96
N GLY A 37 -0.17 6.15 8.21
CA GLY A 37 0.84 5.29 8.82
C GLY A 37 0.41 3.82 8.78
N ALA A 38 -0.89 3.62 8.74
CA ALA A 38 -1.44 2.28 8.69
C ALA A 38 -0.57 1.40 7.80
N LYS A 39 0.04 0.40 8.42
CA LYS A 39 0.90 -0.51 7.70
C LYS A 39 0.10 -1.23 6.62
N CYS A 40 0.78 -1.56 5.53
CA CYS A 40 0.13 -2.25 4.41
C CYS A 40 1.21 -2.98 3.62
N GLU A 41 0.77 -4.00 2.90
CA GLU A 41 1.68 -4.79 2.09
C GLU A 41 1.14 -4.93 0.66
N PHE A 42 2.07 -5.07 -0.28
CA PHE A 42 1.71 -5.21 -1.67
C PHE A 42 2.16 -6.57 -2.22
N ASP A 43 1.18 -7.44 -2.44
CA ASP A 43 1.46 -8.77 -2.97
C ASP A 43 1.94 -8.65 -4.41
N SER A 44 3.13 -9.18 -4.65
CA SER A 44 3.71 -9.14 -5.98
C SER A 44 3.34 -10.41 -6.75
N TYR A 45 2.32 -11.09 -6.25
CA TYR A 45 1.85 -12.32 -6.87
C TYR A 45 0.52 -12.10 -7.59
N LYS A 46 -0.14 -11.00 -7.23
CA LYS A 46 -1.42 -10.66 -7.83
C LYS A 46 -1.33 -9.27 -8.45
N GLY A 47 -0.97 -8.30 -7.63
CA GLY A 47 -0.85 -6.93 -8.09
C GLY A 47 -1.88 -6.04 -7.40
N LYS A 48 -2.26 -6.43 -6.19
CA LYS A 48 -3.23 -5.67 -5.43
C LYS A 48 -2.53 -4.99 -4.25
N CYS A 49 -3.28 -4.12 -3.59
CA CYS A 49 -2.75 -3.40 -2.45
C CYS A 49 -3.59 -3.75 -1.21
N TYR A 50 -3.07 -4.67 -0.42
CA TYR A 50 -3.77 -5.10 0.78
C TYR A 50 -3.69 -4.03 1.88
N CYS A 51 -4.58 -3.07 1.78
CA CYS A 51 -4.62 -1.99 2.75
C CYS A 51 -5.31 -2.50 4.01
N ALA A 1 7.64 -11.81 -1.86
CA ALA A 1 7.92 -10.62 -2.65
C ALA A 1 6.89 -9.54 -2.32
N THR A 2 6.49 -9.51 -1.05
CA THR A 2 5.51 -8.54 -0.60
C THR A 2 6.21 -7.36 0.08
N TYR A 3 5.93 -6.17 -0.44
CA TYR A 3 6.52 -4.96 0.11
C TYR A 3 5.61 -4.33 1.16
N ASN A 4 6.18 -4.13 2.35
CA ASN A 4 5.44 -3.54 3.44
C ASN A 4 5.59 -2.02 3.40
N GLY A 5 4.71 -1.35 4.14
CA GLY A 5 4.73 0.10 4.19
C GLY A 5 3.57 0.64 5.03
N LYS A 6 3.01 1.74 4.55
CA LYS A 6 1.88 2.37 5.24
C LYS A 6 0.89 2.90 4.20
N CYS A 7 -0.34 3.10 4.66
CA CYS A 7 -1.38 3.62 3.79
C CYS A 7 -2.09 4.77 4.51
N TYR A 8 -2.66 5.67 3.72
CA TYR A 8 -3.37 6.81 4.26
C TYR A 8 -4.86 6.74 3.94
N LYS A 9 -5.65 7.37 4.80
CA LYS A 9 -7.09 7.39 4.61
C LYS A 9 -7.49 8.64 3.84
N LYS A 10 -6.95 9.77 4.29
CA LYS A 10 -7.24 11.04 3.64
C LYS A 10 -6.90 10.95 2.16
N ASP A 11 -5.95 10.05 1.86
CA ASP A 11 -5.52 9.87 0.48
C ASP A 11 -5.93 8.46 0.02
N ASN A 12 -6.33 7.64 0.98
CA ASN A 12 -6.74 6.29 0.69
C ASN A 12 -5.77 5.67 -0.32
N ILE A 13 -4.51 5.60 0.08
CA ILE A 13 -3.49 5.04 -0.78
C ILE A 13 -2.60 4.10 0.05
N CYS A 14 -1.60 3.53 -0.62
CA CYS A 14 -0.68 2.63 0.04
C CYS A 14 0.75 3.00 -0.40
N LYS A 15 1.45 3.64 0.52
CA LYS A 15 2.82 4.05 0.25
C LYS A 15 3.79 3.02 0.83
N TYR A 16 4.70 2.57 -0.01
CA TYR A 16 5.69 1.59 0.41
C TYR A 16 6.93 1.64 -0.48
N LYS A 17 7.92 0.85 -0.10
CA LYS A 17 9.17 0.80 -0.85
C LYS A 17 9.21 -0.48 -1.68
N ALA A 18 8.89 -0.33 -2.96
CA ALA A 18 8.88 -1.47 -3.86
C ALA A 18 10.18 -2.27 -3.68
N GLN A 19 10.17 -3.47 -4.21
CA GLN A 19 11.34 -4.35 -4.12
C GLN A 19 12.56 -3.68 -4.74
N SER A 20 12.30 -2.92 -5.80
CA SER A 20 13.37 -2.22 -6.49
C SER A 20 13.21 -0.71 -6.31
N GLY A 21 12.17 -0.34 -5.57
CA GLY A 21 11.90 1.06 -5.31
C GLY A 21 11.27 1.73 -6.54
N LYS A 22 11.05 0.92 -7.57
CA LYS A 22 10.46 1.42 -8.79
C LYS A 22 9.04 1.94 -8.50
N THR A 23 8.36 1.21 -7.64
CA THR A 23 7.00 1.57 -7.26
C THR A 23 7.02 2.70 -6.22
N ALA A 24 5.83 3.02 -5.73
CA ALA A 24 5.70 4.07 -4.73
C ALA A 24 4.24 4.54 -4.69
N ILE A 25 3.63 4.34 -3.52
CA ILE A 25 2.25 4.73 -3.33
C ILE A 25 1.36 3.97 -4.32
N CYS A 26 0.22 3.52 -3.81
CA CYS A 26 -0.71 2.77 -4.63
C CYS A 26 -2.11 2.91 -4.01
N LYS A 27 -2.98 3.60 -4.72
CA LYS A 27 -4.34 3.81 -4.26
C LYS A 27 -4.79 2.59 -3.46
N CYS A 28 -5.50 2.86 -2.37
CA CYS A 28 -6.00 1.80 -1.52
C CYS A 28 -7.06 1.01 -2.31
N TYR A 29 -7.81 0.20 -1.57
CA TYR A 29 -8.85 -0.61 -2.18
C TYR A 29 -10.20 -0.37 -1.49
N VAL A 30 -11.09 -1.34 -1.68
CA VAL A 30 -12.41 -1.25 -1.08
C VAL A 30 -12.30 -0.67 0.33
N LYS A 31 -11.84 -1.50 1.25
CA LYS A 31 -11.68 -1.09 2.63
C LYS A 31 -10.66 0.04 2.70
N LYS A 32 -11.18 1.26 2.63
CA LYS A 32 -10.32 2.44 2.68
C LYS A 32 -9.35 2.31 3.86
N CYS A 33 -8.43 3.26 3.94
CA CYS A 33 -7.45 3.26 5.01
C CYS A 33 -8.15 3.72 6.30
N PRO A 34 -7.72 3.09 7.43
CA PRO A 34 -8.28 3.43 8.72
C PRO A 34 -7.76 4.77 9.22
N ARG A 35 -6.46 4.96 9.07
CA ARG A 35 -5.82 6.19 9.50
C ARG A 35 -4.38 6.24 9.00
N ASP A 36 -3.99 7.42 8.53
CA ASP A 36 -2.65 7.62 8.01
C ASP A 36 -1.65 6.83 8.87
N GLY A 37 -0.80 6.08 8.20
CA GLY A 37 0.20 5.28 8.88
C GLY A 37 -0.15 3.80 8.83
N ALA A 38 -1.44 3.53 8.71
CA ALA A 38 -1.92 2.16 8.64
C ALA A 38 -0.95 1.32 7.82
N LYS A 39 -0.41 0.30 8.46
CA LYS A 39 0.53 -0.59 7.80
C LYS A 39 -0.19 -1.35 6.68
N CYS A 40 0.58 -1.69 5.66
CA CYS A 40 0.04 -2.43 4.53
C CYS A 40 1.18 -3.20 3.85
N GLU A 41 0.80 -4.00 2.88
CA GLU A 41 1.78 -4.80 2.15
C GLU A 41 1.35 -4.96 0.69
N PHE A 42 2.32 -4.75 -0.20
CA PHE A 42 2.05 -4.87 -1.62
C PHE A 42 2.42 -6.27 -2.13
N ASP A 43 1.38 -7.05 -2.43
CA ASP A 43 1.57 -8.39 -2.92
C ASP A 43 1.94 -8.34 -4.41
N SER A 44 2.93 -9.15 -4.77
CA SER A 44 3.39 -9.21 -6.15
C SER A 44 2.75 -10.40 -6.86
N TYR A 45 2.11 -11.24 -6.07
CA TYR A 45 1.46 -12.42 -6.62
C TYR A 45 0.28 -12.03 -7.52
N LYS A 46 -0.06 -10.76 -7.47
CA LYS A 46 -1.16 -10.25 -8.28
C LYS A 46 -0.89 -8.78 -8.62
N GLY A 47 -0.67 -7.99 -7.58
CA GLY A 47 -0.41 -6.57 -7.78
C GLY A 47 -1.51 -5.72 -7.15
N LYS A 48 -2.05 -6.22 -6.04
CA LYS A 48 -3.12 -5.52 -5.35
C LYS A 48 -2.51 -4.52 -4.37
N CYS A 49 -3.29 -4.17 -3.36
CA CYS A 49 -2.85 -3.23 -2.35
C CYS A 49 -3.61 -3.52 -1.05
N TYR A 50 -3.08 -4.47 -0.29
CA TYR A 50 -3.70 -4.85 0.97
C TYR A 50 -3.60 -3.72 2.00
N CYS A 51 -4.54 -2.78 1.88
CA CYS A 51 -4.57 -1.64 2.79
C CYS A 51 -5.18 -2.10 4.11
N ALA A 1 6.70 -11.82 -2.83
CA ALA A 1 7.32 -10.54 -3.16
C ALA A 1 6.40 -9.41 -2.70
N THR A 2 5.95 -9.52 -1.46
CA THR A 2 5.08 -8.51 -0.89
C THR A 2 5.90 -7.32 -0.38
N TYR A 3 5.37 -6.13 -0.64
CA TYR A 3 6.04 -4.91 -0.21
C TYR A 3 5.26 -4.22 0.91
N ASN A 4 5.91 -4.11 2.06
CA ASN A 4 5.28 -3.49 3.22
C ASN A 4 5.58 -1.98 3.19
N GLY A 5 4.73 -1.23 3.87
CA GLY A 5 4.89 0.21 3.94
C GLY A 5 3.79 0.84 4.78
N LYS A 6 3.16 1.86 4.21
CA LYS A 6 2.09 2.56 4.90
C LYS A 6 1.00 2.94 3.90
N CYS A 7 -0.13 3.36 4.44
CA CYS A 7 -1.26 3.75 3.61
C CYS A 7 -1.91 4.99 4.23
N TYR A 8 -2.58 5.75 3.37
CA TYR A 8 -3.25 6.96 3.83
C TYR A 8 -4.76 6.86 3.61
N LYS A 9 -5.50 7.09 4.68
CA LYS A 9 -6.95 7.02 4.62
C LYS A 9 -7.47 8.15 3.72
N LYS A 10 -6.96 9.35 3.98
CA LYS A 10 -7.36 10.51 3.20
C LYS A 10 -7.19 10.20 1.72
N ASP A 11 -5.96 9.90 1.33
CA ASP A 11 -5.65 9.59 -0.05
C ASP A 11 -6.07 8.15 -0.35
N ASN A 12 -6.54 7.47 0.70
CA ASN A 12 -6.97 6.10 0.56
C ASN A 12 -6.06 5.37 -0.43
N ILE A 13 -4.78 5.35 -0.09
CA ILE A 13 -3.79 4.70 -0.95
C ILE A 13 -2.83 3.90 -0.08
N CYS A 14 -1.88 3.24 -0.74
CA CYS A 14 -0.90 2.43 -0.04
C CYS A 14 0.48 2.79 -0.59
N LYS A 15 1.29 3.38 0.29
CA LYS A 15 2.64 3.77 -0.09
C LYS A 15 3.62 2.67 0.31
N TYR A 16 4.37 2.20 -0.67
CA TYR A 16 5.34 1.15 -0.43
C TYR A 16 6.52 1.26 -1.41
N LYS A 17 7.52 0.42 -1.18
CA LYS A 17 8.70 0.42 -2.03
C LYS A 17 8.35 -0.20 -3.37
N ALA A 18 9.21 0.03 -4.35
CA ALA A 18 9.01 -0.49 -5.69
C ALA A 18 10.09 -1.54 -5.99
N GLN A 19 10.43 -2.30 -4.96
CA GLN A 19 11.44 -3.34 -5.10
C GLN A 19 12.82 -2.71 -5.36
N SER A 20 12.88 -1.96 -6.44
CA SER A 20 14.12 -1.29 -6.82
C SER A 20 14.75 -0.63 -5.59
N GLY A 21 13.89 -0.17 -4.70
CA GLY A 21 14.34 0.49 -3.49
C GLY A 21 13.80 1.91 -3.38
N LYS A 22 13.23 2.37 -4.50
CA LYS A 22 12.67 3.71 -4.56
C LYS A 22 11.35 3.74 -3.77
N THR A 23 10.27 3.94 -4.50
CA THR A 23 8.95 3.99 -3.89
C THR A 23 7.87 3.71 -4.93
N ALA A 24 6.67 3.43 -4.42
CA ALA A 24 5.54 3.13 -5.30
C ALA A 24 4.25 3.19 -4.49
N ILE A 25 3.32 3.99 -4.99
CA ILE A 25 2.03 4.14 -4.31
C ILE A 25 0.97 3.36 -5.08
N CYS A 26 0.13 2.66 -4.32
CA CYS A 26 -0.93 1.86 -4.92
C CYS A 26 -2.23 2.17 -4.16
N LYS A 27 -3.13 2.87 -4.86
CA LYS A 27 -4.41 3.23 -4.27
C LYS A 27 -4.93 2.06 -3.44
N CYS A 28 -5.76 2.39 -2.46
CA CYS A 28 -6.34 1.39 -1.59
C CYS A 28 -7.71 1.00 -2.13
N TYR A 29 -8.10 -0.24 -1.85
CA TYR A 29 -9.38 -0.74 -2.31
C TYR A 29 -10.49 -0.40 -1.32
N VAL A 30 -11.63 -1.05 -1.50
CA VAL A 30 -12.77 -0.82 -0.63
C VAL A 30 -12.28 -0.60 0.80
N LYS A 31 -11.50 -1.54 1.28
CA LYS A 31 -10.95 -1.46 2.62
C LYS A 31 -10.09 -0.20 2.74
N LYS A 32 -10.77 0.93 2.92
CA LYS A 32 -10.09 2.20 3.06
C LYS A 32 -9.05 2.11 4.18
N CYS A 33 -8.04 2.96 4.08
CA CYS A 33 -6.98 2.98 5.07
C CYS A 33 -7.58 3.46 6.40
N PRO A 34 -6.97 2.95 7.52
CA PRO A 34 -7.44 3.32 8.85
C PRO A 34 -7.00 4.75 9.20
N ARG A 35 -5.74 5.03 8.94
CA ARG A 35 -5.19 6.35 9.23
C ARG A 35 -3.77 6.46 8.67
N ASP A 36 -3.49 7.61 8.08
CA ASP A 36 -2.18 7.86 7.50
C ASP A 36 -1.12 7.14 8.33
N GLY A 37 -0.20 6.50 7.63
CA GLY A 37 0.87 5.77 8.28
C GLY A 37 0.52 4.29 8.43
N ALA A 38 -0.78 4.02 8.46
CA ALA A 38 -1.27 2.66 8.59
C ALA A 38 -0.40 1.73 7.74
N LYS A 39 0.19 0.75 8.41
CA LYS A 39 1.04 -0.21 7.74
C LYS A 39 0.19 -1.07 6.79
N CYS A 40 0.80 -1.45 5.67
CA CYS A 40 0.11 -2.26 4.69
C CYS A 40 1.16 -3.07 3.92
N GLU A 41 0.66 -3.87 2.99
CA GLU A 41 1.55 -4.70 2.17
C GLU A 41 0.95 -4.88 0.78
N PHE A 42 1.83 -4.83 -0.21
CA PHE A 42 1.40 -5.00 -1.59
C PHE A 42 1.76 -6.38 -2.12
N ASP A 43 0.73 -7.20 -2.28
CA ASP A 43 0.92 -8.56 -2.78
C ASP A 43 1.21 -8.51 -4.28
N SER A 44 2.24 -9.24 -4.67
CA SER A 44 2.64 -9.30 -6.07
C SER A 44 2.01 -10.53 -6.74
N TYR A 45 1.27 -11.28 -5.94
CA TYR A 45 0.62 -12.47 -6.45
C TYR A 45 -0.56 -12.11 -7.35
N LYS A 46 -0.95 -10.85 -7.29
CA LYS A 46 -2.06 -10.36 -8.09
C LYS A 46 -1.81 -8.90 -8.46
N GLY A 47 -1.74 -8.06 -7.44
CA GLY A 47 -1.51 -6.64 -7.64
C GLY A 47 -2.60 -5.80 -6.97
N LYS A 48 -2.98 -6.24 -5.77
CA LYS A 48 -4.00 -5.54 -5.01
C LYS A 48 -3.35 -4.71 -3.91
N CYS A 49 -4.16 -4.35 -2.93
CA CYS A 49 -3.67 -3.56 -1.81
C CYS A 49 -4.33 -4.08 -0.52
N TYR A 50 -3.67 -5.04 0.10
CA TYR A 50 -4.18 -5.63 1.32
C TYR A 50 -4.16 -4.61 2.47
N CYS A 51 -4.88 -3.52 2.25
CA CYS A 51 -4.96 -2.46 3.25
C CYS A 51 -6.15 -2.77 4.17
N ALA A 1 6.99 -11.80 -2.27
CA ALA A 1 7.60 -10.54 -2.66
C ALA A 1 6.69 -9.39 -2.26
N THR A 2 6.17 -9.48 -1.05
CA THR A 2 5.28 -8.45 -0.53
C THR A 2 6.07 -7.26 -0.02
N TYR A 3 5.50 -6.07 -0.20
CA TYR A 3 6.15 -4.85 0.25
C TYR A 3 5.31 -4.14 1.31
N ASN A 4 5.88 -4.04 2.50
CA ASN A 4 5.20 -3.38 3.60
C ASN A 4 5.47 -1.88 3.54
N GLY A 5 4.55 -1.12 4.14
CA GLY A 5 4.68 0.32 4.16
C GLY A 5 3.60 0.95 5.05
N LYS A 6 3.03 2.03 4.54
CA LYS A 6 1.99 2.74 5.28
C LYS A 6 0.95 3.28 4.29
N CYS A 7 -0.23 3.55 4.82
CA CYS A 7 -1.31 4.07 4.00
C CYS A 7 -1.93 5.27 4.72
N TYR A 8 -2.81 5.95 4.02
CA TYR A 8 -3.48 7.12 4.58
C TYR A 8 -4.96 7.14 4.20
N LYS A 9 -5.79 7.42 5.19
CA LYS A 9 -7.23 7.48 4.97
C LYS A 9 -7.54 8.49 3.86
N LYS A 10 -7.39 9.76 4.21
CA LYS A 10 -7.64 10.83 3.26
C LYS A 10 -7.14 10.40 1.87
N ASP A 11 -5.83 10.48 1.70
CA ASP A 11 -5.22 10.11 0.44
C ASP A 11 -5.71 8.72 0.04
N ASN A 12 -6.16 7.97 1.03
CA ASN A 12 -6.65 6.62 0.79
C ASN A 12 -5.73 5.91 -0.22
N ILE A 13 -4.48 5.77 0.18
CA ILE A 13 -3.50 5.11 -0.68
C ILE A 13 -2.62 4.20 0.18
N CYS A 14 -1.71 3.51 -0.50
CA CYS A 14 -0.80 2.60 0.17
C CYS A 14 0.62 2.92 -0.27
N LYS A 15 1.32 3.65 0.58
CA LYS A 15 2.70 4.03 0.28
C LYS A 15 3.65 3.01 0.91
N TYR A 16 4.66 2.64 0.14
CA TYR A 16 5.64 1.68 0.61
C TYR A 16 6.89 1.69 -0.29
N LYS A 17 7.80 0.79 0.02
CA LYS A 17 9.03 0.68 -0.75
C LYS A 17 9.00 -0.60 -1.58
N ALA A 18 8.90 -0.42 -2.88
CA ALA A 18 8.86 -1.55 -3.80
C ALA A 18 10.17 -2.34 -3.68
N GLN A 19 10.14 -3.55 -4.24
CA GLN A 19 11.31 -4.41 -4.21
C GLN A 19 12.52 -3.70 -4.81
N SER A 20 12.25 -2.92 -5.84
CA SER A 20 13.30 -2.18 -6.52
C SER A 20 13.11 -0.67 -6.30
N GLY A 21 12.08 -0.35 -5.53
CA GLY A 21 11.77 1.04 -5.24
C GLY A 21 11.10 1.72 -6.43
N LYS A 22 10.93 0.94 -7.49
CA LYS A 22 10.31 1.45 -8.70
C LYS A 22 8.89 1.95 -8.37
N THR A 23 8.23 1.19 -7.51
CA THR A 23 6.87 1.53 -7.11
C THR A 23 6.90 2.62 -6.03
N ALA A 24 5.72 2.98 -5.55
CA ALA A 24 5.60 3.99 -4.53
C ALA A 24 4.15 4.50 -4.48
N ILE A 25 3.50 4.21 -3.36
CA ILE A 25 2.11 4.64 -3.19
C ILE A 25 1.24 3.97 -4.26
N CYS A 26 0.06 3.55 -3.84
CA CYS A 26 -0.87 2.90 -4.75
C CYS A 26 -2.28 3.04 -4.17
N LYS A 27 -3.12 3.77 -4.89
CA LYS A 27 -4.48 3.98 -4.45
C LYS A 27 -5.00 2.72 -3.77
N CYS A 28 -5.69 2.91 -2.66
CA CYS A 28 -6.25 1.80 -1.91
C CYS A 28 -7.65 1.51 -2.44
N TYR A 29 -7.88 0.23 -2.71
CA TYR A 29 -9.18 -0.19 -3.23
C TYR A 29 -9.90 -1.09 -2.22
N VAL A 30 -11.18 -0.78 -2.02
CA VAL A 30 -11.99 -1.55 -1.08
C VAL A 30 -11.44 -1.38 0.33
N LYS A 31 -10.36 -2.11 0.59
CA LYS A 31 -9.72 -2.05 1.90
C LYS A 31 -9.06 -0.68 2.08
N LYS A 32 -9.91 0.34 2.13
CA LYS A 32 -9.43 1.70 2.30
C LYS A 32 -8.46 1.74 3.49
N CYS A 33 -7.72 2.85 3.56
CA CYS A 33 -6.76 3.02 4.63
C CYS A 33 -7.52 3.24 5.94
N PRO A 34 -7.05 2.55 7.00
CA PRO A 34 -7.68 2.66 8.31
C PRO A 34 -7.35 4.00 8.98
N ARG A 35 -6.12 4.45 8.74
CA ARG A 35 -5.66 5.70 9.30
C ARG A 35 -4.22 5.98 8.88
N ASP A 36 -3.93 7.26 8.69
CA ASP A 36 -2.60 7.66 8.28
C ASP A 36 -1.56 6.84 9.04
N GLY A 37 -0.55 6.39 8.32
CA GLY A 37 0.51 5.59 8.91
C GLY A 37 0.15 4.11 8.88
N ALA A 38 -1.15 3.83 8.82
CA ALA A 38 -1.63 2.46 8.79
C ALA A 38 -0.70 1.62 7.92
N LYS A 39 -0.15 0.59 8.53
CA LYS A 39 0.76 -0.30 7.82
C LYS A 39 -0.04 -1.13 6.80
N CYS A 40 0.62 -1.45 5.70
CA CYS A 40 0.00 -2.22 4.64
C CYS A 40 1.10 -2.96 3.88
N GLU A 41 0.67 -3.98 3.15
CA GLU A 41 1.60 -4.79 2.37
C GLU A 41 1.08 -4.96 0.94
N PHE A 42 1.99 -4.78 -0.01
CA PHE A 42 1.63 -4.92 -1.42
C PHE A 42 2.03 -6.30 -1.95
N ASP A 43 1.01 -7.09 -2.24
CA ASP A 43 1.23 -8.43 -2.76
C ASP A 43 1.61 -8.35 -4.24
N SER A 44 2.66 -9.09 -4.60
CA SER A 44 3.13 -9.11 -5.97
C SER A 44 2.51 -10.29 -6.72
N TYR A 45 1.90 -11.18 -5.95
CA TYR A 45 1.27 -12.36 -6.53
C TYR A 45 0.11 -11.96 -7.46
N LYS A 46 -0.25 -10.69 -7.39
CA LYS A 46 -1.34 -10.17 -8.20
C LYS A 46 -1.05 -8.72 -8.56
N GLY A 47 -0.84 -7.91 -7.53
CA GLY A 47 -0.55 -6.50 -7.72
C GLY A 47 -1.68 -5.63 -7.16
N LYS A 48 -2.15 -6.02 -5.98
CA LYS A 48 -3.23 -5.29 -5.34
C LYS A 48 -2.65 -4.46 -4.18
N CYS A 49 -3.52 -4.05 -3.28
CA CYS A 49 -3.12 -3.26 -2.14
C CYS A 49 -3.89 -3.76 -0.91
N TYR A 50 -3.25 -4.65 -0.18
CA TYR A 50 -3.85 -5.22 1.02
C TYR A 50 -3.78 -4.23 2.19
N CYS A 51 -4.24 -3.02 1.93
CA CYS A 51 -4.23 -1.97 2.94
C CYS A 51 -5.50 -2.12 3.80
N ALA A 1 7.13 -12.31 -2.13
CA ALA A 1 7.60 -11.10 -2.79
C ALA A 1 6.70 -9.93 -2.39
N THR A 2 6.12 -10.04 -1.22
CA THR A 2 5.24 -9.00 -0.71
C THR A 2 6.05 -7.89 -0.05
N TYR A 3 5.54 -6.67 -0.18
CA TYR A 3 6.21 -5.52 0.40
C TYR A 3 5.46 -5.02 1.65
N ASN A 4 6.03 -4.01 2.27
CA ASN A 4 5.44 -3.42 3.46
C ASN A 4 5.60 -1.91 3.42
N GLY A 5 4.66 -1.22 4.05
CA GLY A 5 4.68 0.23 4.10
C GLY A 5 3.52 0.78 4.94
N LYS A 6 2.99 1.89 4.49
CA LYS A 6 1.88 2.53 5.19
C LYS A 6 0.92 3.15 4.16
N CYS A 7 -0.35 3.12 4.50
CA CYS A 7 -1.38 3.67 3.63
C CYS A 7 -2.05 4.83 4.35
N TYR A 8 -2.58 5.76 3.56
CA TYR A 8 -3.26 6.93 4.12
C TYR A 8 -4.75 6.90 3.78
N LYS A 9 -5.55 7.28 4.75
CA LYS A 9 -6.99 7.31 4.58
C LYS A 9 -7.38 8.57 3.80
N LYS A 10 -6.81 9.69 4.24
CA LYS A 10 -7.09 10.96 3.58
C LYS A 10 -6.83 10.83 2.08
N ASP A 11 -5.76 10.12 1.76
CA ASP A 11 -5.38 9.91 0.37
C ASP A 11 -5.80 8.51 -0.06
N ASN A 12 -6.30 7.75 0.91
CA ASN A 12 -6.74 6.39 0.63
C ASN A 12 -5.78 5.73 -0.35
N ILE A 13 -4.49 5.80 -0.02
CA ILE A 13 -3.47 5.21 -0.86
C ILE A 13 -2.48 4.44 0.01
N CYS A 14 -1.84 3.45 -0.61
CA CYS A 14 -0.87 2.64 0.10
C CYS A 14 0.53 3.11 -0.30
N LYS A 15 1.20 3.75 0.65
CA LYS A 15 2.53 4.26 0.41
C LYS A 15 3.56 3.23 0.90
N TYR A 16 4.51 2.92 0.03
CA TYR A 16 5.55 1.96 0.36
C TYR A 16 6.71 2.05 -0.63
N LYS A 17 7.86 1.56 -0.18
CA LYS A 17 9.05 1.58 -1.01
C LYS A 17 8.77 0.84 -2.32
N ALA A 18 9.26 -0.38 -2.39
CA ALA A 18 9.07 -1.19 -3.59
C ALA A 18 10.18 -2.25 -3.67
N GLN A 19 9.89 -3.30 -4.42
CA GLN A 19 10.85 -4.38 -4.58
C GLN A 19 12.19 -3.83 -5.05
N SER A 20 12.14 -2.62 -5.60
CA SER A 20 13.36 -1.98 -6.09
C SER A 20 13.28 -0.47 -5.82
N GLY A 21 12.39 -0.10 -4.92
CA GLY A 21 12.20 1.30 -4.58
C GLY A 21 11.79 2.12 -5.81
N LYS A 22 11.19 1.43 -6.77
CA LYS A 22 10.74 2.08 -7.98
C LYS A 22 9.30 2.56 -7.80
N THR A 23 8.49 1.70 -7.20
CA THR A 23 7.09 2.03 -6.96
C THR A 23 6.98 3.13 -5.90
N ALA A 24 5.74 3.45 -5.56
CA ALA A 24 5.49 4.47 -4.57
C ALA A 24 3.99 4.80 -4.56
N ILE A 25 3.39 4.64 -3.39
CA ILE A 25 1.97 4.91 -3.23
C ILE A 25 1.17 3.98 -4.15
N CYS A 26 0.03 3.53 -3.64
CA CYS A 26 -0.83 2.65 -4.40
C CYS A 26 -2.25 2.76 -3.85
N LYS A 27 -3.08 3.47 -4.59
CA LYS A 27 -4.46 3.67 -4.20
C LYS A 27 -4.97 2.39 -3.53
N CYS A 28 -5.93 2.58 -2.61
CA CYS A 28 -6.50 1.45 -1.90
C CYS A 28 -7.78 1.02 -2.63
N TYR A 29 -7.64 -0.04 -3.42
CA TYR A 29 -8.75 -0.57 -4.17
C TYR A 29 -9.49 -1.66 -3.39
N VAL A 30 -9.16 -1.74 -2.10
CA VAL A 30 -9.77 -2.73 -1.24
C VAL A 30 -10.60 -2.02 -0.17
N LYS A 31 -10.06 -2.00 1.04
CA LYS A 31 -10.73 -1.35 2.15
C LYS A 31 -10.02 -0.04 2.49
N LYS A 32 -10.80 1.03 2.48
CA LYS A 32 -10.26 2.36 2.77
C LYS A 32 -9.25 2.24 3.91
N CYS A 33 -8.25 3.11 3.88
CA CYS A 33 -7.22 3.11 4.89
C CYS A 33 -7.84 3.62 6.20
N PRO A 34 -7.30 3.09 7.33
CA PRO A 34 -7.79 3.47 8.64
C PRO A 34 -7.30 4.87 9.03
N ARG A 35 -5.99 5.06 8.88
CA ARG A 35 -5.39 6.33 9.21
C ARG A 35 -3.94 6.37 8.73
N ASP A 36 -3.54 7.54 8.24
CA ASP A 36 -2.19 7.73 7.74
C ASP A 36 -1.21 6.95 8.62
N GLY A 37 -0.43 6.09 7.99
CA GLY A 37 0.55 5.30 8.70
C GLY A 37 0.13 3.83 8.74
N ALA A 38 -1.17 3.61 8.60
CA ALA A 38 -1.71 2.25 8.62
C ALA A 38 -0.80 1.34 7.79
N LYS A 39 -0.22 0.36 8.47
CA LYS A 39 0.68 -0.59 7.81
C LYS A 39 -0.08 -1.29 6.70
N CYS A 40 0.66 -1.66 5.66
CA CYS A 40 0.07 -2.35 4.52
C CYS A 40 1.19 -3.08 3.77
N GLU A 41 0.78 -4.04 2.95
CA GLU A 41 1.73 -4.81 2.18
C GLU A 41 1.21 -5.02 0.75
N PHE A 42 2.12 -4.88 -0.21
CA PHE A 42 1.76 -5.05 -1.60
C PHE A 42 2.12 -6.45 -2.10
N ASP A 43 1.10 -7.18 -2.51
CA ASP A 43 1.29 -8.54 -2.99
C ASP A 43 1.66 -8.49 -4.48
N SER A 44 2.67 -9.28 -4.83
CA SER A 44 3.13 -9.34 -6.20
C SER A 44 2.48 -10.52 -6.94
N TYR A 45 1.47 -11.08 -6.29
CA TYR A 45 0.76 -12.21 -6.86
C TYR A 45 -0.35 -11.74 -7.80
N LYS A 46 -0.95 -10.61 -7.44
CA LYS A 46 -2.02 -10.04 -8.24
C LYS A 46 -1.75 -8.55 -8.46
N GLY A 47 -1.38 -7.89 -7.37
CA GLY A 47 -1.09 -6.46 -7.44
C GLY A 47 -2.09 -5.66 -6.59
N LYS A 48 -2.74 -6.37 -5.69
CA LYS A 48 -3.73 -5.75 -4.81
C LYS A 48 -3.00 -4.81 -3.84
N CYS A 49 -3.75 -4.36 -2.83
CA CYS A 49 -3.20 -3.47 -1.84
C CYS A 49 -3.83 -3.81 -0.48
N TYR A 50 -3.17 -4.72 0.22
CA TYR A 50 -3.65 -5.15 1.52
C TYR A 50 -3.56 -4.02 2.54
N CYS A 51 -4.41 -3.01 2.33
CA CYS A 51 -4.43 -1.86 3.22
C CYS A 51 -5.20 -2.25 4.48
N ALA A 1 7.40 -12.27 -1.36
CA ALA A 1 7.80 -11.11 -2.15
C ALA A 1 6.77 -9.99 -1.96
N THR A 2 6.29 -9.86 -0.74
CA THR A 2 5.32 -8.84 -0.41
C THR A 2 6.00 -7.60 0.16
N TYR A 3 5.78 -6.47 -0.51
CA TYR A 3 6.37 -5.22 -0.06
C TYR A 3 5.52 -4.56 1.03
N ASN A 4 6.14 -4.33 2.16
CA ASN A 4 5.46 -3.71 3.28
C ASN A 4 5.49 -2.19 3.12
N GLY A 5 4.58 -1.53 3.82
CA GLY A 5 4.49 -0.09 3.76
C GLY A 5 3.36 0.43 4.64
N LYS A 6 2.85 1.61 4.29
CA LYS A 6 1.77 2.22 5.04
C LYS A 6 0.76 2.83 4.07
N CYS A 7 -0.46 3.00 4.55
CA CYS A 7 -1.52 3.56 3.75
C CYS A 7 -2.16 4.72 4.52
N TYR A 8 -2.69 5.67 3.77
CA TYR A 8 -3.33 6.82 4.39
C TYR A 8 -4.82 6.86 4.07
N LYS A 9 -5.59 7.35 5.03
CA LYS A 9 -7.04 7.44 4.86
C LYS A 9 -7.38 8.72 4.11
N LYS A 10 -6.75 9.81 4.54
CA LYS A 10 -6.98 11.10 3.92
C LYS A 10 -6.63 11.02 2.43
N ASP A 11 -5.75 10.08 2.11
CA ASP A 11 -5.33 9.89 0.73
C ASP A 11 -5.82 8.52 0.25
N ASN A 12 -6.30 7.72 1.19
CA ASN A 12 -6.80 6.39 0.86
C ASN A 12 -5.90 5.76 -0.19
N ILE A 13 -4.62 5.68 0.14
CA ILE A 13 -3.65 5.11 -0.78
C ILE A 13 -2.74 4.14 -0.01
N CYS A 14 -1.91 3.43 -0.75
CA CYS A 14 -1.00 2.47 -0.15
C CYS A 14 0.42 2.81 -0.61
N LYS A 15 1.17 3.42 0.30
CA LYS A 15 2.54 3.80 0.00
C LYS A 15 3.49 2.72 0.54
N TYR A 16 4.48 2.39 -0.29
CA TYR A 16 5.45 1.38 0.08
C TYR A 16 6.60 1.33 -0.94
N LYS A 17 7.61 0.55 -0.59
CA LYS A 17 8.77 0.40 -1.47
C LYS A 17 8.61 -0.87 -2.31
N ALA A 18 8.89 -0.72 -3.60
CA ALA A 18 8.79 -1.84 -4.51
C ALA A 18 10.13 -2.56 -4.59
N GLN A 19 10.79 -2.64 -3.44
CA GLN A 19 12.08 -3.30 -3.36
C GLN A 19 13.13 -2.51 -4.15
N SER A 20 12.87 -2.35 -5.43
CA SER A 20 13.77 -1.62 -6.30
C SER A 20 13.39 -0.15 -6.33
N GLY A 21 12.43 0.21 -5.48
CA GLY A 21 11.97 1.58 -5.40
C GLY A 21 11.09 1.94 -6.59
N LYS A 22 10.90 0.96 -7.47
CA LYS A 22 10.08 1.15 -8.66
C LYS A 22 8.72 1.72 -8.24
N THR A 23 7.82 0.81 -7.89
CA THR A 23 6.48 1.21 -7.47
C THR A 23 6.56 2.30 -6.40
N ALA A 24 5.39 2.71 -5.95
CA ALA A 24 5.31 3.74 -4.92
C ALA A 24 3.88 4.28 -4.87
N ILE A 25 3.27 4.14 -3.69
CA ILE A 25 1.91 4.61 -3.50
C ILE A 25 0.98 3.87 -4.45
N CYS A 26 -0.15 3.44 -3.91
CA CYS A 26 -1.14 2.72 -4.70
C CYS A 26 -2.51 2.89 -4.03
N LYS A 27 -3.37 3.64 -4.72
CA LYS A 27 -4.71 3.88 -4.21
C LYS A 27 -5.17 2.67 -3.38
N CYS A 28 -5.89 2.96 -2.32
CA CYS A 28 -6.40 1.90 -1.45
C CYS A 28 -7.63 1.27 -2.12
N TYR A 29 -7.35 0.33 -3.00
CA TYR A 29 -8.42 -0.36 -3.72
C TYR A 29 -9.36 -1.06 -2.74
N VAL A 30 -10.61 -0.62 -2.77
CA VAL A 30 -11.63 -1.19 -1.90
C VAL A 30 -11.32 -0.82 -0.45
N LYS A 31 -12.38 -0.63 0.32
CA LYS A 31 -12.24 -0.26 1.72
C LYS A 31 -11.56 1.10 1.82
N LYS A 32 -11.32 1.52 3.05
CA LYS A 32 -10.68 2.79 3.30
C LYS A 32 -9.67 2.65 4.44
N CYS A 33 -8.59 3.41 4.33
CA CYS A 33 -7.54 3.37 5.34
C CYS A 33 -8.13 3.83 6.67
N PRO A 34 -7.66 3.19 7.77
CA PRO A 34 -8.14 3.52 9.10
C PRO A 34 -7.53 4.85 9.58
N ARG A 35 -6.24 4.98 9.38
CA ARG A 35 -5.53 6.20 9.78
C ARG A 35 -4.12 6.20 9.19
N ASP A 36 -3.71 7.38 8.73
CA ASP A 36 -2.39 7.54 8.14
C ASP A 36 -1.38 6.72 8.93
N GLY A 37 -0.68 5.86 8.22
CA GLY A 37 0.32 5.01 8.84
C GLY A 37 -0.09 3.54 8.79
N ALA A 38 -1.39 3.33 8.69
CA ALA A 38 -1.93 1.99 8.62
C ALA A 38 -1.00 1.11 7.78
N LYS A 39 -0.51 0.04 8.39
CA LYS A 39 0.39 -0.88 7.71
C LYS A 39 -0.34 -1.48 6.50
N CYS A 40 0.46 -1.86 5.51
CA CYS A 40 -0.10 -2.45 4.30
C CYS A 40 0.99 -3.31 3.66
N GLU A 41 0.60 -4.00 2.59
CA GLU A 41 1.53 -4.85 1.87
C GLU A 41 1.05 -5.06 0.43
N PHE A 42 1.99 -4.90 -0.49
CA PHE A 42 1.68 -5.06 -1.90
C PHE A 42 2.13 -6.43 -2.41
N ASP A 43 1.20 -7.38 -2.39
CA ASP A 43 1.49 -8.73 -2.84
C ASP A 43 2.02 -8.67 -4.28
N SER A 44 3.26 -9.09 -4.44
CA SER A 44 3.88 -9.11 -5.75
C SER A 44 3.34 -10.26 -6.59
N TYR A 45 2.44 -11.03 -5.96
CA TYR A 45 1.84 -12.15 -6.64
C TYR A 45 0.70 -11.71 -7.57
N LYS A 46 0.18 -10.52 -7.28
CA LYS A 46 -0.90 -9.97 -8.07
C LYS A 46 -0.67 -8.46 -8.25
N GLY A 47 -0.37 -7.81 -7.14
CA GLY A 47 -0.13 -6.37 -7.16
C GLY A 47 -1.28 -5.63 -6.50
N LYS A 48 -1.63 -6.07 -5.29
CA LYS A 48 -2.70 -5.45 -4.54
C LYS A 48 -2.16 -4.22 -3.80
N CYS A 49 -2.01 -4.39 -2.49
CA CYS A 49 -1.50 -3.31 -1.66
C CYS A 49 -1.94 -3.57 -0.22
N TYR A 50 -3.03 -4.31 -0.09
CA TYR A 50 -3.57 -4.64 1.22
C TYR A 50 -3.41 -3.45 2.19
N CYS A 51 -4.44 -2.62 2.21
CA CYS A 51 -4.44 -1.46 3.08
C CYS A 51 -4.79 -1.92 4.50
N ALA A 1 6.21 -12.63 -1.89
CA ALA A 1 7.00 -11.46 -2.22
C ALA A 1 6.18 -10.19 -1.96
N THR A 2 5.51 -10.18 -0.82
CA THR A 2 4.69 -9.05 -0.45
C THR A 2 5.53 -7.98 0.24
N TYR A 3 5.24 -6.73 -0.12
CA TYR A 3 5.97 -5.61 0.45
C TYR A 3 5.31 -5.13 1.74
N ASN A 4 5.86 -4.05 2.29
CA ASN A 4 5.34 -3.48 3.52
C ASN A 4 5.57 -1.97 3.51
N GLY A 5 4.57 -1.24 4.01
CA GLY A 5 4.65 0.20 4.06
C GLY A 5 3.50 0.78 4.89
N LYS A 6 3.00 1.92 4.44
CA LYS A 6 1.90 2.59 5.12
C LYS A 6 0.87 3.05 4.09
N CYS A 7 -0.34 3.27 4.58
CA CYS A 7 -1.42 3.72 3.72
C CYS A 7 -2.11 4.90 4.39
N TYR A 8 -2.70 5.76 3.57
CA TYR A 8 -3.40 6.93 4.08
C TYR A 8 -4.88 6.86 3.75
N LYS A 9 -5.69 7.26 4.73
CA LYS A 9 -7.13 7.24 4.56
C LYS A 9 -7.57 8.48 3.77
N LYS A 10 -7.04 9.62 4.18
CA LYS A 10 -7.36 10.88 3.52
C LYS A 10 -6.99 10.77 2.04
N ASP A 11 -5.99 9.95 1.77
CA ASP A 11 -5.52 9.76 0.40
C ASP A 11 -5.95 8.37 -0.08
N ASN A 12 -6.42 7.57 0.86
CA ASN A 12 -6.86 6.22 0.55
C ASN A 12 -5.86 5.58 -0.41
N ILE A 13 -4.60 5.58 0.01
CA ILE A 13 -3.55 4.99 -0.81
C ILE A 13 -2.61 4.18 0.09
N CYS A 14 -1.73 3.42 -0.56
CA CYS A 14 -0.79 2.60 0.16
C CYS A 14 0.62 2.93 -0.35
N LYS A 15 1.34 3.69 0.48
CA LYS A 15 2.70 4.08 0.12
C LYS A 15 3.69 3.11 0.77
N TYR A 16 4.60 2.61 -0.05
CA TYR A 16 5.60 1.67 0.44
C TYR A 16 6.85 1.71 -0.45
N LYS A 17 7.83 0.89 -0.07
CA LYS A 17 9.07 0.83 -0.83
C LYS A 17 9.12 -0.48 -1.63
N ALA A 18 8.78 -0.36 -2.90
CA ALA A 18 8.78 -1.51 -3.79
C ALA A 18 10.08 -2.29 -3.61
N GLN A 19 10.07 -3.52 -4.09
CA GLN A 19 11.24 -4.38 -4.00
C GLN A 19 12.45 -3.70 -4.65
N SER A 20 12.16 -2.94 -5.70
CA SER A 20 13.20 -2.24 -6.42
C SER A 20 13.01 -0.72 -6.28
N GLY A 21 11.99 -0.36 -5.53
CA GLY A 21 11.69 1.05 -5.31
C GLY A 21 11.03 1.67 -6.54
N LYS A 22 10.85 0.83 -7.56
CA LYS A 22 10.23 1.29 -8.79
C LYS A 22 8.81 1.79 -8.49
N THR A 23 8.13 1.06 -7.62
CA THR A 23 6.77 1.43 -7.25
C THR A 23 6.79 2.55 -6.21
N ALA A 24 5.60 2.89 -5.73
CA ALA A 24 5.46 3.94 -4.75
C ALA A 24 4.00 4.40 -4.68
N ILE A 25 3.39 4.15 -3.54
CA ILE A 25 1.99 4.53 -3.35
C ILE A 25 1.12 3.81 -4.37
N CYS A 26 0.00 3.28 -3.90
CA CYS A 26 -0.92 2.58 -4.76
C CYS A 26 -2.33 2.69 -4.16
N LYS A 27 -3.12 3.54 -4.78
CA LYS A 27 -4.50 3.75 -4.32
C LYS A 27 -5.07 2.43 -3.83
N CYS A 28 -5.79 2.51 -2.71
CA CYS A 28 -6.40 1.33 -2.13
C CYS A 28 -7.77 1.11 -2.79
N TYR A 29 -7.94 -0.07 -3.35
CA TYR A 29 -9.19 -0.41 -4.00
C TYR A 29 -9.95 -1.50 -3.24
N VAL A 30 -9.49 -1.73 -2.01
CA VAL A 30 -10.10 -2.74 -1.17
C VAL A 30 -10.65 -2.08 0.10
N LYS A 31 -9.93 -2.28 1.20
CA LYS A 31 -10.33 -1.71 2.47
C LYS A 31 -9.62 -0.37 2.67
N LYS A 32 -10.34 0.71 2.37
CA LYS A 32 -9.79 2.04 2.50
C LYS A 32 -8.89 2.09 3.74
N CYS A 33 -7.88 2.94 3.67
CA CYS A 33 -6.94 3.09 4.76
C CYS A 33 -7.71 3.57 5.99
N PRO A 34 -7.34 2.99 7.16
CA PRO A 34 -7.98 3.35 8.41
C PRO A 34 -7.53 4.73 8.90
N ARG A 35 -6.22 4.92 8.86
CA ARG A 35 -5.64 6.18 9.29
C ARG A 35 -4.19 6.30 8.79
N ASP A 36 -3.87 7.49 8.31
CA ASP A 36 -2.53 7.75 7.80
C ASP A 36 -1.51 6.99 8.65
N GLY A 37 -0.63 6.27 7.97
CA GLY A 37 0.40 5.50 8.66
C GLY A 37 0.04 4.01 8.68
N ALA A 38 -1.25 3.74 8.61
CA ALA A 38 -1.73 2.37 8.62
C ALA A 38 -0.81 1.51 7.76
N LYS A 39 -0.29 0.46 8.38
CA LYS A 39 0.60 -0.46 7.69
C LYS A 39 -0.19 -1.23 6.63
N CYS A 40 0.52 -1.60 5.57
CA CYS A 40 -0.10 -2.34 4.48
C CYS A 40 0.96 -3.23 3.84
N GLU A 41 0.55 -3.93 2.79
CA GLU A 41 1.45 -4.82 2.09
C GLU A 41 1.01 -4.99 0.63
N PHE A 42 1.92 -4.66 -0.27
CA PHE A 42 1.63 -4.76 -1.69
C PHE A 42 2.06 -6.13 -2.23
N ASP A 43 1.07 -6.86 -2.73
CA ASP A 43 1.32 -8.18 -3.28
C ASP A 43 1.97 -8.04 -4.67
N SER A 44 3.11 -8.68 -4.81
CA SER A 44 3.84 -8.64 -6.08
C SER A 44 3.17 -9.56 -7.10
N TYR A 45 2.08 -10.17 -6.66
CA TYR A 45 1.34 -11.07 -7.53
C TYR A 45 0.19 -10.34 -8.23
N LYS A 46 -0.48 -9.49 -7.46
CA LYS A 46 -1.60 -8.73 -8.00
C LYS A 46 -1.26 -7.24 -7.95
N GLY A 47 -0.63 -6.85 -6.85
CA GLY A 47 -0.25 -5.45 -6.66
C GLY A 47 -1.41 -4.63 -6.11
N LYS A 48 -1.84 -5.01 -4.90
CA LYS A 48 -2.94 -4.32 -4.25
C LYS A 48 -2.38 -3.36 -3.21
N CYS A 49 -2.19 -3.87 -2.00
CA CYS A 49 -1.67 -3.07 -0.91
C CYS A 49 -2.09 -3.72 0.41
N TYR A 50 -3.15 -4.49 0.33
CA TYR A 50 -3.66 -5.18 1.51
C TYR A 50 -3.55 -4.30 2.75
N CYS A 51 -4.46 -3.33 2.84
CA CYS A 51 -4.48 -2.42 3.96
C CYS A 51 -5.39 -2.98 5.04
N ALA A 1 7.08 -11.93 -1.63
CA ALA A 1 7.47 -10.82 -2.48
C ALA A 1 6.65 -9.58 -2.10
N THR A 2 5.71 -9.78 -1.19
CA THR A 2 4.86 -8.70 -0.73
C THR A 2 5.71 -7.55 -0.19
N TYR A 3 5.40 -6.35 -0.66
CA TYR A 3 6.12 -5.16 -0.23
C TYR A 3 5.41 -4.49 0.94
N ASN A 4 6.11 -4.45 2.07
CA ASN A 4 5.56 -3.83 3.26
C ASN A 4 5.61 -2.31 3.13
N GLY A 5 4.72 -1.65 3.85
CA GLY A 5 4.65 -0.19 3.81
C GLY A 5 3.48 0.33 4.64
N LYS A 6 2.96 1.47 4.21
CA LYS A 6 1.83 2.09 4.90
C LYS A 6 0.89 2.72 3.88
N CYS A 7 -0.33 2.95 4.31
CA CYS A 7 -1.33 3.56 3.44
C CYS A 7 -1.94 4.75 4.17
N TYR A 8 -2.49 5.67 3.38
CA TYR A 8 -3.11 6.86 3.94
C TYR A 8 -4.60 6.90 3.62
N LYS A 9 -5.36 7.49 4.53
CA LYS A 9 -6.80 7.59 4.36
C LYS A 9 -7.11 8.85 3.53
N LYS A 10 -6.53 9.97 3.96
CA LYS A 10 -6.75 11.22 3.26
C LYS A 10 -6.41 11.05 1.78
N ASP A 11 -5.44 10.17 1.52
CA ASP A 11 -5.02 9.91 0.16
C ASP A 11 -5.55 8.53 -0.28
N ASN A 12 -5.96 7.75 0.71
CA ASN A 12 -6.49 6.43 0.44
C ASN A 12 -5.59 5.72 -0.57
N ILE A 13 -4.31 5.66 -0.23
CA ILE A 13 -3.34 5.01 -1.10
C ILE A 13 -2.27 4.33 -0.23
N CYS A 14 -1.79 3.21 -0.74
CA CYS A 14 -0.78 2.44 -0.03
C CYS A 14 0.60 2.87 -0.55
N LYS A 15 1.35 3.52 0.33
CA LYS A 15 2.67 3.99 -0.02
C LYS A 15 3.72 2.99 0.48
N TYR A 16 4.27 2.24 -0.47
CA TYR A 16 5.27 1.25 -0.14
C TYR A 16 6.46 1.32 -1.11
N LYS A 17 7.33 0.33 -1.01
CA LYS A 17 8.50 0.27 -1.87
C LYS A 17 8.10 -0.30 -3.23
N ALA A 18 8.88 0.07 -4.23
CA ALA A 18 8.62 -0.39 -5.60
C ALA A 18 9.72 -1.37 -6.01
N GLN A 19 10.13 -2.19 -5.07
CA GLN A 19 11.17 -3.17 -5.33
C GLN A 19 12.51 -2.47 -5.58
N SER A 20 12.52 -1.63 -6.59
CA SER A 20 13.73 -0.89 -6.93
C SER A 20 14.32 -0.24 -5.68
N GLY A 21 13.44 0.09 -4.75
CA GLY A 21 13.86 0.70 -3.50
C GLY A 21 13.22 2.08 -3.34
N LYS A 22 12.66 2.58 -4.42
CA LYS A 22 12.01 3.88 -4.41
C LYS A 22 10.71 3.79 -3.61
N THR A 23 9.60 3.93 -4.32
CA THR A 23 8.30 3.86 -3.69
C THR A 23 7.21 3.57 -4.73
N ALA A 24 6.17 2.90 -4.29
CA ALA A 24 5.07 2.54 -5.16
C ALA A 24 3.74 2.84 -4.45
N ILE A 25 2.82 3.41 -5.22
CA ILE A 25 1.51 3.75 -4.67
C ILE A 25 0.45 2.85 -5.32
N CYS A 26 -0.52 2.46 -4.50
CA CYS A 26 -1.60 1.61 -4.98
C CYS A 26 -2.86 1.94 -4.18
N LYS A 27 -3.79 2.62 -4.84
CA LYS A 27 -5.04 2.99 -4.21
C LYS A 27 -5.52 1.85 -3.31
N CYS A 28 -6.17 2.23 -2.22
CA CYS A 28 -6.69 1.25 -1.28
C CYS A 28 -7.97 0.67 -1.85
N TYR A 29 -7.95 -0.64 -2.05
CA TYR A 29 -9.12 -1.34 -2.59
C TYR A 29 -9.92 -2.02 -1.48
N VAL A 30 -9.58 -1.65 -0.25
CA VAL A 30 -10.26 -2.22 0.91
C VAL A 30 -11.33 -1.24 1.39
N LYS A 31 -11.44 -1.13 2.70
CA LYS A 31 -12.41 -0.24 3.31
C LYS A 31 -11.75 1.11 3.63
N LYS A 32 -11.02 1.61 2.65
CA LYS A 32 -10.32 2.88 2.81
C LYS A 32 -9.36 2.78 4.00
N CYS A 33 -8.23 3.45 3.86
CA CYS A 33 -7.22 3.45 4.91
C CYS A 33 -7.84 4.04 6.17
N PRO A 34 -7.47 3.44 7.34
CA PRO A 34 -7.98 3.90 8.62
C PRO A 34 -7.31 5.22 9.04
N ARG A 35 -6.05 5.34 8.66
CA ARG A 35 -5.29 6.53 8.99
C ARG A 35 -3.87 6.43 8.43
N ASP A 36 -3.29 7.59 8.15
CA ASP A 36 -1.94 7.64 7.60
C ASP A 36 -1.00 6.85 8.51
N GLY A 37 -0.26 5.95 7.90
CA GLY A 37 0.68 5.13 8.64
C GLY A 37 0.24 3.67 8.67
N ALA A 38 -1.06 3.48 8.48
CA ALA A 38 -1.63 2.13 8.48
C ALA A 38 -0.74 1.22 7.64
N LYS A 39 -0.15 0.24 8.31
CA LYS A 39 0.72 -0.71 7.64
C LYS A 39 -0.09 -1.49 6.60
N CYS A 40 0.60 -1.91 5.55
CA CYS A 40 -0.04 -2.65 4.49
C CYS A 40 1.05 -3.31 3.64
N GLU A 41 0.65 -4.33 2.89
CA GLU A 41 1.58 -5.05 2.03
C GLU A 41 1.01 -5.17 0.63
N PHE A 42 1.90 -5.04 -0.35
CA PHE A 42 1.50 -5.13 -1.75
C PHE A 42 1.82 -6.51 -2.32
N ASP A 43 0.77 -7.29 -2.54
CA ASP A 43 0.93 -8.63 -3.08
C ASP A 43 1.38 -8.53 -4.53
N SER A 44 2.65 -8.85 -4.75
CA SER A 44 3.23 -8.81 -6.08
C SER A 44 2.77 -10.02 -6.88
N TYR A 45 1.96 -10.86 -6.24
CA TYR A 45 1.45 -12.05 -6.88
C TYR A 45 0.32 -11.71 -7.85
N LYS A 46 -0.46 -10.71 -7.48
CA LYS A 46 -1.58 -10.28 -8.31
C LYS A 46 -1.47 -8.77 -8.55
N GLY A 47 -1.19 -8.05 -7.47
CA GLY A 47 -1.06 -6.60 -7.56
C GLY A 47 -2.24 -5.91 -6.91
N LYS A 48 -2.75 -6.54 -5.85
CA LYS A 48 -3.89 -5.99 -5.13
C LYS A 48 -3.44 -4.76 -4.34
N CYS A 49 -3.54 -4.86 -3.03
CA CYS A 49 -3.16 -3.78 -2.15
C CYS A 49 -3.86 -3.95 -0.81
N TYR A 50 -3.24 -4.76 0.05
CA TYR A 50 -3.79 -5.02 1.36
C TYR A 50 -3.75 -3.77 2.23
N CYS A 51 -4.43 -2.74 1.76
CA CYS A 51 -4.48 -1.47 2.49
C CYS A 51 -5.56 -1.59 3.56
#